data_1BHH
# 
_entry.id   1BHH 
# 
_audit_conform.dict_name       mmcif_pdbx.dic 
_audit_conform.dict_version    5.385 
_audit_conform.dict_location   http://mmcif.pdb.org/dictionaries/ascii/mmcif_pdbx.dic 
# 
loop_
_database_2.database_id 
_database_2.database_code 
_database_2.pdbx_database_accession 
_database_2.pdbx_DOI 
PDB   1BHH         pdb_00001bhh 10.2210/pdb1bhh/pdb 
WWPDB D_1000171763 ?            ?                   
# 
loop_
_pdbx_audit_revision_history.ordinal 
_pdbx_audit_revision_history.data_content_type 
_pdbx_audit_revision_history.major_revision 
_pdbx_audit_revision_history.minor_revision 
_pdbx_audit_revision_history.revision_date 
1 'Structure model' 1 0 1998-10-21 
2 'Structure model' 1 1 2008-03-24 
3 'Structure model' 1 2 2011-07-13 
4 'Structure model' 1 3 2024-02-07 
# 
_pdbx_audit_revision_details.ordinal             1 
_pdbx_audit_revision_details.revision_ordinal    1 
_pdbx_audit_revision_details.data_content_type   'Structure model' 
_pdbx_audit_revision_details.provider            repository 
_pdbx_audit_revision_details.type                'Initial release' 
_pdbx_audit_revision_details.description         ? 
_pdbx_audit_revision_details.details             ? 
# 
loop_
_pdbx_audit_revision_group.ordinal 
_pdbx_audit_revision_group.revision_ordinal 
_pdbx_audit_revision_group.data_content_type 
_pdbx_audit_revision_group.group 
1 2 'Structure model' 'Version format compliance' 
2 3 'Structure model' 'Version format compliance' 
3 4 'Structure model' 'Data collection'           
4 4 'Structure model' 'Database references'       
5 4 'Structure model' Other                       
# 
loop_
_pdbx_audit_revision_category.ordinal 
_pdbx_audit_revision_category.revision_ordinal 
_pdbx_audit_revision_category.data_content_type 
_pdbx_audit_revision_category.category 
1 4 'Structure model' chem_comp_atom       
2 4 'Structure model' chem_comp_bond       
3 4 'Structure model' database_2           
4 4 'Structure model' pdbx_database_status 
# 
loop_
_pdbx_audit_revision_item.ordinal 
_pdbx_audit_revision_item.revision_ordinal 
_pdbx_audit_revision_item.data_content_type 
_pdbx_audit_revision_item.item 
1 4 'Structure model' '_database_2.pdbx_DOI'                
2 4 'Structure model' '_database_2.pdbx_database_accession' 
3 4 'Structure model' '_pdbx_database_status.process_site'  
# 
_pdbx_database_status.status_code                     REL 
_pdbx_database_status.entry_id                        1BHH 
_pdbx_database_status.recvd_initial_deposition_date   1998-06-08 
_pdbx_database_status.deposit_site                    ? 
_pdbx_database_status.process_site                    BNL 
_pdbx_database_status.SG_entry                        . 
_pdbx_database_status.pdb_format_compatible           Y 
_pdbx_database_status.status_code_mr                  ? 
_pdbx_database_status.status_code_sf                  ? 
_pdbx_database_status.status_code_cs                  ? 
_pdbx_database_status.status_code_nmr_data            ? 
_pdbx_database_status.methods_development_category    ? 
# 
loop_
_audit_author.name 
_audit_author.pdbx_ordinal 
'Tong, L.'          1 
'Warren, T.C.'      2 
'Lukas, S.'         3 
'Schembri-King, J.' 4 
'Betageri, R.'      5 
'Proudfoot, J.R.'   6 
'Jakes, S.'         7 
# 
_citation.id                        primary 
_citation.title                     'Carboxymethyl-phenylalanine as a replacement for phosphotyrosine in SH2 domain binding.' 
_citation.journal_abbrev            J.Biol.Chem. 
_citation.journal_volume            273 
_citation.page_first                20238 
_citation.page_last                 20242 
_citation.year                      1998 
_citation.journal_id_ASTM           JBCHA3 
_citation.country                   US 
_citation.journal_id_ISSN           0021-9258 
_citation.journal_id_CSD            0071 
_citation.book_publisher            ? 
_citation.pdbx_database_id_PubMed   9685372 
_citation.pdbx_database_id_DOI      10.1074/jbc.273.32.20238 
# 
loop_
_citation_author.citation_id 
_citation_author.name 
_citation_author.ordinal 
_citation_author.identifier_ORCID 
primary 'Tong, L.'          1 ? 
primary 'Warren, T.C.'      2 ? 
primary 'Lukas, S.'         3 ? 
primary 'Schembri-King, J.' 4 ? 
primary 'Betageri, R.'      5 ? 
primary 'Proudfoot, J.R.'   6 ? 
primary 'Jakes, S.'         7 ? 
# 
loop_
_entity.id 
_entity.type 
_entity.src_method 
_entity.pdbx_description 
_entity.formula_weight 
_entity.pdbx_number_of_molecules 
_entity.pdbx_ec 
_entity.pdbx_mutation 
_entity.pdbx_fragment 
_entity.details 
1 polymer man 'T-LYMPHOCYTE-SPECIFIC PROTEIN TYROSINE KINASE P56LCK' 12257.631 1   2.7.1.112 ? 'SH2 DOMAIN' ? 
2 polymer man 'P56 LCK TYROSINE KINASE SH2 DOMAIN'                   11743.100 1   ?         ? ?            ? 
3 water   nat water                                                  18.015    141 ?         ? ?            ? 
# 
loop_
_entity_poly.entity_id 
_entity_poly.type 
_entity_poly.nstd_linkage 
_entity_poly.nstd_monomer 
_entity_poly.pdbx_seq_one_letter_code 
_entity_poly.pdbx_seq_one_letter_code_can 
_entity_poly.pdbx_strand_id 
_entity_poly.pdbx_target_identifier 
1 'polypeptide(L)' no no 
;ANSLEPEPWFFKNLSRKDAERQLLAPGNTHGSFLIRESESTAGSFSLSVRDFDQNQGEVVKHYKIRNLDNGGFYISPRIT
FPGLHELVRHYTNASDGLCTRLSRPCQT
;
;ANSLEPEPWFFKNLSRKDAERQLLAPGNTHGSFLIRESESTAGSFSLSVRDFDQNQGEVVKHYKIRNLDNGGFYISPRIT
FPGLHELVRHYTNASDGLCTRLSRPCQT
;
A ? 
2 'polypeptide(L)' no no 
;PEPWFFKNLSRKDAERQLLAPGNTHGSFLIRESESTAGSFSLSVRDFDQNQGEVVKHYKIRNLDNGGFYISPRITFPGLH
ELVRHYTNASDGLCTRLSRPCQT
;
;PEPWFFKNLSRKDAERQLLAPGNTHGSFLIRESESTAGSFSLSVRDFDQNQGEVVKHYKIRNLDNGGFYISPRITFPGLH
ELVRHYTNASDGLCTRLSRPCQT
;
B ? 
# 
_pdbx_entity_nonpoly.entity_id   3 
_pdbx_entity_nonpoly.name        water 
_pdbx_entity_nonpoly.comp_id     HOH 
# 
loop_
_entity_poly_seq.entity_id 
_entity_poly_seq.num 
_entity_poly_seq.mon_id 
_entity_poly_seq.hetero 
1 1   ALA n 
1 2   ASN n 
1 3   SER n 
1 4   LEU n 
1 5   GLU n 
1 6   PRO n 
1 7   GLU n 
1 8   PRO n 
1 9   TRP n 
1 10  PHE n 
1 11  PHE n 
1 12  LYS n 
1 13  ASN n 
1 14  LEU n 
1 15  SER n 
1 16  ARG n 
1 17  LYS n 
1 18  ASP n 
1 19  ALA n 
1 20  GLU n 
1 21  ARG n 
1 22  GLN n 
1 23  LEU n 
1 24  LEU n 
1 25  ALA n 
1 26  PRO n 
1 27  GLY n 
1 28  ASN n 
1 29  THR n 
1 30  HIS n 
1 31  GLY n 
1 32  SER n 
1 33  PHE n 
1 34  LEU n 
1 35  ILE n 
1 36  ARG n 
1 37  GLU n 
1 38  SER n 
1 39  GLU n 
1 40  SER n 
1 41  THR n 
1 42  ALA n 
1 43  GLY n 
1 44  SER n 
1 45  PHE n 
1 46  SER n 
1 47  LEU n 
1 48  SER n 
1 49  VAL n 
1 50  ARG n 
1 51  ASP n 
1 52  PHE n 
1 53  ASP n 
1 54  GLN n 
1 55  ASN n 
1 56  GLN n 
1 57  GLY n 
1 58  GLU n 
1 59  VAL n 
1 60  VAL n 
1 61  LYS n 
1 62  HIS n 
1 63  TYR n 
1 64  LYS n 
1 65  ILE n 
1 66  ARG n 
1 67  ASN n 
1 68  LEU n 
1 69  ASP n 
1 70  ASN n 
1 71  GLY n 
1 72  GLY n 
1 73  PHE n 
1 74  TYR n 
1 75  ILE n 
1 76  SER n 
1 77  PRO n 
1 78  ARG n 
1 79  ILE n 
1 80  THR n 
1 81  PHE n 
1 82  PRO n 
1 83  GLY n 
1 84  LEU n 
1 85  HIS n 
1 86  GLU n 
1 87  LEU n 
1 88  VAL n 
1 89  ARG n 
1 90  HIS n 
1 91  TYR n 
1 92  THR n 
1 93  ASN n 
1 94  ALA n 
1 95  SER n 
1 96  ASP n 
1 97  GLY n 
1 98  LEU n 
1 99  CYS n 
1 100 THR n 
1 101 ARG n 
1 102 LEU n 
1 103 SER n 
1 104 ARG n 
1 105 PRO n 
1 106 CYS n 
1 107 GLN n 
1 108 THR n 
2 1   PRO n 
2 2   GLU n 
2 3   PRO n 
2 4   TRP n 
2 5   PHE n 
2 6   PHE n 
2 7   LYS n 
2 8   ASN n 
2 9   LEU n 
2 10  SER n 
2 11  ARG n 
2 12  LYS n 
2 13  ASP n 
2 14  ALA n 
2 15  GLU n 
2 16  ARG n 
2 17  GLN n 
2 18  LEU n 
2 19  LEU n 
2 20  ALA n 
2 21  PRO n 
2 22  GLY n 
2 23  ASN n 
2 24  THR n 
2 25  HIS n 
2 26  GLY n 
2 27  SER n 
2 28  PHE n 
2 29  LEU n 
2 30  ILE n 
2 31  ARG n 
2 32  GLU n 
2 33  SER n 
2 34  GLU n 
2 35  SER n 
2 36  THR n 
2 37  ALA n 
2 38  GLY n 
2 39  SER n 
2 40  PHE n 
2 41  SER n 
2 42  LEU n 
2 43  SER n 
2 44  VAL n 
2 45  ARG n 
2 46  ASP n 
2 47  PHE n 
2 48  ASP n 
2 49  GLN n 
2 50  ASN n 
2 51  GLN n 
2 52  GLY n 
2 53  GLU n 
2 54  VAL n 
2 55  VAL n 
2 56  LYS n 
2 57  HIS n 
2 58  TYR n 
2 59  LYS n 
2 60  ILE n 
2 61  ARG n 
2 62  ASN n 
2 63  LEU n 
2 64  ASP n 
2 65  ASN n 
2 66  GLY n 
2 67  GLY n 
2 68  PHE n 
2 69  TYR n 
2 70  ILE n 
2 71  SER n 
2 72  PRO n 
2 73  ARG n 
2 74  ILE n 
2 75  THR n 
2 76  PHE n 
2 77  PRO n 
2 78  GLY n 
2 79  LEU n 
2 80  HIS n 
2 81  GLU n 
2 82  LEU n 
2 83  VAL n 
2 84  ARG n 
2 85  HIS n 
2 86  TYR n 
2 87  THR n 
2 88  ASN n 
2 89  ALA n 
2 90  SER n 
2 91  ASP n 
2 92  GLY n 
2 93  LEU n 
2 94  CYS n 
2 95  THR n 
2 96  ARG n 
2 97  LEU n 
2 98  SER n 
2 99  ARG n 
2 100 PRO n 
2 101 CYS n 
2 102 GLN n 
2 103 THR n 
# 
loop_
_entity_src_gen.entity_id 
_entity_src_gen.pdbx_src_id 
_entity_src_gen.pdbx_alt_source_flag 
_entity_src_gen.pdbx_seq_type 
_entity_src_gen.pdbx_beg_seq_num 
_entity_src_gen.pdbx_end_seq_num 
_entity_src_gen.gene_src_common_name 
_entity_src_gen.gene_src_genus 
_entity_src_gen.pdbx_gene_src_gene 
_entity_src_gen.gene_src_species 
_entity_src_gen.gene_src_strain 
_entity_src_gen.gene_src_tissue 
_entity_src_gen.gene_src_tissue_fraction 
_entity_src_gen.gene_src_details 
_entity_src_gen.pdbx_gene_src_fragment 
_entity_src_gen.pdbx_gene_src_scientific_name 
_entity_src_gen.pdbx_gene_src_ncbi_taxonomy_id 
_entity_src_gen.pdbx_gene_src_variant 
_entity_src_gen.pdbx_gene_src_cell_line 
_entity_src_gen.pdbx_gene_src_atcc 
_entity_src_gen.pdbx_gene_src_organ 
_entity_src_gen.pdbx_gene_src_organelle 
_entity_src_gen.pdbx_gene_src_cell 
_entity_src_gen.pdbx_gene_src_cellular_location 
_entity_src_gen.host_org_common_name 
_entity_src_gen.pdbx_host_org_scientific_name 
_entity_src_gen.pdbx_host_org_ncbi_taxonomy_id 
_entity_src_gen.host_org_genus 
_entity_src_gen.pdbx_host_org_gene 
_entity_src_gen.pdbx_host_org_organ 
_entity_src_gen.host_org_species 
_entity_src_gen.pdbx_host_org_tissue 
_entity_src_gen.pdbx_host_org_tissue_fraction 
_entity_src_gen.pdbx_host_org_strain 
_entity_src_gen.pdbx_host_org_variant 
_entity_src_gen.pdbx_host_org_cell_line 
_entity_src_gen.pdbx_host_org_atcc 
_entity_src_gen.pdbx_host_org_culture_collection 
_entity_src_gen.pdbx_host_org_cell 
_entity_src_gen.pdbx_host_org_organelle 
_entity_src_gen.pdbx_host_org_cellular_location 
_entity_src_gen.pdbx_host_org_vector_type 
_entity_src_gen.pdbx_host_org_vector 
_entity_src_gen.host_org_details 
_entity_src_gen.expression_system_id 
_entity_src_gen.plasmid_name 
_entity_src_gen.plasmid_details 
_entity_src_gen.pdbx_description 
1 1 sample ? ? ? human Homo ? ? ? ? ? ? ? 'Homo sapiens' 9606 ? ? ? ? ? ? ? ? 'Escherichia coli' 562 Escherichia ? ? ? ? ? ? ? ? ? 
? ? ? ? ? ? ? ? ? ? ? 
2 1 sample ? ? ? human Homo ? ? ? ? ? ? ? 'Homo sapiens' 9606 ? ? ? ? ? ? ? ? 'Escherichia coli' 562 Escherichia ? ? ? ? ? ? ? ? ? 
? ? ? ? ? ? ? ? ? ? ? 
# 
loop_
_chem_comp.id 
_chem_comp.type 
_chem_comp.mon_nstd_flag 
_chem_comp.name 
_chem_comp.pdbx_synonyms 
_chem_comp.formula 
_chem_comp.formula_weight 
ALA 'L-peptide linking' y ALANINE         ? 'C3 H7 N O2'     89.093  
ARG 'L-peptide linking' y ARGININE        ? 'C6 H15 N4 O2 1' 175.209 
ASN 'L-peptide linking' y ASPARAGINE      ? 'C4 H8 N2 O3'    132.118 
ASP 'L-peptide linking' y 'ASPARTIC ACID' ? 'C4 H7 N O4'     133.103 
CYS 'L-peptide linking' y CYSTEINE        ? 'C3 H7 N O2 S'   121.158 
GLN 'L-peptide linking' y GLUTAMINE       ? 'C5 H10 N2 O3'   146.144 
GLU 'L-peptide linking' y 'GLUTAMIC ACID' ? 'C5 H9 N O4'     147.129 
GLY 'peptide linking'   y GLYCINE         ? 'C2 H5 N O2'     75.067  
HIS 'L-peptide linking' y HISTIDINE       ? 'C6 H10 N3 O2 1' 156.162 
HOH non-polymer         . WATER           ? 'H2 O'           18.015  
ILE 'L-peptide linking' y ISOLEUCINE      ? 'C6 H13 N O2'    131.173 
LEU 'L-peptide linking' y LEUCINE         ? 'C6 H13 N O2'    131.173 
LYS 'L-peptide linking' y LYSINE          ? 'C6 H15 N2 O2 1' 147.195 
PHE 'L-peptide linking' y PHENYLALANINE   ? 'C9 H11 N O2'    165.189 
PRO 'L-peptide linking' y PROLINE         ? 'C5 H9 N O2'     115.130 
SER 'L-peptide linking' y SERINE          ? 'C3 H7 N O3'     105.093 
THR 'L-peptide linking' y THREONINE       ? 'C4 H9 N O3'     119.119 
TRP 'L-peptide linking' y TRYPTOPHAN      ? 'C11 H12 N2 O2'  204.225 
TYR 'L-peptide linking' y TYROSINE        ? 'C9 H11 N O3'    181.189 
VAL 'L-peptide linking' y VALINE          ? 'C5 H11 N O2'    117.146 
# 
loop_
_pdbx_poly_seq_scheme.asym_id 
_pdbx_poly_seq_scheme.entity_id 
_pdbx_poly_seq_scheme.seq_id 
_pdbx_poly_seq_scheme.mon_id 
_pdbx_poly_seq_scheme.ndb_seq_num 
_pdbx_poly_seq_scheme.pdb_seq_num 
_pdbx_poly_seq_scheme.auth_seq_num 
_pdbx_poly_seq_scheme.pdb_mon_id 
_pdbx_poly_seq_scheme.auth_mon_id 
_pdbx_poly_seq_scheme.pdb_strand_id 
_pdbx_poly_seq_scheme.pdb_ins_code 
_pdbx_poly_seq_scheme.hetero 
A 1 1   ALA 1   119 ?   ?   ?   A . n 
A 1 2   ASN 2   120 ?   ?   ?   A . n 
A 1 3   SER 3   121 ?   ?   ?   A . n 
A 1 4   LEU 4   122 ?   ?   ?   A . n 
A 1 5   GLU 5   123 123 GLU GLU A . n 
A 1 6   PRO 6   124 124 PRO PRO A . n 
A 1 7   GLU 7   125 125 GLU GLU A . n 
A 1 8   PRO 8   126 126 PRO PRO A . n 
A 1 9   TRP 9   127 127 TRP TRP A . n 
A 1 10  PHE 10  128 128 PHE PHE A . n 
A 1 11  PHE 11  129 129 PHE PHE A . n 
A 1 12  LYS 12  130 130 LYS LYS A . n 
A 1 13  ASN 13  131 131 ASN ASN A . n 
A 1 14  LEU 14  132 132 LEU LEU A . n 
A 1 15  SER 15  133 133 SER SER A . n 
A 1 16  ARG 16  134 134 ARG ARG A . n 
A 1 17  LYS 17  135 135 LYS LYS A . n 
A 1 18  ASP 18  136 136 ASP ASP A . n 
A 1 19  ALA 19  137 137 ALA ALA A . n 
A 1 20  GLU 20  138 138 GLU GLU A . n 
A 1 21  ARG 21  139 139 ARG ARG A . n 
A 1 22  GLN 22  140 140 GLN GLN A . n 
A 1 23  LEU 23  141 141 LEU LEU A . n 
A 1 24  LEU 24  142 142 LEU LEU A . n 
A 1 25  ALA 25  143 143 ALA ALA A . n 
A 1 26  PRO 26  144 144 PRO PRO A . n 
A 1 27  GLY 27  145 145 GLY GLY A . n 
A 1 28  ASN 28  146 146 ASN ASN A . n 
A 1 29  THR 29  147 147 THR THR A . n 
A 1 30  HIS 30  148 148 HIS HIS A . n 
A 1 31  GLY 31  149 149 GLY GLY A . n 
A 1 32  SER 32  150 150 SER SER A . n 
A 1 33  PHE 33  151 151 PHE PHE A . n 
A 1 34  LEU 34  152 152 LEU LEU A . n 
A 1 35  ILE 35  153 153 ILE ILE A . n 
A 1 36  ARG 36  154 154 ARG ARG A . n 
A 1 37  GLU 37  155 155 GLU GLU A . n 
A 1 38  SER 38  156 156 SER SER A . n 
A 1 39  GLU 39  157 157 GLU GLU A . n 
A 1 40  SER 40  158 158 SER SER A . n 
A 1 41  THR 41  159 159 THR THR A . n 
A 1 42  ALA 42  160 160 ALA ALA A . n 
A 1 43  GLY 43  161 161 GLY GLY A . n 
A 1 44  SER 44  162 162 SER SER A . n 
A 1 45  PHE 45  163 163 PHE PHE A . n 
A 1 46  SER 46  164 164 SER SER A . n 
A 1 47  LEU 47  165 165 LEU LEU A . n 
A 1 48  SER 48  166 166 SER SER A . n 
A 1 49  VAL 49  167 167 VAL VAL A . n 
A 1 50  ARG 50  168 168 ARG ARG A . n 
A 1 51  ASP 51  169 169 ASP ASP A . n 
A 1 52  PHE 52  170 170 PHE PHE A . n 
A 1 53  ASP 53  171 171 ASP ASP A . n 
A 1 54  GLN 54  172 172 GLN GLN A . n 
A 1 55  ASN 55  173 173 ASN ASN A . n 
A 1 56  GLN 56  174 174 GLN GLN A . n 
A 1 57  GLY 57  175 175 GLY GLY A . n 
A 1 58  GLU 58  176 176 GLU GLU A . n 
A 1 59  VAL 59  177 177 VAL VAL A . n 
A 1 60  VAL 60  178 178 VAL VAL A . n 
A 1 61  LYS 61  179 179 LYS LYS A . n 
A 1 62  HIS 62  180 180 HIS HIS A . n 
A 1 63  TYR 63  181 181 TYR TYR A . n 
A 1 64  LYS 64  182 182 LYS LYS A . n 
A 1 65  ILE 65  183 183 ILE ILE A . n 
A 1 66  ARG 66  184 184 ARG ARG A . n 
A 1 67  ASN 67  185 185 ASN ASN A . n 
A 1 68  LEU 68  186 186 LEU LEU A . n 
A 1 69  ASP 69  187 187 ASP ASP A . n 
A 1 70  ASN 70  188 188 ASN ASN A . n 
A 1 71  GLY 71  189 189 GLY GLY A . n 
A 1 72  GLY 72  190 190 GLY GLY A . n 
A 1 73  PHE 73  191 191 PHE PHE A . n 
A 1 74  TYR 74  192 192 TYR TYR A . n 
A 1 75  ILE 75  193 193 ILE ILE A . n 
A 1 76  SER 76  194 194 SER SER A . n 
A 1 77  PRO 77  195 195 PRO PRO A . n 
A 1 78  ARG 78  196 196 ARG ARG A . n 
A 1 79  ILE 79  197 197 ILE ILE A . n 
A 1 80  THR 80  198 198 THR THR A . n 
A 1 81  PHE 81  199 199 PHE PHE A . n 
A 1 82  PRO 82  200 200 PRO PRO A . n 
A 1 83  GLY 83  201 201 GLY GLY A . n 
A 1 84  LEU 84  202 202 LEU LEU A . n 
A 1 85  HIS 85  203 203 HIS HIS A . n 
A 1 86  GLU 86  204 204 GLU GLU A . n 
A 1 87  LEU 87  205 205 LEU LEU A . n 
A 1 88  VAL 88  206 206 VAL VAL A . n 
A 1 89  ARG 89  207 207 ARG ARG A . n 
A 1 90  HIS 90  208 208 HIS HIS A . n 
A 1 91  TYR 91  209 209 TYR TYR A . n 
A 1 92  THR 92  210 210 THR THR A . n 
A 1 93  ASN 93  211 211 ASN ASN A . n 
A 1 94  ALA 94  212 212 ALA ALA A . n 
A 1 95  SER 95  213 213 SER SER A . n 
A 1 96  ASP 96  214 214 ASP ASP A . n 
A 1 97  GLY 97  215 215 GLY GLY A . n 
A 1 98  LEU 98  216 216 LEU LEU A . n 
A 1 99  CYS 99  217 217 CYS CYS A . n 
A 1 100 THR 100 218 218 THR THR A . n 
A 1 101 ARG 101 219 219 ARG ARG A . n 
A 1 102 LEU 102 220 220 LEU LEU A . n 
A 1 103 SER 103 221 221 SER SER A . n 
A 1 104 ARG 104 222 222 ARG ARG A . n 
A 1 105 PRO 105 223 223 PRO PRO A . n 
A 1 106 CYS 106 224 224 CYS CYS A . n 
A 1 107 GLN 107 225 225 GLN GLN A . n 
A 1 108 THR 108 226 226 THR THR A . n 
B 2 1   PRO 1   124 124 PRO PRO B . n 
B 2 2   GLU 2   125 125 GLU GLU B . n 
B 2 3   PRO 3   126 126 PRO PRO B . n 
B 2 4   TRP 4   127 127 TRP TRP B . n 
B 2 5   PHE 5   128 128 PHE PHE B . n 
B 2 6   PHE 6   129 129 PHE PHE B . n 
B 2 7   LYS 7   130 130 LYS LYS B . n 
B 2 8   ASN 8   131 131 ASN ASN B . n 
B 2 9   LEU 9   132 132 LEU LEU B . n 
B 2 10  SER 10  133 133 SER SER B . n 
B 2 11  ARG 11  134 134 ARG ARG B . n 
B 2 12  LYS 12  135 135 LYS LYS B . n 
B 2 13  ASP 13  136 136 ASP ASP B . n 
B 2 14  ALA 14  137 137 ALA ALA B . n 
B 2 15  GLU 15  138 138 GLU GLU B . n 
B 2 16  ARG 16  139 139 ARG ARG B . n 
B 2 17  GLN 17  140 140 GLN GLN B . n 
B 2 18  LEU 18  141 141 LEU LEU B . n 
B 2 19  LEU 19  142 142 LEU LEU B . n 
B 2 20  ALA 20  143 143 ALA ALA B . n 
B 2 21  PRO 21  144 144 PRO PRO B . n 
B 2 22  GLY 22  145 145 GLY GLY B . n 
B 2 23  ASN 23  146 146 ASN ASN B . n 
B 2 24  THR 24  147 147 THR THR B . n 
B 2 25  HIS 25  148 148 HIS HIS B . n 
B 2 26  GLY 26  149 149 GLY GLY B . n 
B 2 27  SER 27  150 150 SER SER B . n 
B 2 28  PHE 28  151 151 PHE PHE B . n 
B 2 29  LEU 29  152 152 LEU LEU B . n 
B 2 30  ILE 30  153 153 ILE ILE B . n 
B 2 31  ARG 31  154 154 ARG ARG B . n 
B 2 32  GLU 32  155 155 GLU GLU B . n 
B 2 33  SER 33  156 156 SER SER B . n 
B 2 34  GLU 34  157 157 GLU GLU B . n 
B 2 35  SER 35  158 158 SER SER B . n 
B 2 36  THR 36  159 159 THR THR B . n 
B 2 37  ALA 37  160 160 ALA ALA B . n 
B 2 38  GLY 38  161 161 GLY GLY B . n 
B 2 39  SER 39  162 162 SER SER B . n 
B 2 40  PHE 40  163 163 PHE PHE B . n 
B 2 41  SER 41  164 164 SER SER B . n 
B 2 42  LEU 42  165 165 LEU LEU B . n 
B 2 43  SER 43  166 166 SER SER B . n 
B 2 44  VAL 44  167 167 VAL VAL B . n 
B 2 45  ARG 45  168 168 ARG ARG B . n 
B 2 46  ASP 46  169 169 ASP ASP B . n 
B 2 47  PHE 47  170 170 PHE PHE B . n 
B 2 48  ASP 48  171 171 ASP ASP B . n 
B 2 49  GLN 49  172 172 GLN GLN B . n 
B 2 50  ASN 50  173 173 ASN ASN B . n 
B 2 51  GLN 51  174 174 GLN GLN B . n 
B 2 52  GLY 52  175 175 GLY GLY B . n 
B 2 53  GLU 53  176 176 GLU GLU B . n 
B 2 54  VAL 54  177 177 VAL VAL B . n 
B 2 55  VAL 55  178 178 VAL VAL B . n 
B 2 56  LYS 56  179 179 LYS LYS B . n 
B 2 57  HIS 57  180 180 HIS HIS B . n 
B 2 58  TYR 58  181 181 TYR TYR B . n 
B 2 59  LYS 59  182 182 LYS LYS B . n 
B 2 60  ILE 60  183 183 ILE ILE B . n 
B 2 61  ARG 61  184 184 ARG ARG B . n 
B 2 62  ASN 62  185 185 ASN ASN B . n 
B 2 63  LEU 63  186 186 LEU LEU B . n 
B 2 64  ASP 64  187 187 ASP ASP B . n 
B 2 65  ASN 65  188 188 ASN ASN B . n 
B 2 66  GLY 66  189 189 GLY GLY B . n 
B 2 67  GLY 67  190 190 GLY GLY B . n 
B 2 68  PHE 68  191 191 PHE PHE B . n 
B 2 69  TYR 69  192 192 TYR TYR B . n 
B 2 70  ILE 70  193 193 ILE ILE B . n 
B 2 71  SER 71  194 194 SER SER B . n 
B 2 72  PRO 72  195 195 PRO PRO B . n 
B 2 73  ARG 73  196 196 ARG ARG B . n 
B 2 74  ILE 74  197 197 ILE ILE B . n 
B 2 75  THR 75  198 198 THR THR B . n 
B 2 76  PHE 76  199 199 PHE PHE B . n 
B 2 77  PRO 77  200 200 PRO PRO B . n 
B 2 78  GLY 78  201 201 GLY GLY B . n 
B 2 79  LEU 79  202 202 LEU LEU B . n 
B 2 80  HIS 80  203 203 HIS HIS B . n 
B 2 81  GLU 81  204 204 GLU GLU B . n 
B 2 82  LEU 82  205 205 LEU LEU B . n 
B 2 83  VAL 83  206 206 VAL VAL B . n 
B 2 84  ARG 84  207 207 ARG ARG B . n 
B 2 85  HIS 85  208 208 HIS HIS B . n 
B 2 86  TYR 86  209 209 TYR TYR B . n 
B 2 87  THR 87  210 210 THR THR B . n 
B 2 88  ASN 88  211 211 ASN ASN B . n 
B 2 89  ALA 89  212 212 ALA ALA B . n 
B 2 90  SER 90  213 213 SER SER B . n 
B 2 91  ASP 91  214 214 ASP ASP B . n 
B 2 92  GLY 92  215 215 GLY GLY B . n 
B 2 93  LEU 93  216 216 LEU LEU B . n 
B 2 94  CYS 94  217 217 CYS CYS B . n 
B 2 95  THR 95  218 218 THR THR B . n 
B 2 96  ARG 96  219 219 ARG ARG B . n 
B 2 97  LEU 97  220 220 LEU LEU B . n 
B 2 98  SER 98  221 221 SER SER B . n 
B 2 99  ARG 99  222 222 ARG ARG B . n 
B 2 100 PRO 100 223 223 PRO PRO B . n 
B 2 101 CYS 101 224 224 CYS CYS B . n 
B 2 102 GLN 102 225 225 GLN GLN B . n 
B 2 103 THR 103 226 226 THR THR B . n 
# 
loop_
_pdbx_nonpoly_scheme.asym_id 
_pdbx_nonpoly_scheme.entity_id 
_pdbx_nonpoly_scheme.mon_id 
_pdbx_nonpoly_scheme.ndb_seq_num 
_pdbx_nonpoly_scheme.pdb_seq_num 
_pdbx_nonpoly_scheme.auth_seq_num 
_pdbx_nonpoly_scheme.pdb_mon_id 
_pdbx_nonpoly_scheme.auth_mon_id 
_pdbx_nonpoly_scheme.pdb_strand_id 
_pdbx_nonpoly_scheme.pdb_ins_code 
C 3 HOH 1  502 502 HOH HOH A . 
C 3 HOH 2  503 503 HOH HOH A . 
C 3 HOH 3  504 504 HOH HOH A . 
C 3 HOH 4  508 508 HOH HOH A . 
C 3 HOH 5  509 509 HOH HOH A . 
C 3 HOH 6  510 510 HOH HOH A . 
C 3 HOH 7  513 513 HOH HOH A . 
C 3 HOH 8  514 514 HOH HOH A . 
C 3 HOH 9  516 516 HOH HOH A . 
C 3 HOH 10 519 519 HOH HOH A . 
C 3 HOH 11 521 521 HOH HOH A . 
C 3 HOH 12 522 522 HOH HOH A . 
C 3 HOH 13 523 523 HOH HOH A . 
C 3 HOH 14 525 525 HOH HOH A . 
C 3 HOH 15 526 526 HOH HOH A . 
C 3 HOH 16 527 527 HOH HOH A . 
C 3 HOH 17 528 528 HOH HOH A . 
C 3 HOH 18 529 529 HOH HOH A . 
C 3 HOH 19 530 530 HOH HOH A . 
C 3 HOH 20 531 531 HOH HOH A . 
C 3 HOH 21 532 532 HOH HOH A . 
C 3 HOH 22 534 534 HOH HOH A . 
C 3 HOH 23 539 539 HOH HOH A . 
C 3 HOH 24 541 541 HOH HOH A . 
C 3 HOH 25 544 544 HOH HOH A . 
C 3 HOH 26 548 548 HOH HOH A . 
C 3 HOH 27 551 551 HOH HOH A . 
C 3 HOH 28 552 552 HOH HOH A . 
C 3 HOH 29 554 554 HOH HOH A . 
C 3 HOH 30 558 558 HOH HOH A . 
C 3 HOH 31 559 559 HOH HOH A . 
C 3 HOH 32 562 562 HOH HOH A . 
C 3 HOH 33 563 563 HOH HOH A . 
C 3 HOH 34 566 566 HOH HOH A . 
C 3 HOH 35 567 567 HOH HOH A . 
C 3 HOH 36 568 568 HOH HOH A . 
C 3 HOH 37 570 570 HOH HOH A . 
C 3 HOH 38 571 571 HOH HOH A . 
C 3 HOH 39 572 572 HOH HOH A . 
C 3 HOH 40 575 575 HOH HOH A . 
C 3 HOH 41 576 576 HOH HOH A . 
C 3 HOH 42 577 577 HOH HOH A . 
C 3 HOH 43 578 578 HOH HOH A . 
C 3 HOH 44 579 579 HOH HOH A . 
C 3 HOH 45 583 583 HOH HOH A . 
C 3 HOH 46 584 584 HOH HOH A . 
C 3 HOH 47 587 587 HOH HOH A . 
C 3 HOH 48 588 588 HOH HOH A . 
C 3 HOH 49 589 589 HOH HOH A . 
C 3 HOH 50 593 593 HOH HOH A . 
C 3 HOH 51 594 594 HOH HOH A . 
C 3 HOH 52 597 597 HOH HOH A . 
C 3 HOH 53 599 599 HOH HOH A . 
C 3 HOH 54 602 602 HOH HOH A . 
C 3 HOH 55 603 603 HOH HOH A . 
C 3 HOH 56 605 605 HOH HOH A . 
C 3 HOH 57 607 607 HOH HOH A . 
C 3 HOH 58 608 608 HOH HOH A . 
C 3 HOH 59 609 609 HOH HOH A . 
C 3 HOH 60 610 610 HOH HOH A . 
C 3 HOH 61 612 612 HOH HOH A . 
C 3 HOH 62 615 615 HOH HOH A . 
C 3 HOH 63 616 616 HOH HOH A . 
C 3 HOH 64 618 618 HOH HOH A . 
C 3 HOH 65 620 620 HOH HOH A . 
C 3 HOH 66 622 622 HOH HOH A . 
C 3 HOH 67 625 625 HOH HOH A . 
C 3 HOH 68 627 627 HOH HOH A . 
C 3 HOH 69 628 628 HOH HOH A . 
C 3 HOH 70 629 629 HOH HOH A . 
C 3 HOH 71 631 631 HOH HOH A . 
C 3 HOH 72 633 633 HOH HOH A . 
C 3 HOH 73 634 634 HOH HOH A . 
C 3 HOH 74 635 635 HOH HOH A . 
C 3 HOH 75 637 637 HOH HOH A . 
C 3 HOH 76 638 638 HOH HOH A . 
C 3 HOH 77 641 641 HOH HOH A . 
D 3 HOH 1  501 501 HOH HOH B . 
D 3 HOH 2  505 505 HOH HOH B . 
D 3 HOH 3  506 506 HOH HOH B . 
D 3 HOH 4  507 507 HOH HOH B . 
D 3 HOH 5  511 511 HOH HOH B . 
D 3 HOH 6  512 512 HOH HOH B . 
D 3 HOH 7  515 515 HOH HOH B . 
D 3 HOH 8  517 517 HOH HOH B . 
D 3 HOH 9  518 518 HOH HOH B . 
D 3 HOH 10 520 520 HOH HOH B . 
D 3 HOH 11 524 524 HOH HOH B . 
D 3 HOH 12 533 533 HOH HOH B . 
D 3 HOH 13 535 535 HOH HOH B . 
D 3 HOH 14 536 536 HOH HOH B . 
D 3 HOH 15 537 537 HOH HOH B . 
D 3 HOH 16 538 538 HOH HOH B . 
D 3 HOH 17 540 540 HOH HOH B . 
D 3 HOH 18 542 542 HOH HOH B . 
D 3 HOH 19 543 543 HOH HOH B . 
D 3 HOH 20 545 545 HOH HOH B . 
D 3 HOH 21 546 546 HOH HOH B . 
D 3 HOH 22 547 547 HOH HOH B . 
D 3 HOH 23 549 549 HOH HOH B . 
D 3 HOH 24 550 550 HOH HOH B . 
D 3 HOH 25 553 553 HOH HOH B . 
D 3 HOH 26 555 555 HOH HOH B . 
D 3 HOH 27 556 556 HOH HOH B . 
D 3 HOH 28 557 557 HOH HOH B . 
D 3 HOH 29 560 560 HOH HOH B . 
D 3 HOH 30 561 561 HOH HOH B . 
D 3 HOH 31 564 564 HOH HOH B . 
D 3 HOH 32 565 565 HOH HOH B . 
D 3 HOH 33 569 569 HOH HOH B . 
D 3 HOH 34 573 573 HOH HOH B . 
D 3 HOH 35 574 574 HOH HOH B . 
D 3 HOH 36 580 580 HOH HOH B . 
D 3 HOH 37 581 581 HOH HOH B . 
D 3 HOH 38 582 582 HOH HOH B . 
D 3 HOH 39 585 585 HOH HOH B . 
D 3 HOH 40 586 586 HOH HOH B . 
D 3 HOH 41 590 590 HOH HOH B . 
D 3 HOH 42 591 591 HOH HOH B . 
D 3 HOH 43 592 592 HOH HOH B . 
D 3 HOH 44 595 595 HOH HOH B . 
D 3 HOH 45 596 596 HOH HOH B . 
D 3 HOH 46 598 598 HOH HOH B . 
D 3 HOH 47 600 600 HOH HOH B . 
D 3 HOH 48 601 601 HOH HOH B . 
D 3 HOH 49 604 604 HOH HOH B . 
D 3 HOH 50 606 606 HOH HOH B . 
D 3 HOH 51 611 611 HOH HOH B . 
D 3 HOH 52 613 613 HOH HOH B . 
D 3 HOH 53 614 614 HOH HOH B . 
D 3 HOH 54 617 617 HOH HOH B . 
D 3 HOH 55 619 619 HOH HOH B . 
D 3 HOH 56 621 621 HOH HOH B . 
D 3 HOH 57 623 623 HOH HOH B . 
D 3 HOH 58 624 624 HOH HOH B . 
D 3 HOH 59 626 626 HOH HOH B . 
D 3 HOH 60 630 630 HOH HOH B . 
D 3 HOH 61 632 632 HOH HOH B . 
D 3 HOH 62 636 636 HOH HOH B . 
D 3 HOH 63 639 639 HOH HOH B . 
D 3 HOH 64 640 640 HOH HOH B . 
# 
loop_
_software.name 
_software.classification 
_software.version 
_software.citation_id 
_software.pdbx_ordinal 
X-PLOR 'model building' 3.1 ? 1 
X-PLOR refinement       3.1 ? 2 
RIGAKU 'data reduction' .   ? 3 
RIGAKU 'data scaling'   .   ? 4 
X-PLOR phasing          3.1 ? 5 
# 
_cell.entry_id           1BHH 
_cell.length_a           58.800 
_cell.length_b           58.800 
_cell.length_c           110.500 
_cell.angle_alpha        90.00 
_cell.angle_beta         90.00 
_cell.angle_gamma        90.00 
_cell.Z_PDB              8 
_cell.pdbx_unique_axis   ? 
# 
_symmetry.entry_id                         1BHH 
_symmetry.space_group_name_H-M             'P 43 21 2' 
_symmetry.pdbx_full_space_group_name_H-M   ? 
_symmetry.cell_setting                     ? 
_symmetry.Int_Tables_number                96 
# 
_exptl.entry_id          1BHH 
_exptl.method            'X-RAY DIFFRACTION' 
_exptl.crystals_number   1 
# 
_exptl_crystal.id                    1 
_exptl_crystal.density_meas          ? 
_exptl_crystal.density_Matthews      1.99 
_exptl_crystal.density_percent_sol   38.15 
_exptl_crystal.description           ? 
# 
_diffrn.id                     1 
_diffrn.ambient_temp           100 
_diffrn.ambient_temp_details   ? 
_diffrn.crystal_id             1 
# 
_diffrn_detector.diffrn_id              1 
_diffrn_detector.detector               'IMAGE PLATE' 
_diffrn_detector.type                   RIGAKU 
_diffrn_detector.pdbx_collection_date   1995-12-10 
_diffrn_detector.details                ? 
# 
_diffrn_radiation.diffrn_id                        1 
_diffrn_radiation.wavelength_id                    1 
_diffrn_radiation.pdbx_monochromatic_or_laue_m_l   M 
_diffrn_radiation.monochromator                    'GRAPHITE(002)' 
_diffrn_radiation.pdbx_diffrn_protocol             ? 
_diffrn_radiation.pdbx_scattering_type             x-ray 
# 
_diffrn_radiation_wavelength.id           1 
_diffrn_radiation_wavelength.wavelength   1.5418 
_diffrn_radiation_wavelength.wt           1.0 
# 
_diffrn_source.diffrn_id                   1 
_diffrn_source.source                      'ROTATING ANODE' 
_diffrn_source.type                        'RIGAKU RUH2R' 
_diffrn_source.pdbx_synchrotron_site       ? 
_diffrn_source.pdbx_synchrotron_beamline   ? 
_diffrn_source.pdbx_wavelength             1.5418 
_diffrn_source.pdbx_wavelength_list        ? 
# 
_reflns.entry_id                     1BHH 
_reflns.observed_criterion_sigma_I   1 
_reflns.observed_criterion_sigma_F   ? 
_reflns.d_resolution_low             20 
_reflns.d_resolution_high            1.9 
_reflns.number_obs                   13477 
_reflns.number_all                   ? 
_reflns.percent_possible_obs         ? 
_reflns.pdbx_Rmerge_I_obs            0.0600000 
_reflns.pdbx_Rsym_value              ? 
_reflns.pdbx_netI_over_sigmaI        ? 
_reflns.B_iso_Wilson_estimate        ? 
_reflns.pdbx_redundancy              ? 
_reflns.pdbx_diffrn_id               1 
_reflns.pdbx_ordinal                 1 
# 
_refine.entry_id                                 1BHH 
_refine.ls_number_reflns_obs                     12909 
_refine.ls_number_reflns_all                     ? 
_refine.pdbx_ls_sigma_I                          ? 
_refine.pdbx_ls_sigma_F                          2 
_refine.pdbx_data_cutoff_high_absF               ? 
_refine.pdbx_data_cutoff_low_absF                ? 
_refine.pdbx_data_cutoff_high_rms_absF           ? 
_refine.ls_d_res_low                             6 
_refine.ls_d_res_high                            1.9 
_refine.ls_percent_reflns_obs                    91 
_refine.ls_R_factor_obs                          0.2400000 
_refine.ls_R_factor_all                          ? 
_refine.ls_R_factor_R_work                       0.2400000 
_refine.ls_R_factor_R_free                       ? 
_refine.ls_R_factor_R_free_error                 ? 
_refine.ls_R_factor_R_free_error_details         ? 
_refine.ls_percent_reflns_R_free                 ? 
_refine.ls_number_reflns_R_free                  ? 
_refine.ls_number_parameters                     ? 
_refine.ls_number_restraints                     ? 
_refine.occupancy_min                            ? 
_refine.occupancy_max                            ? 
_refine.B_iso_mean                               ? 
_refine.aniso_B[1][1]                            ? 
_refine.aniso_B[2][2]                            ? 
_refine.aniso_B[3][3]                            ? 
_refine.aniso_B[1][2]                            ? 
_refine.aniso_B[1][3]                            ? 
_refine.aniso_B[2][3]                            ? 
_refine.solvent_model_details                    ? 
_refine.solvent_model_param_ksol                 ? 
_refine.solvent_model_param_bsol                 ? 
_refine.pdbx_ls_cross_valid_method               ? 
_refine.details                                  ? 
_refine.pdbx_starting_model                      ? 
_refine.pdbx_method_to_determine_struct          ? 
_refine.pdbx_isotropic_thermal_model             ? 
_refine.pdbx_stereochemistry_target_values       ? 
_refine.pdbx_stereochem_target_val_spec_case     ? 
_refine.pdbx_R_Free_selection_details            ? 
_refine.pdbx_overall_ESU_R                       ? 
_refine.pdbx_overall_ESU_R_Free                  ? 
_refine.overall_SU_ML                            ? 
_refine.overall_SU_B                             ? 
_refine.pdbx_refine_id                           'X-RAY DIFFRACTION' 
_refine.pdbx_diffrn_id                           1 
_refine.pdbx_TLS_residual_ADP_flag               ? 
_refine.correlation_coeff_Fo_to_Fc               ? 
_refine.correlation_coeff_Fo_to_Fc_free          ? 
_refine.pdbx_solvent_vdw_probe_radii             ? 
_refine.pdbx_solvent_ion_probe_radii             ? 
_refine.pdbx_solvent_shrinkage_radii             ? 
_refine.pdbx_overall_phase_error                 ? 
_refine.overall_SU_R_Cruickshank_DPI             ? 
_refine.pdbx_overall_SU_R_free_Cruickshank_DPI   ? 
_refine.pdbx_overall_SU_R_Blow_DPI               ? 
_refine.pdbx_overall_SU_R_free_Blow_DPI          ? 
# 
_refine_hist.pdbx_refine_id                   'X-RAY DIFFRACTION' 
_refine_hist.cycle_id                         LAST 
_refine_hist.pdbx_number_atoms_protein        1667 
_refine_hist.pdbx_number_atoms_nucleic_acid   0 
_refine_hist.pdbx_number_atoms_ligand         0 
_refine_hist.number_atoms_solvent             141 
_refine_hist.number_atoms_total               1808 
_refine_hist.d_res_high                       1.9 
_refine_hist.d_res_low                        6 
# 
loop_
_refine_ls_restr.type 
_refine_ls_restr.dev_ideal 
_refine_ls_restr.dev_ideal_target 
_refine_ls_restr.weight 
_refine_ls_restr.number 
_refine_ls_restr.pdbx_refine_id 
_refine_ls_restr.pdbx_restraint_function 
x_bond_d                0.014 ? ? ? 'X-RAY DIFFRACTION' ? 
x_bond_d_na             ?     ? ? ? 'X-RAY DIFFRACTION' ? 
x_bond_d_prot           ?     ? ? ? 'X-RAY DIFFRACTION' ? 
x_angle_d               ?     ? ? ? 'X-RAY DIFFRACTION' ? 
x_angle_d_na            ?     ? ? ? 'X-RAY DIFFRACTION' ? 
x_angle_d_prot          ?     ? ? ? 'X-RAY DIFFRACTION' ? 
x_angle_deg             2.0   ? ? ? 'X-RAY DIFFRACTION' ? 
x_angle_deg_na          ?     ? ? ? 'X-RAY DIFFRACTION' ? 
x_angle_deg_prot        ?     ? ? ? 'X-RAY DIFFRACTION' ? 
x_dihedral_angle_d      ?     ? ? ? 'X-RAY DIFFRACTION' ? 
x_dihedral_angle_d_na   ?     ? ? ? 'X-RAY DIFFRACTION' ? 
x_dihedral_angle_d_prot ?     ? ? ? 'X-RAY DIFFRACTION' ? 
x_improper_angle_d      ?     ? ? ? 'X-RAY DIFFRACTION' ? 
x_improper_angle_d_na   ?     ? ? ? 'X-RAY DIFFRACTION' ? 
x_improper_angle_d_prot ?     ? ? ? 'X-RAY DIFFRACTION' ? 
x_mcbond_it             ?     ? ? ? 'X-RAY DIFFRACTION' ? 
x_mcangle_it            ?     ? ? ? 'X-RAY DIFFRACTION' ? 
x_scbond_it             ?     ? ? ? 'X-RAY DIFFRACTION' ? 
x_scangle_it            ?     ? ? ? 'X-RAY DIFFRACTION' ? 
# 
_struct.entry_id                  1BHH 
_struct.title                     'FREE P56LCK SH2 DOMAIN' 
_struct.pdbx_model_details        ? 
_struct.pdbx_CASP_flag            ? 
_struct.pdbx_model_type_details   ? 
# 
_struct_keywords.entry_id        1BHH 
_struct_keywords.pdbx_keywords   'SH2 DOMAIN' 
_struct_keywords.text            'SH2 DOMAIN, PHOSPHORYLATION, TRANSFERASE' 
# 
loop_
_struct_asym.id 
_struct_asym.pdbx_blank_PDB_chainid_flag 
_struct_asym.pdbx_modified 
_struct_asym.entity_id 
_struct_asym.details 
A N N 1 ? 
B N N 2 ? 
C N N 3 ? 
D N N 3 ? 
# 
loop_
_struct_ref.id 
_struct_ref.db_name 
_struct_ref.db_code 
_struct_ref.entity_id 
_struct_ref.pdbx_db_accession 
_struct_ref.pdbx_align_begin 
_struct_ref.pdbx_seq_one_letter_code 
_struct_ref.pdbx_db_isoform 
1 UNP LCK_HUMAN 1 P06239 1 
;GCGCSSHPEDDWMENIDVCENCHYPIVPLDGKGTLLIRNGSEVRDPLVTYEGSNPPASPLQDNLVIALHSYEPSHDGDLG
FEKGEQLRILEQSGEWWKAQSLTTGQEGFIPFNFVAKANSLEPEPWFFKNLSRKDAERQLLAPGNTHGSFLIRESESTAG
SFSLSVRDFDQNQGEVVKHYKIRNLDNGGFYISPRITFPGLHELVRHYTNASDGLCTRLSRPCQTQKPQKPWWEDEWEVP
RETLKLVERLGAGQFGEVWMGYYNGHTKVAVKSLKQGSMSPDAFLAEANLMKQLQHQRLVRLYAVVTQEPIYIITEYMEN
GSLVDFLKTPSGIKLTINKLLDMAAQIAEGMAFIEERNYIHRDLRAANILVSDTLSCKIADFGLARLIEDNEYTAREGAK
FPIKWTAPEAINYGTFTIKSDVWSFGILLTEIVTHGRIPYPGMTNPEVIQNLERGYRMVRPDNCPEELYQLMRLCWKERP
EDRPTFDYLRSVLEDFFTATEGQYQPQP
;
? 
2 UNP LCK_HUMAN 2 P06239 1 
;GCGCSSHPEDDWMENIDVCENCHYPIVPLDGKGTLLIRNGSEVRDPLVTYEGSNPPASPLQDNLVIALHSYEPSHDGDLG
FEKGEQLRILEQSGEWWKAQSLTTGQEGFIPFNFVAKANSLEPEPWFFKNLSRKDAERQLLAPGNTHGSFLIRESESTAG
SFSLSVRDFDQNQGEVVKHYKIRNLDNGGFYISPRITFPGLHELVRHYTNASDGLCTRLSRPCQTQKPQKPWWEDEWEVP
RETLKLVERLGAGQFGEVWMGYYNGHTKVAVKSLKQGSMSPDAFLAEANLMKQLQHQRLVRLYAVVTQEPIYIITEYMEN
GSLVDFLKTPSGIKLTINKLLDMAAQIAEGMAFIEERNYIHRDLRAANILVSDTLSCKIADFGLARLIEDNEYTAREGAK
FPIKWTAPEAINYGTFTIKSDVWSFGILLTEIVTHGRIPYPGMTNPEVIQNLERGYRMVRPDNCPEELYQLMRLCWKERP
EDRPTFDYLRSVLEDFFTATEGQYQPQP
;
? 
# 
loop_
_struct_ref_seq.align_id 
_struct_ref_seq.ref_id 
_struct_ref_seq.pdbx_PDB_id_code 
_struct_ref_seq.pdbx_strand_id 
_struct_ref_seq.seq_align_beg 
_struct_ref_seq.pdbx_seq_align_beg_ins_code 
_struct_ref_seq.seq_align_end 
_struct_ref_seq.pdbx_seq_align_end_ins_code 
_struct_ref_seq.pdbx_db_accession 
_struct_ref_seq.db_align_beg 
_struct_ref_seq.pdbx_db_align_beg_ins_code 
_struct_ref_seq.db_align_end 
_struct_ref_seq.pdbx_db_align_end_ins_code 
_struct_ref_seq.pdbx_auth_seq_align_beg 
_struct_ref_seq.pdbx_auth_seq_align_end 
1 1 1BHH A 1 ? 108 ? P06239 118 ? 225 ? 119 226 
2 2 1BHH B 1 ? 103 ? P06239 123 ? 225 ? 124 226 
# 
_pdbx_struct_assembly.id                   1 
_pdbx_struct_assembly.details              author_defined_assembly 
_pdbx_struct_assembly.method_details       ? 
_pdbx_struct_assembly.oligomeric_details   dimeric 
_pdbx_struct_assembly.oligomeric_count     2 
# 
_pdbx_struct_assembly_gen.assembly_id       1 
_pdbx_struct_assembly_gen.oper_expression   1 
_pdbx_struct_assembly_gen.asym_id_list      A,B,C,D 
# 
_pdbx_struct_oper_list.id                   1 
_pdbx_struct_oper_list.type                 'identity operation' 
_pdbx_struct_oper_list.name                 1_555 
_pdbx_struct_oper_list.symmetry_operation   x,y,z 
_pdbx_struct_oper_list.matrix[1][1]         1.0000000000 
_pdbx_struct_oper_list.matrix[1][2]         0.0000000000 
_pdbx_struct_oper_list.matrix[1][3]         0.0000000000 
_pdbx_struct_oper_list.vector[1]            0.0000000000 
_pdbx_struct_oper_list.matrix[2][1]         0.0000000000 
_pdbx_struct_oper_list.matrix[2][2]         1.0000000000 
_pdbx_struct_oper_list.matrix[2][3]         0.0000000000 
_pdbx_struct_oper_list.vector[2]            0.0000000000 
_pdbx_struct_oper_list.matrix[3][1]         0.0000000000 
_pdbx_struct_oper_list.matrix[3][2]         0.0000000000 
_pdbx_struct_oper_list.matrix[3][3]         1.0000000000 
_pdbx_struct_oper_list.vector[3]            0.0000000000 
# 
_struct_biol.id   1 
# 
loop_
_struct_conf.conf_type_id 
_struct_conf.id 
_struct_conf.pdbx_PDB_helix_id 
_struct_conf.beg_label_comp_id 
_struct_conf.beg_label_asym_id 
_struct_conf.beg_label_seq_id 
_struct_conf.pdbx_beg_PDB_ins_code 
_struct_conf.end_label_comp_id 
_struct_conf.end_label_asym_id 
_struct_conf.end_label_seq_id 
_struct_conf.pdbx_end_PDB_ins_code 
_struct_conf.beg_auth_comp_id 
_struct_conf.beg_auth_asym_id 
_struct_conf.beg_auth_seq_id 
_struct_conf.end_auth_comp_id 
_struct_conf.end_auth_asym_id 
_struct_conf.end_auth_seq_id 
_struct_conf.pdbx_PDB_helix_class 
_struct_conf.details 
_struct_conf.pdbx_PDB_helix_length 
HELX_P HELX_P1 1 ARG A 16 ? LEU A 24 ? ARG A 134 LEU A 142 1 ? 9  
HELX_P HELX_P2 2 LEU A 84 ? ASN A 93 ? LEU A 202 ASN A 211 1 ? 10 
HELX_P HELX_P3 3 ARG B 11 ? LEU B 18 ? ARG B 134 LEU B 141 1 ? 8  
HELX_P HELX_P4 4 LEU B 79 ? THR B 87 ? LEU B 202 THR B 210 1 ? 9  
# 
_struct_conf_type.id          HELX_P 
_struct_conf_type.criteria    ? 
_struct_conf_type.reference   ? 
# 
loop_
_struct_sheet.id 
_struct_sheet.type 
_struct_sheet.number_strands 
_struct_sheet.details 
A ? 3 ? 
B ? 3 ? 
# 
loop_
_struct_sheet_order.sheet_id 
_struct_sheet_order.range_id_1 
_struct_sheet_order.range_id_2 
_struct_sheet_order.offset 
_struct_sheet_order.sense 
A 1 2 ? anti-parallel 
A 2 3 ? anti-parallel 
B 1 2 ? anti-parallel 
B 2 3 ? anti-parallel 
# 
loop_
_struct_sheet_range.sheet_id 
_struct_sheet_range.id 
_struct_sheet_range.beg_label_comp_id 
_struct_sheet_range.beg_label_asym_id 
_struct_sheet_range.beg_label_seq_id 
_struct_sheet_range.pdbx_beg_PDB_ins_code 
_struct_sheet_range.end_label_comp_id 
_struct_sheet_range.end_label_asym_id 
_struct_sheet_range.end_label_seq_id 
_struct_sheet_range.pdbx_end_PDB_ins_code 
_struct_sheet_range.beg_auth_comp_id 
_struct_sheet_range.beg_auth_asym_id 
_struct_sheet_range.beg_auth_seq_id 
_struct_sheet_range.end_auth_comp_id 
_struct_sheet_range.end_auth_asym_id 
_struct_sheet_range.end_auth_seq_id 
A 1 GLY A 57 ? ILE A 65 ? GLY A 175 ILE A 183 
A 2 THR A 41 ? ASP A 53 ? THR A 159 ASP A 171 
A 3 PHE A 33 ? SER A 38 ? PHE A 151 SER A 156 
B 1 PHE B 28 ? GLU B 32 ? PHE B 151 GLU B 155 
B 2 PHE B 40 ? ASP B 48 ? PHE B 163 ASP B 171 
B 3 GLY B 52 ? ILE B 60 ? GLY B 175 ILE B 183 
# 
loop_
_pdbx_struct_sheet_hbond.sheet_id 
_pdbx_struct_sheet_hbond.range_id_1 
_pdbx_struct_sheet_hbond.range_id_2 
_pdbx_struct_sheet_hbond.range_1_label_atom_id 
_pdbx_struct_sheet_hbond.range_1_label_comp_id 
_pdbx_struct_sheet_hbond.range_1_label_asym_id 
_pdbx_struct_sheet_hbond.range_1_label_seq_id 
_pdbx_struct_sheet_hbond.range_1_PDB_ins_code 
_pdbx_struct_sheet_hbond.range_1_auth_atom_id 
_pdbx_struct_sheet_hbond.range_1_auth_comp_id 
_pdbx_struct_sheet_hbond.range_1_auth_asym_id 
_pdbx_struct_sheet_hbond.range_1_auth_seq_id 
_pdbx_struct_sheet_hbond.range_2_label_atom_id 
_pdbx_struct_sheet_hbond.range_2_label_comp_id 
_pdbx_struct_sheet_hbond.range_2_label_asym_id 
_pdbx_struct_sheet_hbond.range_2_label_seq_id 
_pdbx_struct_sheet_hbond.range_2_PDB_ins_code 
_pdbx_struct_sheet_hbond.range_2_auth_atom_id 
_pdbx_struct_sheet_hbond.range_2_auth_comp_id 
_pdbx_struct_sheet_hbond.range_2_auth_asym_id 
_pdbx_struct_sheet_hbond.range_2_auth_seq_id 
A 1 2 O GLY A 57 ? O GLY A 175 N ASP A 53 ? N ASP A 171 
A 2 3 O THR A 41 ? O THR A 159 N SER A 38 ? N SER A 156 
B 1 2 O LEU B 29 ? O LEU B 152 N SER B 43 ? N SER B 166 
B 2 3 O PHE B 40 ? O PHE B 163 N ILE B 60 ? N ILE B 183 
# 
loop_
_pdbx_validate_rmsd_angle.id 
_pdbx_validate_rmsd_angle.PDB_model_num 
_pdbx_validate_rmsd_angle.auth_atom_id_1 
_pdbx_validate_rmsd_angle.auth_asym_id_1 
_pdbx_validate_rmsd_angle.auth_comp_id_1 
_pdbx_validate_rmsd_angle.auth_seq_id_1 
_pdbx_validate_rmsd_angle.PDB_ins_code_1 
_pdbx_validate_rmsd_angle.label_alt_id_1 
_pdbx_validate_rmsd_angle.auth_atom_id_2 
_pdbx_validate_rmsd_angle.auth_asym_id_2 
_pdbx_validate_rmsd_angle.auth_comp_id_2 
_pdbx_validate_rmsd_angle.auth_seq_id_2 
_pdbx_validate_rmsd_angle.PDB_ins_code_2 
_pdbx_validate_rmsd_angle.label_alt_id_2 
_pdbx_validate_rmsd_angle.auth_atom_id_3 
_pdbx_validate_rmsd_angle.auth_asym_id_3 
_pdbx_validate_rmsd_angle.auth_comp_id_3 
_pdbx_validate_rmsd_angle.auth_seq_id_3 
_pdbx_validate_rmsd_angle.PDB_ins_code_3 
_pdbx_validate_rmsd_angle.label_alt_id_3 
_pdbx_validate_rmsd_angle.angle_value 
_pdbx_validate_rmsd_angle.angle_target_value 
_pdbx_validate_rmsd_angle.angle_deviation 
_pdbx_validate_rmsd_angle.angle_standard_deviation 
_pdbx_validate_rmsd_angle.linker_flag 
1 1 CA B PRO 124 ? ? N  B PRO 124 ? ? CD B PRO 124 ? ? 97.63  111.50 -13.87 1.40 N 
2 1 N  B PRO 124 ? ? CD B PRO 124 ? ? CG B PRO 124 ? ? 111.39 103.80 7.59   1.20 N 
# 
loop_
_pdbx_validate_torsion.id 
_pdbx_validate_torsion.PDB_model_num 
_pdbx_validate_torsion.auth_comp_id 
_pdbx_validate_torsion.auth_asym_id 
_pdbx_validate_torsion.auth_seq_id 
_pdbx_validate_torsion.PDB_ins_code 
_pdbx_validate_torsion.label_alt_id 
_pdbx_validate_torsion.phi 
_pdbx_validate_torsion.psi 
1  1 ASN A 131 ? ? -106.13 73.26   
2  1 ASP A 169 ? ? -160.10 -159.58 
3  1 ASN A 173 ? ? 70.93   58.59   
4  1 GLN A 174 ? ? 167.97  -42.82  
5  1 ASN A 188 ? ? 73.90   51.50   
6  1 TYR A 192 ? ? -173.79 147.73  
7  1 SER A 221 ? ? -123.03 -113.54 
8  1 LYS B 130 ? ? 73.42   -74.41  
9  1 GLN B 174 ? ? -158.99 -75.21  
10 1 GLU B 176 ? ? -27.09  113.82  
11 1 ASN B 188 ? ? 155.11  6.15    
12 1 SER B 221 ? ? -105.11 -110.60 
# 
loop_
_pdbx_unobs_or_zero_occ_residues.id 
_pdbx_unobs_or_zero_occ_residues.PDB_model_num 
_pdbx_unobs_or_zero_occ_residues.polymer_flag 
_pdbx_unobs_or_zero_occ_residues.occupancy_flag 
_pdbx_unobs_or_zero_occ_residues.auth_asym_id 
_pdbx_unobs_or_zero_occ_residues.auth_comp_id 
_pdbx_unobs_or_zero_occ_residues.auth_seq_id 
_pdbx_unobs_or_zero_occ_residues.PDB_ins_code 
_pdbx_unobs_or_zero_occ_residues.label_asym_id 
_pdbx_unobs_or_zero_occ_residues.label_comp_id 
_pdbx_unobs_or_zero_occ_residues.label_seq_id 
1 1 Y 1 A ALA 119 ? A ALA 1 
2 1 Y 1 A ASN 120 ? A ASN 2 
3 1 Y 1 A SER 121 ? A SER 3 
4 1 Y 1 A LEU 122 ? A LEU 4 
# 
loop_
_chem_comp_atom.comp_id 
_chem_comp_atom.atom_id 
_chem_comp_atom.type_symbol 
_chem_comp_atom.pdbx_aromatic_flag 
_chem_comp_atom.pdbx_stereo_config 
_chem_comp_atom.pdbx_ordinal 
ALA N    N N N 1   
ALA CA   C N S 2   
ALA C    C N N 3   
ALA O    O N N 4   
ALA CB   C N N 5   
ALA OXT  O N N 6   
ALA H    H N N 7   
ALA H2   H N N 8   
ALA HA   H N N 9   
ALA HB1  H N N 10  
ALA HB2  H N N 11  
ALA HB3  H N N 12  
ALA HXT  H N N 13  
ARG N    N N N 14  
ARG CA   C N S 15  
ARG C    C N N 16  
ARG O    O N N 17  
ARG CB   C N N 18  
ARG CG   C N N 19  
ARG CD   C N N 20  
ARG NE   N N N 21  
ARG CZ   C N N 22  
ARG NH1  N N N 23  
ARG NH2  N N N 24  
ARG OXT  O N N 25  
ARG H    H N N 26  
ARG H2   H N N 27  
ARG HA   H N N 28  
ARG HB2  H N N 29  
ARG HB3  H N N 30  
ARG HG2  H N N 31  
ARG HG3  H N N 32  
ARG HD2  H N N 33  
ARG HD3  H N N 34  
ARG HE   H N N 35  
ARG HH11 H N N 36  
ARG HH12 H N N 37  
ARG HH21 H N N 38  
ARG HH22 H N N 39  
ARG HXT  H N N 40  
ASN N    N N N 41  
ASN CA   C N S 42  
ASN C    C N N 43  
ASN O    O N N 44  
ASN CB   C N N 45  
ASN CG   C N N 46  
ASN OD1  O N N 47  
ASN ND2  N N N 48  
ASN OXT  O N N 49  
ASN H    H N N 50  
ASN H2   H N N 51  
ASN HA   H N N 52  
ASN HB2  H N N 53  
ASN HB3  H N N 54  
ASN HD21 H N N 55  
ASN HD22 H N N 56  
ASN HXT  H N N 57  
ASP N    N N N 58  
ASP CA   C N S 59  
ASP C    C N N 60  
ASP O    O N N 61  
ASP CB   C N N 62  
ASP CG   C N N 63  
ASP OD1  O N N 64  
ASP OD2  O N N 65  
ASP OXT  O N N 66  
ASP H    H N N 67  
ASP H2   H N N 68  
ASP HA   H N N 69  
ASP HB2  H N N 70  
ASP HB3  H N N 71  
ASP HD2  H N N 72  
ASP HXT  H N N 73  
CYS N    N N N 74  
CYS CA   C N R 75  
CYS C    C N N 76  
CYS O    O N N 77  
CYS CB   C N N 78  
CYS SG   S N N 79  
CYS OXT  O N N 80  
CYS H    H N N 81  
CYS H2   H N N 82  
CYS HA   H N N 83  
CYS HB2  H N N 84  
CYS HB3  H N N 85  
CYS HG   H N N 86  
CYS HXT  H N N 87  
GLN N    N N N 88  
GLN CA   C N S 89  
GLN C    C N N 90  
GLN O    O N N 91  
GLN CB   C N N 92  
GLN CG   C N N 93  
GLN CD   C N N 94  
GLN OE1  O N N 95  
GLN NE2  N N N 96  
GLN OXT  O N N 97  
GLN H    H N N 98  
GLN H2   H N N 99  
GLN HA   H N N 100 
GLN HB2  H N N 101 
GLN HB3  H N N 102 
GLN HG2  H N N 103 
GLN HG3  H N N 104 
GLN HE21 H N N 105 
GLN HE22 H N N 106 
GLN HXT  H N N 107 
GLU N    N N N 108 
GLU CA   C N S 109 
GLU C    C N N 110 
GLU O    O N N 111 
GLU CB   C N N 112 
GLU CG   C N N 113 
GLU CD   C N N 114 
GLU OE1  O N N 115 
GLU OE2  O N N 116 
GLU OXT  O N N 117 
GLU H    H N N 118 
GLU H2   H N N 119 
GLU HA   H N N 120 
GLU HB2  H N N 121 
GLU HB3  H N N 122 
GLU HG2  H N N 123 
GLU HG3  H N N 124 
GLU HE2  H N N 125 
GLU HXT  H N N 126 
GLY N    N N N 127 
GLY CA   C N N 128 
GLY C    C N N 129 
GLY O    O N N 130 
GLY OXT  O N N 131 
GLY H    H N N 132 
GLY H2   H N N 133 
GLY HA2  H N N 134 
GLY HA3  H N N 135 
GLY HXT  H N N 136 
HIS N    N N N 137 
HIS CA   C N S 138 
HIS C    C N N 139 
HIS O    O N N 140 
HIS CB   C N N 141 
HIS CG   C Y N 142 
HIS ND1  N Y N 143 
HIS CD2  C Y N 144 
HIS CE1  C Y N 145 
HIS NE2  N Y N 146 
HIS OXT  O N N 147 
HIS H    H N N 148 
HIS H2   H N N 149 
HIS HA   H N N 150 
HIS HB2  H N N 151 
HIS HB3  H N N 152 
HIS HD1  H N N 153 
HIS HD2  H N N 154 
HIS HE1  H N N 155 
HIS HE2  H N N 156 
HIS HXT  H N N 157 
HOH O    O N N 158 
HOH H1   H N N 159 
HOH H2   H N N 160 
ILE N    N N N 161 
ILE CA   C N S 162 
ILE C    C N N 163 
ILE O    O N N 164 
ILE CB   C N S 165 
ILE CG1  C N N 166 
ILE CG2  C N N 167 
ILE CD1  C N N 168 
ILE OXT  O N N 169 
ILE H    H N N 170 
ILE H2   H N N 171 
ILE HA   H N N 172 
ILE HB   H N N 173 
ILE HG12 H N N 174 
ILE HG13 H N N 175 
ILE HG21 H N N 176 
ILE HG22 H N N 177 
ILE HG23 H N N 178 
ILE HD11 H N N 179 
ILE HD12 H N N 180 
ILE HD13 H N N 181 
ILE HXT  H N N 182 
LEU N    N N N 183 
LEU CA   C N S 184 
LEU C    C N N 185 
LEU O    O N N 186 
LEU CB   C N N 187 
LEU CG   C N N 188 
LEU CD1  C N N 189 
LEU CD2  C N N 190 
LEU OXT  O N N 191 
LEU H    H N N 192 
LEU H2   H N N 193 
LEU HA   H N N 194 
LEU HB2  H N N 195 
LEU HB3  H N N 196 
LEU HG   H N N 197 
LEU HD11 H N N 198 
LEU HD12 H N N 199 
LEU HD13 H N N 200 
LEU HD21 H N N 201 
LEU HD22 H N N 202 
LEU HD23 H N N 203 
LEU HXT  H N N 204 
LYS N    N N N 205 
LYS CA   C N S 206 
LYS C    C N N 207 
LYS O    O N N 208 
LYS CB   C N N 209 
LYS CG   C N N 210 
LYS CD   C N N 211 
LYS CE   C N N 212 
LYS NZ   N N N 213 
LYS OXT  O N N 214 
LYS H    H N N 215 
LYS H2   H N N 216 
LYS HA   H N N 217 
LYS HB2  H N N 218 
LYS HB3  H N N 219 
LYS HG2  H N N 220 
LYS HG3  H N N 221 
LYS HD2  H N N 222 
LYS HD3  H N N 223 
LYS HE2  H N N 224 
LYS HE3  H N N 225 
LYS HZ1  H N N 226 
LYS HZ2  H N N 227 
LYS HZ3  H N N 228 
LYS HXT  H N N 229 
PHE N    N N N 230 
PHE CA   C N S 231 
PHE C    C N N 232 
PHE O    O N N 233 
PHE CB   C N N 234 
PHE CG   C Y N 235 
PHE CD1  C Y N 236 
PHE CD2  C Y N 237 
PHE CE1  C Y N 238 
PHE CE2  C Y N 239 
PHE CZ   C Y N 240 
PHE OXT  O N N 241 
PHE H    H N N 242 
PHE H2   H N N 243 
PHE HA   H N N 244 
PHE HB2  H N N 245 
PHE HB3  H N N 246 
PHE HD1  H N N 247 
PHE HD2  H N N 248 
PHE HE1  H N N 249 
PHE HE2  H N N 250 
PHE HZ   H N N 251 
PHE HXT  H N N 252 
PRO N    N N N 253 
PRO CA   C N S 254 
PRO C    C N N 255 
PRO O    O N N 256 
PRO CB   C N N 257 
PRO CG   C N N 258 
PRO CD   C N N 259 
PRO OXT  O N N 260 
PRO H    H N N 261 
PRO HA   H N N 262 
PRO HB2  H N N 263 
PRO HB3  H N N 264 
PRO HG2  H N N 265 
PRO HG3  H N N 266 
PRO HD2  H N N 267 
PRO HD3  H N N 268 
PRO HXT  H N N 269 
SER N    N N N 270 
SER CA   C N S 271 
SER C    C N N 272 
SER O    O N N 273 
SER CB   C N N 274 
SER OG   O N N 275 
SER OXT  O N N 276 
SER H    H N N 277 
SER H2   H N N 278 
SER HA   H N N 279 
SER HB2  H N N 280 
SER HB3  H N N 281 
SER HG   H N N 282 
SER HXT  H N N 283 
THR N    N N N 284 
THR CA   C N S 285 
THR C    C N N 286 
THR O    O N N 287 
THR CB   C N R 288 
THR OG1  O N N 289 
THR CG2  C N N 290 
THR OXT  O N N 291 
THR H    H N N 292 
THR H2   H N N 293 
THR HA   H N N 294 
THR HB   H N N 295 
THR HG1  H N N 296 
THR HG21 H N N 297 
THR HG22 H N N 298 
THR HG23 H N N 299 
THR HXT  H N N 300 
TRP N    N N N 301 
TRP CA   C N S 302 
TRP C    C N N 303 
TRP O    O N N 304 
TRP CB   C N N 305 
TRP CG   C Y N 306 
TRP CD1  C Y N 307 
TRP CD2  C Y N 308 
TRP NE1  N Y N 309 
TRP CE2  C Y N 310 
TRP CE3  C Y N 311 
TRP CZ2  C Y N 312 
TRP CZ3  C Y N 313 
TRP CH2  C Y N 314 
TRP OXT  O N N 315 
TRP H    H N N 316 
TRP H2   H N N 317 
TRP HA   H N N 318 
TRP HB2  H N N 319 
TRP HB3  H N N 320 
TRP HD1  H N N 321 
TRP HE1  H N N 322 
TRP HE3  H N N 323 
TRP HZ2  H N N 324 
TRP HZ3  H N N 325 
TRP HH2  H N N 326 
TRP HXT  H N N 327 
TYR N    N N N 328 
TYR CA   C N S 329 
TYR C    C N N 330 
TYR O    O N N 331 
TYR CB   C N N 332 
TYR CG   C Y N 333 
TYR CD1  C Y N 334 
TYR CD2  C Y N 335 
TYR CE1  C Y N 336 
TYR CE2  C Y N 337 
TYR CZ   C Y N 338 
TYR OH   O N N 339 
TYR OXT  O N N 340 
TYR H    H N N 341 
TYR H2   H N N 342 
TYR HA   H N N 343 
TYR HB2  H N N 344 
TYR HB3  H N N 345 
TYR HD1  H N N 346 
TYR HD2  H N N 347 
TYR HE1  H N N 348 
TYR HE2  H N N 349 
TYR HH   H N N 350 
TYR HXT  H N N 351 
VAL N    N N N 352 
VAL CA   C N S 353 
VAL C    C N N 354 
VAL O    O N N 355 
VAL CB   C N N 356 
VAL CG1  C N N 357 
VAL CG2  C N N 358 
VAL OXT  O N N 359 
VAL H    H N N 360 
VAL H2   H N N 361 
VAL HA   H N N 362 
VAL HB   H N N 363 
VAL HG11 H N N 364 
VAL HG12 H N N 365 
VAL HG13 H N N 366 
VAL HG21 H N N 367 
VAL HG22 H N N 368 
VAL HG23 H N N 369 
VAL HXT  H N N 370 
# 
loop_
_chem_comp_bond.comp_id 
_chem_comp_bond.atom_id_1 
_chem_comp_bond.atom_id_2 
_chem_comp_bond.value_order 
_chem_comp_bond.pdbx_aromatic_flag 
_chem_comp_bond.pdbx_stereo_config 
_chem_comp_bond.pdbx_ordinal 
ALA N   CA   sing N N 1   
ALA N   H    sing N N 2   
ALA N   H2   sing N N 3   
ALA CA  C    sing N N 4   
ALA CA  CB   sing N N 5   
ALA CA  HA   sing N N 6   
ALA C   O    doub N N 7   
ALA C   OXT  sing N N 8   
ALA CB  HB1  sing N N 9   
ALA CB  HB2  sing N N 10  
ALA CB  HB3  sing N N 11  
ALA OXT HXT  sing N N 12  
ARG N   CA   sing N N 13  
ARG N   H    sing N N 14  
ARG N   H2   sing N N 15  
ARG CA  C    sing N N 16  
ARG CA  CB   sing N N 17  
ARG CA  HA   sing N N 18  
ARG C   O    doub N N 19  
ARG C   OXT  sing N N 20  
ARG CB  CG   sing N N 21  
ARG CB  HB2  sing N N 22  
ARG CB  HB3  sing N N 23  
ARG CG  CD   sing N N 24  
ARG CG  HG2  sing N N 25  
ARG CG  HG3  sing N N 26  
ARG CD  NE   sing N N 27  
ARG CD  HD2  sing N N 28  
ARG CD  HD3  sing N N 29  
ARG NE  CZ   sing N N 30  
ARG NE  HE   sing N N 31  
ARG CZ  NH1  sing N N 32  
ARG CZ  NH2  doub N N 33  
ARG NH1 HH11 sing N N 34  
ARG NH1 HH12 sing N N 35  
ARG NH2 HH21 sing N N 36  
ARG NH2 HH22 sing N N 37  
ARG OXT HXT  sing N N 38  
ASN N   CA   sing N N 39  
ASN N   H    sing N N 40  
ASN N   H2   sing N N 41  
ASN CA  C    sing N N 42  
ASN CA  CB   sing N N 43  
ASN CA  HA   sing N N 44  
ASN C   O    doub N N 45  
ASN C   OXT  sing N N 46  
ASN CB  CG   sing N N 47  
ASN CB  HB2  sing N N 48  
ASN CB  HB3  sing N N 49  
ASN CG  OD1  doub N N 50  
ASN CG  ND2  sing N N 51  
ASN ND2 HD21 sing N N 52  
ASN ND2 HD22 sing N N 53  
ASN OXT HXT  sing N N 54  
ASP N   CA   sing N N 55  
ASP N   H    sing N N 56  
ASP N   H2   sing N N 57  
ASP CA  C    sing N N 58  
ASP CA  CB   sing N N 59  
ASP CA  HA   sing N N 60  
ASP C   O    doub N N 61  
ASP C   OXT  sing N N 62  
ASP CB  CG   sing N N 63  
ASP CB  HB2  sing N N 64  
ASP CB  HB3  sing N N 65  
ASP CG  OD1  doub N N 66  
ASP CG  OD2  sing N N 67  
ASP OD2 HD2  sing N N 68  
ASP OXT HXT  sing N N 69  
CYS N   CA   sing N N 70  
CYS N   H    sing N N 71  
CYS N   H2   sing N N 72  
CYS CA  C    sing N N 73  
CYS CA  CB   sing N N 74  
CYS CA  HA   sing N N 75  
CYS C   O    doub N N 76  
CYS C   OXT  sing N N 77  
CYS CB  SG   sing N N 78  
CYS CB  HB2  sing N N 79  
CYS CB  HB3  sing N N 80  
CYS SG  HG   sing N N 81  
CYS OXT HXT  sing N N 82  
GLN N   CA   sing N N 83  
GLN N   H    sing N N 84  
GLN N   H2   sing N N 85  
GLN CA  C    sing N N 86  
GLN CA  CB   sing N N 87  
GLN CA  HA   sing N N 88  
GLN C   O    doub N N 89  
GLN C   OXT  sing N N 90  
GLN CB  CG   sing N N 91  
GLN CB  HB2  sing N N 92  
GLN CB  HB3  sing N N 93  
GLN CG  CD   sing N N 94  
GLN CG  HG2  sing N N 95  
GLN CG  HG3  sing N N 96  
GLN CD  OE1  doub N N 97  
GLN CD  NE2  sing N N 98  
GLN NE2 HE21 sing N N 99  
GLN NE2 HE22 sing N N 100 
GLN OXT HXT  sing N N 101 
GLU N   CA   sing N N 102 
GLU N   H    sing N N 103 
GLU N   H2   sing N N 104 
GLU CA  C    sing N N 105 
GLU CA  CB   sing N N 106 
GLU CA  HA   sing N N 107 
GLU C   O    doub N N 108 
GLU C   OXT  sing N N 109 
GLU CB  CG   sing N N 110 
GLU CB  HB2  sing N N 111 
GLU CB  HB3  sing N N 112 
GLU CG  CD   sing N N 113 
GLU CG  HG2  sing N N 114 
GLU CG  HG3  sing N N 115 
GLU CD  OE1  doub N N 116 
GLU CD  OE2  sing N N 117 
GLU OE2 HE2  sing N N 118 
GLU OXT HXT  sing N N 119 
GLY N   CA   sing N N 120 
GLY N   H    sing N N 121 
GLY N   H2   sing N N 122 
GLY CA  C    sing N N 123 
GLY CA  HA2  sing N N 124 
GLY CA  HA3  sing N N 125 
GLY C   O    doub N N 126 
GLY C   OXT  sing N N 127 
GLY OXT HXT  sing N N 128 
HIS N   CA   sing N N 129 
HIS N   H    sing N N 130 
HIS N   H2   sing N N 131 
HIS CA  C    sing N N 132 
HIS CA  CB   sing N N 133 
HIS CA  HA   sing N N 134 
HIS C   O    doub N N 135 
HIS C   OXT  sing N N 136 
HIS CB  CG   sing N N 137 
HIS CB  HB2  sing N N 138 
HIS CB  HB3  sing N N 139 
HIS CG  ND1  sing Y N 140 
HIS CG  CD2  doub Y N 141 
HIS ND1 CE1  doub Y N 142 
HIS ND1 HD1  sing N N 143 
HIS CD2 NE2  sing Y N 144 
HIS CD2 HD2  sing N N 145 
HIS CE1 NE2  sing Y N 146 
HIS CE1 HE1  sing N N 147 
HIS NE2 HE2  sing N N 148 
HIS OXT HXT  sing N N 149 
HOH O   H1   sing N N 150 
HOH O   H2   sing N N 151 
ILE N   CA   sing N N 152 
ILE N   H    sing N N 153 
ILE N   H2   sing N N 154 
ILE CA  C    sing N N 155 
ILE CA  CB   sing N N 156 
ILE CA  HA   sing N N 157 
ILE C   O    doub N N 158 
ILE C   OXT  sing N N 159 
ILE CB  CG1  sing N N 160 
ILE CB  CG2  sing N N 161 
ILE CB  HB   sing N N 162 
ILE CG1 CD1  sing N N 163 
ILE CG1 HG12 sing N N 164 
ILE CG1 HG13 sing N N 165 
ILE CG2 HG21 sing N N 166 
ILE CG2 HG22 sing N N 167 
ILE CG2 HG23 sing N N 168 
ILE CD1 HD11 sing N N 169 
ILE CD1 HD12 sing N N 170 
ILE CD1 HD13 sing N N 171 
ILE OXT HXT  sing N N 172 
LEU N   CA   sing N N 173 
LEU N   H    sing N N 174 
LEU N   H2   sing N N 175 
LEU CA  C    sing N N 176 
LEU CA  CB   sing N N 177 
LEU CA  HA   sing N N 178 
LEU C   O    doub N N 179 
LEU C   OXT  sing N N 180 
LEU CB  CG   sing N N 181 
LEU CB  HB2  sing N N 182 
LEU CB  HB3  sing N N 183 
LEU CG  CD1  sing N N 184 
LEU CG  CD2  sing N N 185 
LEU CG  HG   sing N N 186 
LEU CD1 HD11 sing N N 187 
LEU CD1 HD12 sing N N 188 
LEU CD1 HD13 sing N N 189 
LEU CD2 HD21 sing N N 190 
LEU CD2 HD22 sing N N 191 
LEU CD2 HD23 sing N N 192 
LEU OXT HXT  sing N N 193 
LYS N   CA   sing N N 194 
LYS N   H    sing N N 195 
LYS N   H2   sing N N 196 
LYS CA  C    sing N N 197 
LYS CA  CB   sing N N 198 
LYS CA  HA   sing N N 199 
LYS C   O    doub N N 200 
LYS C   OXT  sing N N 201 
LYS CB  CG   sing N N 202 
LYS CB  HB2  sing N N 203 
LYS CB  HB3  sing N N 204 
LYS CG  CD   sing N N 205 
LYS CG  HG2  sing N N 206 
LYS CG  HG3  sing N N 207 
LYS CD  CE   sing N N 208 
LYS CD  HD2  sing N N 209 
LYS CD  HD3  sing N N 210 
LYS CE  NZ   sing N N 211 
LYS CE  HE2  sing N N 212 
LYS CE  HE3  sing N N 213 
LYS NZ  HZ1  sing N N 214 
LYS NZ  HZ2  sing N N 215 
LYS NZ  HZ3  sing N N 216 
LYS OXT HXT  sing N N 217 
PHE N   CA   sing N N 218 
PHE N   H    sing N N 219 
PHE N   H2   sing N N 220 
PHE CA  C    sing N N 221 
PHE CA  CB   sing N N 222 
PHE CA  HA   sing N N 223 
PHE C   O    doub N N 224 
PHE C   OXT  sing N N 225 
PHE CB  CG   sing N N 226 
PHE CB  HB2  sing N N 227 
PHE CB  HB3  sing N N 228 
PHE CG  CD1  doub Y N 229 
PHE CG  CD2  sing Y N 230 
PHE CD1 CE1  sing Y N 231 
PHE CD1 HD1  sing N N 232 
PHE CD2 CE2  doub Y N 233 
PHE CD2 HD2  sing N N 234 
PHE CE1 CZ   doub Y N 235 
PHE CE1 HE1  sing N N 236 
PHE CE2 CZ   sing Y N 237 
PHE CE2 HE2  sing N N 238 
PHE CZ  HZ   sing N N 239 
PHE OXT HXT  sing N N 240 
PRO N   CA   sing N N 241 
PRO N   CD   sing N N 242 
PRO N   H    sing N N 243 
PRO CA  C    sing N N 244 
PRO CA  CB   sing N N 245 
PRO CA  HA   sing N N 246 
PRO C   O    doub N N 247 
PRO C   OXT  sing N N 248 
PRO CB  CG   sing N N 249 
PRO CB  HB2  sing N N 250 
PRO CB  HB3  sing N N 251 
PRO CG  CD   sing N N 252 
PRO CG  HG2  sing N N 253 
PRO CG  HG3  sing N N 254 
PRO CD  HD2  sing N N 255 
PRO CD  HD3  sing N N 256 
PRO OXT HXT  sing N N 257 
SER N   CA   sing N N 258 
SER N   H    sing N N 259 
SER N   H2   sing N N 260 
SER CA  C    sing N N 261 
SER CA  CB   sing N N 262 
SER CA  HA   sing N N 263 
SER C   O    doub N N 264 
SER C   OXT  sing N N 265 
SER CB  OG   sing N N 266 
SER CB  HB2  sing N N 267 
SER CB  HB3  sing N N 268 
SER OG  HG   sing N N 269 
SER OXT HXT  sing N N 270 
THR N   CA   sing N N 271 
THR N   H    sing N N 272 
THR N   H2   sing N N 273 
THR CA  C    sing N N 274 
THR CA  CB   sing N N 275 
THR CA  HA   sing N N 276 
THR C   O    doub N N 277 
THR C   OXT  sing N N 278 
THR CB  OG1  sing N N 279 
THR CB  CG2  sing N N 280 
THR CB  HB   sing N N 281 
THR OG1 HG1  sing N N 282 
THR CG2 HG21 sing N N 283 
THR CG2 HG22 sing N N 284 
THR CG2 HG23 sing N N 285 
THR OXT HXT  sing N N 286 
TRP N   CA   sing N N 287 
TRP N   H    sing N N 288 
TRP N   H2   sing N N 289 
TRP CA  C    sing N N 290 
TRP CA  CB   sing N N 291 
TRP CA  HA   sing N N 292 
TRP C   O    doub N N 293 
TRP C   OXT  sing N N 294 
TRP CB  CG   sing N N 295 
TRP CB  HB2  sing N N 296 
TRP CB  HB3  sing N N 297 
TRP CG  CD1  doub Y N 298 
TRP CG  CD2  sing Y N 299 
TRP CD1 NE1  sing Y N 300 
TRP CD1 HD1  sing N N 301 
TRP CD2 CE2  doub Y N 302 
TRP CD2 CE3  sing Y N 303 
TRP NE1 CE2  sing Y N 304 
TRP NE1 HE1  sing N N 305 
TRP CE2 CZ2  sing Y N 306 
TRP CE3 CZ3  doub Y N 307 
TRP CE3 HE3  sing N N 308 
TRP CZ2 CH2  doub Y N 309 
TRP CZ2 HZ2  sing N N 310 
TRP CZ3 CH2  sing Y N 311 
TRP CZ3 HZ3  sing N N 312 
TRP CH2 HH2  sing N N 313 
TRP OXT HXT  sing N N 314 
TYR N   CA   sing N N 315 
TYR N   H    sing N N 316 
TYR N   H2   sing N N 317 
TYR CA  C    sing N N 318 
TYR CA  CB   sing N N 319 
TYR CA  HA   sing N N 320 
TYR C   O    doub N N 321 
TYR C   OXT  sing N N 322 
TYR CB  CG   sing N N 323 
TYR CB  HB2  sing N N 324 
TYR CB  HB3  sing N N 325 
TYR CG  CD1  doub Y N 326 
TYR CG  CD2  sing Y N 327 
TYR CD1 CE1  sing Y N 328 
TYR CD1 HD1  sing N N 329 
TYR CD2 CE2  doub Y N 330 
TYR CD2 HD2  sing N N 331 
TYR CE1 CZ   doub Y N 332 
TYR CE1 HE1  sing N N 333 
TYR CE2 CZ   sing Y N 334 
TYR CE2 HE2  sing N N 335 
TYR CZ  OH   sing N N 336 
TYR OH  HH   sing N N 337 
TYR OXT HXT  sing N N 338 
VAL N   CA   sing N N 339 
VAL N   H    sing N N 340 
VAL N   H2   sing N N 341 
VAL CA  C    sing N N 342 
VAL CA  CB   sing N N 343 
VAL CA  HA   sing N N 344 
VAL C   O    doub N N 345 
VAL C   OXT  sing N N 346 
VAL CB  CG1  sing N N 347 
VAL CB  CG2  sing N N 348 
VAL CB  HB   sing N N 349 
VAL CG1 HG11 sing N N 350 
VAL CG1 HG12 sing N N 351 
VAL CG1 HG13 sing N N 352 
VAL CG2 HG21 sing N N 353 
VAL CG2 HG22 sing N N 354 
VAL CG2 HG23 sing N N 355 
VAL OXT HXT  sing N N 356 
# 
_atom_sites.entry_id                    1BHH 
_atom_sites.fract_transf_matrix[1][1]   0.00079647 
_atom_sites.fract_transf_matrix[1][2]   0.00204298 
_atom_sites.fract_transf_matrix[1][3]   0.01686505 
_atom_sites.fract_transf_matrix[2][1]   -0.00118620 
_atom_sites.fract_transf_matrix[2][2]   -0.01683568 
_atom_sites.fract_transf_matrix[2][3]   0.00209544 
_atom_sites.fract_transf_matrix[3][1]   0.00901801 
_atom_sites.fract_transf_matrix[3][2]   -0.00067817 
_atom_sites.fract_transf_matrix[3][3]   -0.00034373 
_atom_sites.fract_transf_vector[1]      0.372245 
_atom_sites.fract_transf_vector[2]      0.363807 
_atom_sites.fract_transf_vector[3]      0.208822 
# 
loop_
_atom_type.symbol 
C 
N 
O 
S 
# 
loop_
_atom_site.group_PDB 
_atom_site.id 
_atom_site.type_symbol 
_atom_site.label_atom_id 
_atom_site.label_alt_id 
_atom_site.label_comp_id 
_atom_site.label_asym_id 
_atom_site.label_entity_id 
_atom_site.label_seq_id 
_atom_site.pdbx_PDB_ins_code 
_atom_site.Cartn_x 
_atom_site.Cartn_y 
_atom_site.Cartn_z 
_atom_site.occupancy 
_atom_site.B_iso_or_equiv 
_atom_site.pdbx_formal_charge 
_atom_site.auth_seq_id 
_atom_site.auth_comp_id 
_atom_site.auth_asym_id 
_atom_site.auth_atom_id 
_atom_site.pdbx_PDB_model_num 
ATOM   1    N N   . GLU A 1 5   ? 24.698  9.588   -4.878  1.00 27.80 ? 123 GLU A N   1 
ATOM   2    C CA  . GLU A 1 5   ? 25.567  9.805   -3.687  1.00 23.10 ? 123 GLU A CA  1 
ATOM   3    C C   . GLU A 1 5   ? 24.831  10.172  -2.414  1.00 19.83 ? 123 GLU A C   1 
ATOM   4    O O   . GLU A 1 5   ? 25.476  10.294  -1.376  1.00 18.94 ? 123 GLU A O   1 
ATOM   5    C CB  . GLU A 1 5   ? 26.624  10.895  -3.957  1.00 27.05 ? 123 GLU A CB  1 
ATOM   6    C CG  . GLU A 1 5   ? 27.529  10.672  -5.163  1.00 29.31 ? 123 GLU A CG  1 
ATOM   7    C CD  . GLU A 1 5   ? 29.007  10.557  -4.788  1.00 32.82 ? 123 GLU A CD  1 
ATOM   8    O OE1 . GLU A 1 5   ? 29.552  11.515  -4.193  1.00 32.53 ? 123 GLU A OE1 1 
ATOM   9    O OE2 . GLU A 1 5   ? 29.628  9.508   -5.092  1.00 31.35 ? 123 GLU A OE2 1 
ATOM   10   N N   . PRO A 1 6   ? 23.494  10.398  -2.461  1.00 14.10 ? 124 PRO A N   1 
ATOM   11   C CA  . PRO A 1 6   ? 22.897  10.748  -1.169  1.00 15.03 ? 124 PRO A CA  1 
ATOM   12   C C   . PRO A 1 6   ? 22.890  9.506   -0.296  1.00 16.16 ? 124 PRO A C   1 
ATOM   13   O O   . PRO A 1 6   ? 23.272  8.428   -0.771  1.00 20.27 ? 124 PRO A O   1 
ATOM   14   C CB  . PRO A 1 6   ? 21.458  11.154  -1.554  1.00 11.05 ? 124 PRO A CB  1 
ATOM   15   C CG  . PRO A 1 6   ? 21.582  11.575  -2.973  1.00 9.68  ? 124 PRO A CG  1 
ATOM   16   C CD  . PRO A 1 6   ? 22.463  10.479  -3.511  1.00 11.50 ? 124 PRO A CD  1 
ATOM   17   N N   . GLU A 1 7   ? 22.467  9.657   0.962   1.00 13.70 ? 125 GLU A N   1 
ATOM   18   C CA  . GLU A 1 7   ? 22.376  8.537   1.876   1.00 14.36 ? 125 GLU A CA  1 
ATOM   19   C C   . GLU A 1 7   ? 21.270  7.628   1.336   1.00 13.88 ? 125 GLU A C   1 
ATOM   20   O O   . GLU A 1 7   ? 20.385  8.077   0.616   1.00 15.80 ? 125 GLU A O   1 
ATOM   21   C CB  . GLU A 1 7   ? 22.052  9.031   3.299   1.00 19.45 ? 125 GLU A CB  1 
ATOM   22   C CG  . GLU A 1 7   ? 23.198  9.880   3.982   1.00 25.78 ? 125 GLU A CG  1 
ATOM   23   C CD  . GLU A 1 7   ? 24.158  9.076   4.917   1.00 26.11 ? 125 GLU A CD  1 
ATOM   24   O OE1 . GLU A 1 7   ? 24.146  7.821   4.910   1.00 27.98 ? 125 GLU A OE1 1 
ATOM   25   O OE2 . GLU A 1 7   ? 24.922  9.711   5.682   1.00 24.87 ? 125 GLU A OE2 1 
ATOM   26   N N   . PRO A 1 8   ? 21.306  6.338   1.665   1.00 14.18 ? 126 PRO A N   1 
ATOM   27   C CA  . PRO A 1 8   ? 20.316  5.348   1.218   1.00 16.95 ? 126 PRO A CA  1 
ATOM   28   C C   . PRO A 1 8   ? 18.842  5.700   1.460   1.00 17.76 ? 126 PRO A C   1 
ATOM   29   O O   . PRO A 1 8   ? 17.961  5.213   0.762   1.00 14.96 ? 126 PRO A O   1 
ATOM   30   C CB  . PRO A 1 8   ? 20.713  4.107   2.006   1.00 16.24 ? 126 PRO A CB  1 
ATOM   31   C CG  . PRO A 1 8   ? 22.157  4.231   2.107   1.00 16.54 ? 126 PRO A CG  1 
ATOM   32   C CD  . PRO A 1 8   ? 22.364  5.689   2.448   1.00 17.12 ? 126 PRO A CD  1 
ATOM   33   N N   . TRP A 1 9   ? 18.592  6.521   2.481   1.00 17.95 ? 127 TRP A N   1 
ATOM   34   C CA  . TRP A 1 9   ? 17.254  6.964   2.848   1.00 14.51 ? 127 TRP A CA  1 
ATOM   35   C C   . TRP A 1 9   ? 16.820  8.234   2.122   1.00 15.99 ? 127 TRP A C   1 
ATOM   36   O O   . TRP A 1 9   ? 15.645  8.610   2.215   1.00 17.19 ? 127 TRP A O   1 
ATOM   37   C CB  . TRP A 1 9   ? 17.134  7.204   4.373   1.00 14.20 ? 127 TRP A CB  1 
ATOM   38   C CG  . TRP A 1 9   ? 18.286  7.960   5.038   1.00 14.82 ? 127 TRP A CG  1 
ATOM   39   C CD1 . TRP A 1 9   ? 19.326  7.395   5.723   1.00 15.94 ? 127 TRP A CD1 1 
ATOM   40   C CD2 . TRP A 1 9   ? 18.499  9.390   5.091   1.00 15.54 ? 127 TRP A CD2 1 
ATOM   41   N NE1 . TRP A 1 9   ? 20.170  8.370   6.193   1.00 16.70 ? 127 TRP A NE1 1 
ATOM   42   C CE2 . TRP A 1 9   ? 19.693  9.601   5.838   1.00 12.13 ? 127 TRP A CE2 1 
ATOM   43   C CE3 . TRP A 1 9   ? 17.819  10.512  4.584   1.00 15.56 ? 127 TRP A CE3 1 
ATOM   44   C CZ2 . TRP A 1 9   ? 20.211  10.886  6.097   1.00 12.10 ? 127 TRP A CZ2 1 
ATOM   45   C CZ3 . TRP A 1 9   ? 18.341  11.800  4.836   1.00 13.95 ? 127 TRP A CZ3 1 
ATOM   46   C CH2 . TRP A 1 9   ? 19.533  11.967  5.597   1.00 11.50 ? 127 TRP A CH2 1 
ATOM   47   N N   . PHE A 1 10  ? 17.758  8.946   1.492   1.00 14.52 ? 128 PHE A N   1 
ATOM   48   C CA  . PHE A 1 10  ? 17.384  10.163  0.796   1.00 11.69 ? 128 PHE A CA  1 
ATOM   49   C C   . PHE A 1 10  ? 17.213  9.962   -0.697  1.00 16.63 ? 128 PHE A C   1 
ATOM   50   O O   . PHE A 1 10  ? 18.143  9.506   -1.376  1.00 18.32 ? 128 PHE A O   1 
ATOM   51   C CB  . PHE A 1 10  ? 18.354  11.295  1.016   1.00 9.84  ? 128 PHE A CB  1 
ATOM   52   C CG  . PHE A 1 10  ? 17.872  12.581  0.423   1.00 10.53 ? 128 PHE A CG  1 
ATOM   53   C CD1 . PHE A 1 10  ? 18.085  12.881  -0.913  1.00 10.81 ? 128 PHE A CD1 1 
ATOM   54   C CD2 . PHE A 1 10  ? 17.172  13.483  1.199   1.00 10.32 ? 128 PHE A CD2 1 
ATOM   55   C CE1 . PHE A 1 10  ? 17.596  14.081  -1.457  1.00 11.42 ? 128 PHE A CE1 1 
ATOM   56   C CE2 . PHE A 1 10  ? 16.695  14.663  0.677   1.00 7.89  ? 128 PHE A CE2 1 
ATOM   57   C CZ  . PHE A 1 10  ? 16.903  14.967  -0.652  1.00 12.37 ? 128 PHE A CZ  1 
ATOM   58   N N   . PHE A 1 11  ? 16.049  10.374  -1.218  1.00 14.17 ? 129 PHE A N   1 
ATOM   59   C CA  . PHE A 1 11  ? 15.761  10.233  -2.625  1.00 13.37 ? 129 PHE A CA  1 
ATOM   60   C C   . PHE A 1 11  ? 15.652  11.580  -3.324  1.00 15.52 ? 129 PHE A C   1 
ATOM   61   O O   . PHE A 1 11  ? 14.783  12.378  -2.997  1.00 14.65 ? 129 PHE A O   1 
ATOM   62   C CB  . PHE A 1 11  ? 14.513  9.369   -2.824  1.00 13.85 ? 129 PHE A CB  1 
ATOM   63   C CG  . PHE A 1 11  ? 14.680  7.929   -2.353  1.00 16.45 ? 129 PHE A CG  1 
ATOM   64   C CD1 . PHE A 1 11  ? 14.989  7.638   -1.023  1.00 16.66 ? 129 PHE A CD1 1 
ATOM   65   C CD2 . PHE A 1 11  ? 14.527  6.874   -3.241  1.00 15.18 ? 129 PHE A CD2 1 
ATOM   66   C CE1 . PHE A 1 11  ? 15.144  6.335   -0.583  1.00 16.12 ? 129 PHE A CE1 1 
ATOM   67   C CE2 . PHE A 1 11  ? 14.676  5.566   -2.813  1.00 20.01 ? 129 PHE A CE2 1 
ATOM   68   C CZ  . PHE A 1 11  ? 14.990  5.289   -1.474  1.00 15.95 ? 129 PHE A CZ  1 
ATOM   69   N N   . LYS A 1 12  ? 16.513  11.784  -4.332  1.00 20.06 ? 130 LYS A N   1 
ATOM   70   C CA  . LYS A 1 12  ? 16.609  13.032  -5.111  1.00 22.38 ? 130 LYS A CA  1 
ATOM   71   C C   . LYS A 1 12  ? 15.430  13.584  -5.911  1.00 21.61 ? 130 LYS A C   1 
ATOM   72   O O   . LYS A 1 12  ? 15.021  14.714  -5.666  1.00 25.94 ? 130 LYS A O   1 
ATOM   73   C CB  . LYS A 1 12  ? 17.818  13.031  -6.047  1.00 22.13 ? 130 LYS A CB  1 
ATOM   74   C CG  . LYS A 1 12  ? 19.181  12.949  -5.415  1.00 22.44 ? 130 LYS A CG  1 
ATOM   75   C CD  . LYS A 1 12  ? 20.189  13.485  -6.432  1.00 24.38 ? 130 LYS A CD  1 
ATOM   76   C CE  . LYS A 1 12  ? 21.570  12.831  -6.331  1.00 25.66 ? 130 LYS A CE  1 
ATOM   77   N NZ  . LYS A 1 12  ? 21.611  11.375  -6.738  1.00 27.59 ? 130 LYS A NZ  1 
ATOM   78   N N   . ASN A 1 13  ? 14.960  12.883  -6.937  1.00 22.16 ? 131 ASN A N   1 
ATOM   79   C CA  . ASN A 1 13  ? 13.847  13.450  -7.718  1.00 25.27 ? 131 ASN A CA  1 
ATOM   80   C C   . ASN A 1 13  ? 12.560  12.720  -7.400  1.00 22.55 ? 131 ASN A C   1 
ATOM   81   O O   . ASN A 1 13  ? 11.998  11.982  -8.223  1.00 19.86 ? 131 ASN A O   1 
ATOM   82   C CB  . ASN A 1 13  ? 14.172  13.436  -9.208  1.00 26.90 ? 131 ASN A CB  1 
ATOM   83   C CG  . ASN A 1 13  ? 15.452  14.192  -9.516  1.00 29.40 ? 131 ASN A CG  1 
ATOM   84   O OD1 . ASN A 1 13  ? 15.447  15.409  -9.703  1.00 28.52 ? 131 ASN A OD1 1 
ATOM   85   N ND2 . ASN A 1 13  ? 16.570  13.476  -9.506  1.00 32.84 ? 131 ASN A ND2 1 
ATOM   86   N N   . LEU A 1 14  ? 12.053  13.006  -6.207  1.00 18.62 ? 132 LEU A N   1 
ATOM   87   C CA  . LEU A 1 14  ? 10.897  12.321  -5.746  1.00 16.29 ? 132 LEU A CA  1 
ATOM   88   C C   . LEU A 1 14  ? 9.745   13.165  -5.333  1.00 12.52 ? 132 LEU A C   1 
ATOM   89   O O   . LEU A 1 14  ? 9.872   13.987  -4.447  1.00 14.92 ? 132 LEU A O   1 
ATOM   90   C CB  . LEU A 1 14  ? 11.308  11.415  -4.603  1.00 14.41 ? 132 LEU A CB  1 
ATOM   91   C CG  . LEU A 1 14  ? 10.439  10.175  -4.421  1.00 12.29 ? 132 LEU A CG  1 
ATOM   92   C CD1 . LEU A 1 14  ? 10.491  9.304   -5.677  1.00 9.58  ? 132 LEU A CD1 1 
ATOM   93   C CD2 . LEU A 1 14  ? 10.977  9.447   -3.190  1.00 13.97 ? 132 LEU A CD2 1 
ATOM   94   N N   . SER A 1 15  ? 8.606   12.936  -5.982  1.00 16.32 ? 133 SER A N   1 
ATOM   95   C CA  . SER A 1 15  ? 7.358   13.645  -5.656  1.00 18.53 ? 133 SER A CA  1 
ATOM   96   C C   . SER A 1 15  ? 6.678   12.918  -4.479  1.00 16.77 ? 133 SER A C   1 
ATOM   97   O O   . SER A 1 15  ? 7.115   11.841  -4.060  1.00 16.32 ? 133 SER A O   1 
ATOM   98   C CB  . SER A 1 15  ? 6.408   13.640  -6.877  1.00 17.60 ? 133 SER A CB  1 
ATOM   99   O OG  . SER A 1 15  ? 6.069   12.321  -7.313  1.00 16.15 ? 133 SER A OG  1 
ATOM   100  N N   . ARG A 1 16  ? 5.610   13.498  -3.946  1.00 16.46 ? 134 ARG A N   1 
ATOM   101  C CA  . ARG A 1 16  ? 4.866   12.867  -2.852  1.00 15.08 ? 134 ARG A CA  1 
ATOM   102  C C   . ARG A 1 16  ? 4.267   11.581  -3.419  1.00 15.64 ? 134 ARG A C   1 
ATOM   103  O O   . ARG A 1 16  ? 4.433   10.516  -2.841  1.00 20.81 ? 134 ARG A O   1 
ATOM   104  C CB  . ARG A 1 16  ? 3.742   13.812  -2.363  1.00 16.96 ? 134 ARG A CB  1 
ATOM   105  C CG  . ARG A 1 16  ? 3.053   13.475  -1.015  1.00 15.82 ? 134 ARG A CG  1 
ATOM   106  C CD  . ARG A 1 16  ? 2.510   14.781  -0.351  1.00 16.65 ? 134 ARG A CD  1 
ATOM   107  N NE  . ARG A 1 16  ? 1.770   14.572  0.898   1.00 16.21 ? 134 ARG A NE  1 
ATOM   108  C CZ  . ARG A 1 16  ? 0.669   13.836  0.982   1.00 17.49 ? 134 ARG A CZ  1 
ATOM   109  N NH1 . ARG A 1 16  ? 0.189   13.258  -0.116  1.00 16.69 ? 134 ARG A NH1 1 
ATOM   110  N NH2 . ARG A 1 16  ? 0.094   13.618  2.164   1.00 16.29 ? 134 ARG A NH2 1 
ATOM   111  N N   . LYS A 1 17  ? 3.641   11.689  -4.592  1.00 15.12 ? 135 LYS A N   1 
ATOM   112  C CA  . LYS A 1 17  ? 3.009   10.555  -5.269  1.00 16.02 ? 135 LYS A CA  1 
ATOM   113  C C   . LYS A 1 17  ? 3.976   9.421   -5.531  1.00 14.60 ? 135 LYS A C   1 
ATOM   114  O O   . LYS A 1 17  ? 3.697   8.285   -5.183  1.00 20.36 ? 135 LYS A O   1 
ATOM   115  C CB  . LYS A 1 17  ? 2.366   10.997  -6.604  1.00 19.78 ? 135 LYS A CB  1 
ATOM   116  C CG  . LYS A 1 17  ? 1.812   9.824   -7.466  1.00 21.84 ? 135 LYS A CG  1 
ATOM   117  C CD  . LYS A 1 17  ? 0.596   10.179  -8.363  1.00 23.90 ? 135 LYS A CD  1 
ATOM   118  C CE  . LYS A 1 17  ? 0.187   8.959   -9.210  1.00 28.52 ? 135 LYS A CE  1 
ATOM   119  N NZ  . LYS A 1 17  ? -0.964  9.134   -10.171 1.00 30.56 ? 135 LYS A NZ  1 
ATOM   120  N N   . ASP A 1 18  ? 5.112   9.733   -6.141  1.00 15.93 ? 136 ASP A N   1 
ATOM   121  C CA  . ASP A 1 18  ? 6.125   8.727   -6.465  1.00 14.35 ? 136 ASP A CA  1 
ATOM   122  C C   . ASP A 1 18  ? 6.798   8.180   -5.237  1.00 14.63 ? 136 ASP A C   1 
ATOM   123  O O   . ASP A 1 18  ? 7.314   7.051   -5.265  1.00 13.01 ? 136 ASP A O   1 
ATOM   124  C CB  . ASP A 1 18  ? 7.184   9.289   -7.409  1.00 15.71 ? 136 ASP A CB  1 
ATOM   125  C CG  . ASP A 1 18  ? 6.755   9.264   -8.876  1.00 18.20 ? 136 ASP A CG  1 
ATOM   126  O OD1 . ASP A 1 18  ? 5.636   8.786   -9.214  1.00 17.49 ? 136 ASP A OD1 1 
ATOM   127  O OD2 . ASP A 1 18  ? 7.574   9.712   -9.700  1.00 20.61 ? 136 ASP A OD2 1 
ATOM   128  N N   . ALA A 1 19  ? 6.833   8.996   -4.183  1.00 10.73 ? 137 ALA A N   1 
ATOM   129  C CA  . ALA A 1 19  ? 7.395   8.580   -2.916  1.00 13.21 ? 137 ALA A CA  1 
ATOM   130  C C   . ALA A 1 19  ? 6.472   7.481   -2.437  1.00 16.05 ? 137 ALA A C   1 
ATOM   131  O O   . ALA A 1 19  ? 6.919   6.377   -2.150  1.00 15.94 ? 137 ALA A O   1 
ATOM   132  C CB  . ALA A 1 19  ? 7.390   9.739   -1.912  1.00 15.09 ? 137 ALA A CB  1 
ATOM   133  N N   . GLU A 1 20  ? 5.166   7.757   -2.451  1.00 17.49 ? 138 GLU A N   1 
ATOM   134  C CA  . GLU A 1 20  ? 4.200   6.777   -1.998  1.00 19.71 ? 138 GLU A CA  1 
ATOM   135  C C   . GLU A 1 20  ? 4.286   5.445   -2.756  1.00 17.01 ? 138 GLU A C   1 
ATOM   136  O O   . GLU A 1 20  ? 4.212   4.366   -2.167  1.00 11.27 ? 138 GLU A O   1 
ATOM   137  C CB  . GLU A 1 20  ? 2.773   7.315   -2.059  1.00 22.38 ? 138 GLU A CB  1 
ATOM   138  C CG  . GLU A 1 20  ? 1.787   6.360   -1.295  1.00 27.98 ? 138 GLU A CG  1 
ATOM   139  C CD  . GLU A 1 20  ? 0.366   6.903   -1.204  1.00 30.55 ? 138 GLU A CD  1 
ATOM   140  O OE1 . GLU A 1 20  ? 0.178   8.147   -1.149  1.00 31.28 ? 138 GLU A OE1 1 
ATOM   141  O OE2 . GLU A 1 20  ? -0.562  6.074   -1.123  1.00 30.73 ? 138 GLU A OE2 1 
ATOM   142  N N   . ARG A 1 21  ? 4.397   5.529   -4.077  1.00 18.78 ? 139 ARG A N   1 
ATOM   143  C CA  . ARG A 1 21  ? 4.506   4.341   -4.910  1.00 16.88 ? 139 ARG A CA  1 
ATOM   144  C C   . ARG A 1 21  ? 5.677   3.536   -4.436  1.00 13.81 ? 139 ARG A C   1 
ATOM   145  O O   . ARG A 1 21  ? 5.550   2.330   -4.290  1.00 19.65 ? 139 ARG A O   1 
ATOM   146  C CB  . ARG A 1 21  ? 4.689   4.692   -6.397  1.00 22.65 ? 139 ARG A CB  1 
ATOM   147  C CG  . ARG A 1 21  ? 3.391   4.964   -7.170  1.00 27.21 ? 139 ARG A CG  1 
ATOM   148  C CD  . ARG A 1 21  ? 3.632   4.926   -8.693  1.00 29.08 ? 139 ARG A CD  1 
ATOM   149  N NE  . ARG A 1 21  ? 2.604   4.185   -9.447  1.00 33.29 ? 139 ARG A NE  1 
ATOM   150  C CZ  . ARG A 1 21  ? 1.282   4.401   -9.375  1.00 35.77 ? 139 ARG A CZ  1 
ATOM   151  N NH1 . ARG A 1 21  ? 0.776   5.332   -8.558  1.00 35.23 ? 139 ARG A NH1 1 
ATOM   152  N NH2 . ARG A 1 21  ? 0.459   3.773   -10.214 1.00 33.49 ? 139 ARG A NH2 1 
ATOM   153  N N   . GLN A 1 22  ? 6.800   4.198   -4.160  1.00 11.55 ? 140 GLN A N   1 
ATOM   154  C CA  . GLN A 1 22  ? 8.011   3.511   -3.674  1.00 13.15 ? 140 GLN A CA  1 
ATOM   155  C C   . GLN A 1 22  ? 7.754   2.724   -2.403  1.00 12.15 ? 140 GLN A C   1 
ATOM   156  O O   . GLN A 1 22  ? 8.006   1.532   -2.357  1.00 15.20 ? 140 GLN A O   1 
ATOM   157  C CB  . GLN A 1 22  ? 9.170   4.490   -3.373  1.00 14.19 ? 140 GLN A CB  1 
ATOM   158  C CG  . GLN A 1 22  ? 9.844   5.133   -4.600  1.00 15.77 ? 140 GLN A CG  1 
ATOM   159  C CD  . GLN A 1 22  ? 11.268  5.645   -4.343  1.00 14.90 ? 140 GLN A CD  1 
ATOM   160  O OE1 . GLN A 1 22  ? 11.761  5.704   -3.198  1.00 15.44 ? 140 GLN A OE1 1 
ATOM   161  N NE2 . GLN A 1 22  ? 11.946  5.988   -5.425  1.00 12.44 ? 140 GLN A NE2 1 
ATOM   162  N N   . LEU A 1 23  ? 7.252   3.395   -1.373  1.00 14.38 ? 141 LEU A N   1 
ATOM   163  C CA  . LEU A 1 23  ? 7.019   2.736   -0.096  1.00 16.41 ? 141 LEU A CA  1 
ATOM   164  C C   . LEU A 1 23  ? 5.956   1.632   -0.097  1.00 13.03 ? 141 LEU A C   1 
ATOM   165  O O   . LEU A 1 23  ? 6.131   0.625   0.562   1.00 15.45 ? 141 LEU A O   1 
ATOM   166  C CB  . LEU A 1 23  ? 6.791   3.768   1.025   1.00 16.22 ? 141 LEU A CB  1 
ATOM   167  C CG  . LEU A 1 23  ? 8.025   4.540   1.530   1.00 15.06 ? 141 LEU A CG  1 
ATOM   168  C CD1 . LEU A 1 23  ? 7.615   5.865   2.160   1.00 15.62 ? 141 LEU A CD1 1 
ATOM   169  C CD2 . LEU A 1 23  ? 8.806   3.713   2.494   1.00 8.47  ? 141 LEU A CD2 1 
ATOM   170  N N   . LEU A 1 24  ? 4.893   1.783   -0.873  1.00 13.67 ? 142 LEU A N   1 
ATOM   171  C CA  . LEU A 1 24  ? 3.857   0.767   -0.924  1.00 12.25 ? 142 LEU A CA  1 
ATOM   172  C C   . LEU A 1 24  ? 4.232   -0.448  -1.772  1.00 9.06  ? 142 LEU A C   1 
ATOM   173  O O   . LEU A 1 24  ? 3.568   -1.465  -1.714  1.00 12.86 ? 142 LEU A O   1 
ATOM   174  C CB  . LEU A 1 24  ? 2.519   1.382   -1.355  1.00 18.47 ? 142 LEU A CB  1 
ATOM   175  C CG  . LEU A 1 24  ? 1.888   2.324   -0.329  1.00 20.08 ? 142 LEU A CG  1 
ATOM   176  C CD1 . LEU A 1 24  ? 0.676   3.043   -0.919  1.00 22.47 ? 142 LEU A CD1 1 
ATOM   177  C CD2 . LEU A 1 24  ? 1.565   1.524   0.952   1.00 23.64 ? 142 LEU A CD2 1 
ATOM   178  N N   . ALA A 1 25  ? 5.299   -0.352  -2.553  1.00 13.67 ? 143 ALA A N   1 
ATOM   179  C CA  . ALA A 1 25  ? 5.764   -1.485  -3.352  1.00 13.55 ? 143 ALA A CA  1 
ATOM   180  C C   . ALA A 1 25  ? 6.303   -2.631  -2.438  1.00 14.84 ? 143 ALA A C   1 
ATOM   181  O O   . ALA A 1 25  ? 6.570   -2.420  -1.246  1.00 16.68 ? 143 ALA A O   1 
ATOM   182  C CB  . ALA A 1 25  ? 6.847   -1.015  -4.332  1.00 14.40 ? 143 ALA A CB  1 
ATOM   183  N N   . PRO A 1 26  ? 6.484   -3.852  -2.986  1.00 15.23 ? 144 PRO A N   1 
ATOM   184  C CA  . PRO A 1 26  ? 6.988   -4.951  -2.153  1.00 17.45 ? 144 PRO A CA  1 
ATOM   185  C C   . PRO A 1 26  ? 8.389   -4.716  -1.586  1.00 15.99 ? 144 PRO A C   1 
ATOM   186  O O   . PRO A 1 26  ? 9.236   -4.058  -2.198  1.00 14.83 ? 144 PRO A O   1 
ATOM   187  C CB  . PRO A 1 26  ? 6.939   -6.145  -3.094  1.00 17.86 ? 144 PRO A CB  1 
ATOM   188  C CG  . PRO A 1 26  ? 7.149   -5.528  -4.442  1.00 17.73 ? 144 PRO A CG  1 
ATOM   189  C CD  . PRO A 1 26  ? 6.258   -4.316  -4.365  1.00 13.88 ? 144 PRO A CD  1 
ATOM   190  N N   . GLY A 1 27  ? 8.616   -5.259  -0.400  1.00 12.58 ? 145 GLY A N   1 
ATOM   191  C CA  . GLY A 1 27  ? 9.876   -5.073  0.267   1.00 12.20 ? 145 GLY A CA  1 
ATOM   192  C C   . GLY A 1 27  ? 9.688   -4.262  1.521   1.00 11.72 ? 145 GLY A C   1 
ATOM   193  O O   . GLY A 1 27  ? 10.146  -4.675  2.577   1.00 16.06 ? 145 GLY A O   1 
ATOM   194  N N   . ASN A 1 28  ? 8.915   -3.184  1.436   1.00 13.93 ? 146 ASN A N   1 
ATOM   195  C CA  . ASN A 1 28  ? 8.726   -2.315  2.586   1.00 14.75 ? 146 ASN A CA  1 
ATOM   196  C C   . ASN A 1 28  ? 7.791   -2.802  3.692   1.00 12.12 ? 146 ASN A C   1 
ATOM   197  O O   . ASN A 1 28  ? 6.824   -3.465  3.427   1.00 12.92 ? 146 ASN A O   1 
ATOM   198  C CB  . ASN A 1 28  ? 8.344   -0.914  2.086   1.00 15.46 ? 146 ASN A CB  1 
ATOM   199  C CG  . ASN A 1 28  ? 9.371   -0.356  1.122   1.00 13.22 ? 146 ASN A CG  1 
ATOM   200  O OD1 . ASN A 1 28  ? 10.481  -0.017  1.530   1.00 13.17 ? 146 ASN A OD1 1 
ATOM   201  N ND2 . ASN A 1 28  ? 9.034   -0.312  -0.166  1.00 12.36 ? 146 ASN A ND2 1 
ATOM   202  N N   . THR A 1 29  ? 8.106   -2.468  4.939   1.00 16.54 ? 147 THR A N   1 
ATOM   203  C CA  . THR A 1 29  ? 7.310   -2.844  6.103   1.00 16.36 ? 147 THR A CA  1 
ATOM   204  C C   . THR A 1 29  ? 7.093   -1.520  6.855   1.00 17.91 ? 147 THR A C   1 
ATOM   205  O O   . THR A 1 29  ? 7.610   -0.468  6.458   1.00 22.17 ? 147 THR A O   1 
ATOM   206  C CB  . THR A 1 29  ? 8.113   -3.860  6.983   1.00 19.97 ? 147 THR A CB  1 
ATOM   207  O OG1 . THR A 1 29  ? 8.179   -5.140  6.329   1.00 21.06 ? 147 THR A OG1 1 
ATOM   208  C CG2 . THR A 1 29  ? 7.491   -4.059  8.344   1.00 24.07 ? 147 THR A CG2 1 
ATOM   209  N N   . HIS A 1 30  ? 6.275   -1.523  7.893   1.00 17.65 ? 148 HIS A N   1 
ATOM   210  C CA  . HIS A 1 30  ? 6.059   -0.304  8.658   1.00 15.88 ? 148 HIS A CA  1 
ATOM   211  C C   . HIS A 1 30  ? 7.398   0.232   9.154   1.00 14.39 ? 148 HIS A C   1 
ATOM   212  O O   . HIS A 1 30  ? 8.304   -0.548  9.449   1.00 11.94 ? 148 HIS A O   1 
ATOM   213  C CB  . HIS A 1 30  ? 5.124   -0.588  9.816   1.00 13.32 ? 148 HIS A CB  1 
ATOM   214  C CG  . HIS A 1 30  ? 3.774   -1.049  9.374   1.00 17.12 ? 148 HIS A CG  1 
ATOM   215  N ND1 . HIS A 1 30  ? 3.367   -0.975  8.060   1.00 16.21 ? 148 HIS A ND1 1 
ATOM   216  C CD2 . HIS A 1 30  ? 2.725   -1.545  10.070  1.00 16.43 ? 148 HIS A CD2 1 
ATOM   217  C CE1 . HIS A 1 30  ? 2.117   -1.401  7.966   1.00 15.78 ? 148 HIS A CE1 1 
ATOM   218  N NE2 . HIS A 1 30  ? 1.711   -1.750  9.169   1.00 18.83 ? 148 HIS A NE2 1 
ATOM   219  N N   . GLY A 1 31  ? 7.537   1.550   9.218   1.00 11.45 ? 149 GLY A N   1 
ATOM   220  C CA  . GLY A 1 31  ? 8.800   2.113   9.659   1.00 18.37 ? 149 GLY A CA  1 
ATOM   221  C C   . GLY A 1 31  ? 9.770   2.324   8.499   1.00 16.99 ? 149 GLY A C   1 
ATOM   222  O O   . GLY A 1 31  ? 10.768  3.028   8.647   1.00 13.76 ? 149 GLY A O   1 
ATOM   223  N N   . SER A 1 32  ? 9.504   1.689   7.356   1.00 16.37 ? 150 SER A N   1 
ATOM   224  C CA  . SER A 1 32  ? 10.349  1.860   6.189   1.00 13.61 ? 150 SER A CA  1 
ATOM   225  C C   . SER A 1 32  ? 10.203  3.329   5.805   1.00 15.93 ? 150 SER A C   1 
ATOM   226  O O   . SER A 1 32  ? 9.098   3.898   5.897   1.00 17.58 ? 150 SER A O   1 
ATOM   227  C CB  . SER A 1 32  ? 9.930   0.906   5.081   1.00 15.41 ? 150 SER A CB  1 
ATOM   228  O OG  . SER A 1 32  ? 10.202  -0.426  5.484   1.00 14.63 ? 150 SER A OG  1 
ATOM   229  N N   . PHE A 1 33  ? 11.294  3.955   5.378   1.00 12.82 ? 151 PHE A N   1 
ATOM   230  C CA  . PHE A 1 33  ? 11.223  5.382   5.131   1.00 12.23 ? 151 PHE A CA  1 
ATOM   231  C C   . PHE A 1 33  ? 12.135  5.997   4.097   1.00 8.66  ? 151 PHE A C   1 
ATOM   232  O O   . PHE A 1 33  ? 13.014  5.346   3.541   1.00 12.43 ? 151 PHE A O   1 
ATOM   233  C CB  . PHE A 1 33  ? 11.509  6.098   6.462   1.00 12.40 ? 151 PHE A CB  1 
ATOM   234  C CG  . PHE A 1 33  ? 12.957  6.025   6.878   1.00 12.79 ? 151 PHE A CG  1 
ATOM   235  C CD1 . PHE A 1 33  ? 13.550  4.812   7.141   1.00 11.00 ? 151 PHE A CD1 1 
ATOM   236  C CD2 . PHE A 1 33  ? 13.742  7.175   6.990   1.00 13.73 ? 151 PHE A CD2 1 
ATOM   237  C CE1 . PHE A 1 33  ? 14.893  4.727   7.505   1.00 9.74  ? 151 PHE A CE1 1 
ATOM   238  C CE2 . PHE A 1 33  ? 15.083  7.077   7.353   1.00 14.03 ? 151 PHE A CE2 1 
ATOM   239  C CZ  . PHE A 1 33  ? 15.649  5.857   7.604   1.00 13.84 ? 151 PHE A CZ  1 
ATOM   240  N N   . LEU A 1 34  ? 11.926  7.299   3.902   1.00 8.93  ? 152 LEU A N   1 
ATOM   241  C CA  . LEU A 1 34  ? 12.713  8.121   3.010   1.00 11.99 ? 152 LEU A CA  1 
ATOM   242  C C   . LEU A 1 34  ? 12.518  9.588   3.354   1.00 12.97 ? 152 LEU A C   1 
ATOM   243  O O   . LEU A 1 34  ? 11.519  9.978   3.956   1.00 13.47 ? 152 LEU A O   1 
ATOM   244  C CB  . LEU A 1 34  ? 12.333  7.887   1.542   1.00 10.68 ? 152 LEU A CB  1 
ATOM   245  C CG  . LEU A 1 34  ? 10.915  8.181   1.043   1.00 12.49 ? 152 LEU A CG  1 
ATOM   246  C CD1 . LEU A 1 34  ? 10.809  9.572   0.388   1.00 11.14 ? 152 LEU A CD1 1 
ATOM   247  C CD2 . LEU A 1 34  ? 10.538  7.090   0.056   1.00 9.77  ? 152 LEU A CD2 1 
ATOM   248  N N   . ILE A 1 35  ? 13.532  10.383  3.066   1.00 13.89 ? 153 ILE A N   1 
ATOM   249  C CA  . ILE A 1 35  ? 13.433  11.818  3.249   1.00 14.45 ? 153 ILE A CA  1 
ATOM   250  C C   . ILE A 1 35  ? 13.568  12.300  1.795   1.00 16.73 ? 153 ILE A C   1 
ATOM   251  O O   . ILE A 1 35  ? 14.223  11.658  0.947   1.00 13.17 ? 153 ILE A O   1 
ATOM   252  C CB  . ILE A 1 35  ? 14.547  12.423  4.164   1.00 15.37 ? 153 ILE A CB  1 
ATOM   253  C CG1 . ILE A 1 35  ? 14.247  12.135  5.633   1.00 11.38 ? 153 ILE A CG1 1 
ATOM   254  C CG2 . ILE A 1 35  ? 14.534  13.937  4.060   1.00 16.38 ? 153 ILE A CG2 1 
ATOM   255  C CD1 . ILE A 1 35  ? 15.335  12.557  6.627   1.00 11.95 ? 153 ILE A CD1 1 
ATOM   256  N N   . ARG A 1 36  ? 12.848  13.365  1.480   1.00 17.56 ? 154 ARG A N   1 
ATOM   257  C CA  . ARG A 1 36  ? 12.878  13.910  0.145   1.00 20.57 ? 154 ARG A CA  1 
ATOM   258  C C   . ARG A 1 36  ? 12.744  15.418  0.242   1.00 18.55 ? 154 ARG A C   1 
ATOM   259  O O   . ARG A 1 36  ? 12.253  15.962  1.239   1.00 19.76 ? 154 ARG A O   1 
ATOM   260  C CB  . ARG A 1 36  ? 11.711  13.341  -0.668  1.00 18.36 ? 154 ARG A CB  1 
ATOM   261  C CG  . ARG A 1 36  ? 10.371  13.578  -0.032  1.00 17.06 ? 154 ARG A CG  1 
ATOM   262  C CD  . ARG A 1 36  ? 9.338   12.645  -0.633  1.00 19.97 ? 154 ARG A CD  1 
ATOM   263  N NE  . ARG A 1 36  ? 8.086   12.702  0.109   1.00 20.59 ? 154 ARG A NE  1 
ATOM   264  C CZ  . ARG A 1 36  ? 7.181   13.672  0.008   1.00 16.98 ? 154 ARG A CZ  1 
ATOM   265  N NH1 . ARG A 1 36  ? 7.361   14.683  -0.817  1.00 11.46 ? 154 ARG A NH1 1 
ATOM   266  N NH2 . ARG A 1 36  ? 6.115   13.656  0.790   1.00 15.85 ? 154 ARG A NH2 1 
ATOM   267  N N   . GLU A 1 37  ? 13.168  16.103  -0.797  1.00 17.80 ? 155 GLU A N   1 
ATOM   268  C CA  . GLU A 1 37  ? 13.033  17.529  -0.765  1.00 18.77 ? 155 GLU A CA  1 
ATOM   269  C C   . GLU A 1 37  ? 11.884  17.877  -1.681  1.00 18.03 ? 155 GLU A C   1 
ATOM   270  O O   . GLU A 1 37  ? 11.501  17.064  -2.518  1.00 14.23 ? 155 GLU A O   1 
ATOM   271  C CB  . GLU A 1 37  ? 14.318  18.191  -1.238  1.00 22.62 ? 155 GLU A CB  1 
ATOM   272  C CG  . GLU A 1 37  ? 14.265  19.698  -1.287  1.00 20.55 ? 155 GLU A CG  1 
ATOM   273  C CD  . GLU A 1 37  ? 15.626  20.274  -1.522  1.00 22.52 ? 155 GLU A CD  1 
ATOM   274  O OE1 . GLU A 1 37  ? 16.063  20.267  -2.685  1.00 15.27 ? 155 GLU A OE1 1 
ATOM   275  O OE2 . GLU A 1 37  ? 16.256  20.701  -0.525  1.00 24.20 ? 155 GLU A OE2 1 
ATOM   276  N N   . SER A 1 38  ? 11.359  19.088  -1.504  1.00 16.94 ? 156 SER A N   1 
ATOM   277  C CA  . SER A 1 38  ? 10.264  19.633  -2.270  1.00 15.16 ? 156 SER A CA  1 
ATOM   278  C C   . SER A 1 38  ? 10.737  19.945  -3.671  1.00 19.00 ? 156 SER A C   1 
ATOM   279  O O   . SER A 1 38  ? 11.730  20.660  -3.859  1.00 18.05 ? 156 SER A O   1 
ATOM   280  C CB  . SER A 1 38  ? 9.787   20.932  -1.643  1.00 11.74 ? 156 SER A CB  1 
ATOM   281  O OG  . SER A 1 38  ? 9.563   20.772  -0.258  1.00 25.34 ? 156 SER A OG  1 
ATOM   282  N N   . GLU A 1 39  ? 9.950   19.498  -4.644  1.00 21.74 ? 157 GLU A N   1 
ATOM   283  C CA  . GLU A 1 39  ? 10.245  19.720  -6.047  1.00 20.14 ? 157 GLU A CA  1 
ATOM   284  C C   . GLU A 1 39  ? 10.166  21.188  -6.453  1.00 21.99 ? 157 GLU A C   1 
ATOM   285  O O   . GLU A 1 39  ? 10.871  21.602  -7.374  1.00 25.78 ? 157 GLU A O   1 
ATOM   286  C CB  . GLU A 1 39  ? 9.325   18.878  -6.903  1.00 21.53 ? 157 GLU A CB  1 
ATOM   287  C CG  . GLU A 1 39  ? 9.377   17.436  -6.521  1.00 18.66 ? 157 GLU A CG  1 
ATOM   288  C CD  . GLU A 1 39  ? 8.691   16.570  -7.522  1.00 22.58 ? 157 GLU A CD  1 
ATOM   289  O OE1 . GLU A 1 39  ? 7.440   16.474  -7.487  1.00 20.20 ? 157 GLU A OE1 1 
ATOM   290  O OE2 . GLU A 1 39  ? 9.422   15.992  -8.355  1.00 27.40 ? 157 GLU A OE2 1 
ATOM   291  N N   . SER A 1 40  ? 9.330   21.981  -5.791  1.00 17.46 ? 158 SER A N   1 
ATOM   292  C CA  . SER A 1 40  ? 9.252   23.418  -6.133  1.00 22.41 ? 158 SER A CA  1 
ATOM   293  C C   . SER A 1 40  ? 9.862   24.397  -5.112  1.00 22.53 ? 158 SER A C   1 
ATOM   294  O O   . SER A 1 40  ? 9.822   25.620  -5.313  1.00 24.14 ? 158 SER A O   1 
ATOM   295  C CB  . SER A 1 40  ? 7.816   23.844  -6.486  1.00 21.22 ? 158 SER A CB  1 
ATOM   296  O OG  . SER A 1 40  ? 6.853   23.194  -5.674  1.00 20.31 ? 158 SER A OG  1 
ATOM   297  N N   . THR A 1 41  ? 10.453  23.867  -4.042  1.00 20.09 ? 159 THR A N   1 
ATOM   298  C CA  . THR A 1 41  ? 11.055  24.711  -3.015  1.00 18.90 ? 159 THR A CA  1 
ATOM   299  C C   . THR A 1 41  ? 12.292  24.053  -2.388  1.00 14.94 ? 159 THR A C   1 
ATOM   300  O O   . THR A 1 41  ? 12.232  22.997  -1.752  1.00 8.84  ? 159 THR A O   1 
ATOM   301  C CB  . THR A 1 41  ? 9.977   25.277  -1.997  1.00 20.64 ? 159 THR A CB  1 
ATOM   302  O OG1 . THR A 1 41  ? 10.495  25.363  -0.653  1.00 22.98 ? 159 THR A OG1 1 
ATOM   303  C CG2 . THR A 1 41  ? 8.662   24.497  -2.071  1.00 21.83 ? 159 THR A CG2 1 
ATOM   304  N N   . ALA A 1 42  ? 13.437  24.639  -2.730  1.00 14.62 ? 160 ALA A N   1 
ATOM   305  C CA  . ALA A 1 42  ? 14.742  24.174  -2.289  1.00 11.30 ? 160 ALA A CA  1 
ATOM   306  C C   . ALA A 1 42  ? 15.016  24.329  -0.803  1.00 11.52 ? 160 ALA A C   1 
ATOM   307  O O   . ALA A 1 42  ? 14.878  25.412  -0.247  1.00 14.25 ? 160 ALA A O   1 
ATOM   308  C CB  . ALA A 1 42  ? 15.832  24.866  -3.101  1.00 11.12 ? 160 ALA A CB  1 
ATOM   309  N N   . GLY A 1 43  ? 15.404  23.227  -0.173  1.00 10.27 ? 161 GLY A N   1 
ATOM   310  C CA  . GLY A 1 43  ? 15.735  23.256  1.244   1.00 14.05 ? 161 GLY A CA  1 
ATOM   311  C C   . GLY A 1 43  ? 14.615  22.785  2.147   1.00 14.11 ? 161 GLY A C   1 
ATOM   312  O O   . GLY A 1 43  ? 14.787  22.701  3.365   1.00 15.47 ? 161 GLY A O   1 
ATOM   313  N N   . SER A 1 44  ? 13.464  22.489  1.543   1.00 12.52 ? 162 SER A N   1 
ATOM   314  C CA  . SER A 1 44  ? 12.293  22.007  2.263   1.00 12.69 ? 162 SER A CA  1 
ATOM   315  C C   . SER A 1 44  ? 12.223  20.505  2.092   1.00 10.35 ? 162 SER A C   1 
ATOM   316  O O   . SER A 1 44  ? 12.171  20.010  0.970   1.00 12.64 ? 162 SER A O   1 
ATOM   317  C CB  . SER A 1 44  ? 11.039  22.640  1.695   1.00 15.63 ? 162 SER A CB  1 
ATOM   318  O OG  . SER A 1 44  ? 11.143  24.040  1.807   1.00 19.74 ? 162 SER A OG  1 
ATOM   319  N N   . PHE A 1 45  ? 12.244  19.791  3.207   1.00 10.57 ? 163 PHE A N   1 
ATOM   320  C CA  . PHE A 1 45  ? 12.197  18.348  3.194   1.00 12.64 ? 163 PHE A CA  1 
ATOM   321  C C   . PHE A 1 45  ? 10.976  17.768  3.863   1.00 14.90 ? 163 PHE A C   1 
ATOM   322  O O   . PHE A 1 45  ? 10.269  18.431  4.631   1.00 16.71 ? 163 PHE A O   1 
ATOM   323  C CB  . PHE A 1 45  ? 13.443  17.800  3.856   1.00 13.97 ? 163 PHE A CB  1 
ATOM   324  C CG  . PHE A 1 45  ? 14.697  18.401  3.311   1.00 16.72 ? 163 PHE A CG  1 
ATOM   325  C CD1 . PHE A 1 45  ? 15.244  17.923  2.131   1.00 18.28 ? 163 PHE A CD1 1 
ATOM   326  C CD2 . PHE A 1 45  ? 15.273  19.514  3.932   1.00 18.14 ? 163 PHE A CD2 1 
ATOM   327  C CE1 . PHE A 1 45  ? 16.332  18.543  1.573   1.00 21.74 ? 163 PHE A CE1 1 
ATOM   328  C CE2 . PHE A 1 45  ? 16.359  20.144  3.391   1.00 16.16 ? 163 PHE A CE2 1 
ATOM   329  C CZ  . PHE A 1 45  ? 16.892  19.666  2.209   1.00 21.97 ? 163 PHE A CZ  1 
ATOM   330  N N   . SER A 1 46  ? 10.741  16.502  3.564   1.00 15.83 ? 164 SER A N   1 
ATOM   331  C CA  . SER A 1 46  ? 9.619   15.787  4.125   1.00 16.22 ? 164 SER A CA  1 
ATOM   332  C C   . SER A 1 46  ? 10.083  14.342  4.299   1.00 15.07 ? 164 SER A C   1 
ATOM   333  O O   . SER A 1 46  ? 11.043  13.885  3.654   1.00 12.16 ? 164 SER A O   1 
ATOM   334  C CB  . SER A 1 46  ? 8.382   15.879  3.204   1.00 15.69 ? 164 SER A CB  1 
ATOM   335  O OG  . SER A 1 46  ? 8.023   17.233  2.940   1.00 19.60 ? 164 SER A OG  1 
ATOM   336  N N   . LEU A 1 47  ? 9.460   13.692  5.268   1.00 12.48 ? 165 LEU A N   1 
ATOM   337  C CA  . LEU A 1 47  ? 9.719   12.313  5.601   1.00 15.34 ? 165 LEU A CA  1 
ATOM   338  C C   . LEU A 1 47  ? 8.475   11.556  5.141   1.00 14.88 ? 165 LEU A C   1 
ATOM   339  O O   . LEU A 1 47  ? 7.354   12.083  5.153   1.00 18.12 ? 165 LEU A O   1 
ATOM   340  C CB  . LEU A 1 47  ? 9.930   12.179  7.124   1.00 12.95 ? 165 LEU A CB  1 
ATOM   341  C CG  . LEU A 1 47  ? 10.344  10.880  7.831   1.00 8.96  ? 165 LEU A CG  1 
ATOM   342  C CD1 . LEU A 1 47  ? 11.797  10.549  7.672   1.00 5.06  ? 165 LEU A CD1 1 
ATOM   343  C CD2 . LEU A 1 47  ? 10.024  11.042  9.296   1.00 11.83 ? 165 LEU A CD2 1 
ATOM   344  N N   . SER A 1 48  ? 8.693   10.377  4.592   1.00 19.51 ? 166 SER A N   1 
ATOM   345  C CA  . SER A 1 48  ? 7.599   9.542   4.149   1.00 17.20 ? 166 SER A CA  1 
ATOM   346  C C   . SER A 1 48  ? 7.925   8.214   4.777   1.00 16.38 ? 166 SER A C   1 
ATOM   347  O O   . SER A 1 48  ? 9.057   7.730   4.683   1.00 15.61 ? 166 SER A O   1 
ATOM   348  C CB  . SER A 1 48  ? 7.574   9.459   2.637   1.00 18.15 ? 166 SER A CB  1 
ATOM   349  O OG  . SER A 1 48  ? 7.762   10.758  2.108   1.00 24.56 ? 166 SER A OG  1 
ATOM   350  N N   . VAL A 1 49  ? 6.945   7.659   5.474   1.00 17.50 ? 167 VAL A N   1 
ATOM   351  C CA  . VAL A 1 49  ? 7.124   6.404   6.180   1.00 16.24 ? 167 VAL A CA  1 
ATOM   352  C C   . VAL A 1 49  ? 5.930   5.484   5.963   1.00 13.57 ? 167 VAL A C   1 
ATOM   353  O O   . VAL A 1 49  ? 4.781   5.902   6.107   1.00 13.64 ? 167 VAL A O   1 
ATOM   354  C CB  . VAL A 1 49  ? 7.288   6.691   7.720   1.00 13.46 ? 167 VAL A CB  1 
ATOM   355  C CG1 . VAL A 1 49  ? 7.535   5.429   8.494   1.00 14.77 ? 167 VAL A CG1 1 
ATOM   356  C CG2 . VAL A 1 49  ? 8.389   7.713   7.972   1.00 13.94 ? 167 VAL A CG2 1 
ATOM   357  N N   . ARG A 1 50  ? 6.218   4.242   5.592   1.00 11.07 ? 168 ARG A N   1 
ATOM   358  C CA  . ARG A 1 50  ? 5.205   3.190   5.392   1.00 13.65 ? 168 ARG A CA  1 
ATOM   359  C C   . ARG A 1 50  ? 4.612   2.823   6.769   1.00 15.56 ? 168 ARG A C   1 
ATOM   360  O O   . ARG A 1 50  ? 5.354   2.614   7.740   1.00 13.61 ? 168 ARG A O   1 
ATOM   361  C CB  . ARG A 1 50  ? 5.887   1.944   4.757   1.00 11.50 ? 168 ARG A CB  1 
ATOM   362  C CG  . ARG A 1 50  ? 5.121   0.633   4.789   1.00 11.43 ? 168 ARG A CG  1 
ATOM   363  C CD  . ARG A 1 50  ? 4.391   0.321   3.472   1.00 16.26 ? 168 ARG A CD  1 
ATOM   364  N NE  . ARG A 1 50  ? 4.053   -1.099  3.357   1.00 13.54 ? 168 ARG A NE  1 
ATOM   365  C CZ  . ARG A 1 50  ? 4.118   -1.828  2.241   1.00 14.26 ? 168 ARG A CZ  1 
ATOM   366  N NH1 . ARG A 1 50  ? 4.523   -1.300  1.114   1.00 13.18 ? 168 ARG A NH1 1 
ATOM   367  N NH2 . ARG A 1 50  ? 3.742   -3.099  2.249   1.00 14.32 ? 168 ARG A NH2 1 
ATOM   368  N N   . ASP A 1 51  ? 3.290   2.742   6.859   1.00 14.66 ? 169 ASP A N   1 
ATOM   369  C CA  . ASP A 1 51  ? 2.662   2.383   8.119   1.00 17.76 ? 169 ASP A CA  1 
ATOM   370  C C   . ASP A 1 51  ? 1.238   1.874   7.923   1.00 16.78 ? 169 ASP A C   1 
ATOM   371  O O   . ASP A 1 51  ? 0.884   1.397   6.855   1.00 16.23 ? 169 ASP A O   1 
ATOM   372  C CB  . ASP A 1 51  ? 2.692   3.558   9.084   1.00 18.99 ? 169 ASP A CB  1 
ATOM   373  C CG  . ASP A 1 51  ? 2.413   3.136   10.523  1.00 24.70 ? 169 ASP A CG  1 
ATOM   374  O OD1 . ASP A 1 51  ? 2.944   2.095   10.992  1.00 25.80 ? 169 ASP A OD1 1 
ATOM   375  O OD2 . ASP A 1 51  ? 1.633   3.840   11.184  1.00 26.74 ? 169 ASP A OD2 1 
ATOM   376  N N   . PHE A 1 52  ? 0.429   1.911   8.975   1.00 21.23 ? 170 PHE A N   1 
ATOM   377  C CA  . PHE A 1 52  ? -0.951  1.464   8.875   1.00 23.58 ? 170 PHE A CA  1 
ATOM   378  C C   . PHE A 1 52  ? -1.937  2.335   9.686   1.00 25.60 ? 170 PHE A C   1 
ATOM   379  O O   . PHE A 1 52  ? -1.883  2.376   10.920  1.00 27.33 ? 170 PHE A O   1 
ATOM   380  C CB  . PHE A 1 52  ? -1.038  -0.027  9.276   1.00 22.52 ? 170 PHE A CB  1 
ATOM   381  C CG  . PHE A 1 52  ? -2.399  -0.433  9.815   1.00 20.60 ? 170 PHE A CG  1 
ATOM   382  C CD1 . PHE A 1 52  ? -3.416  -0.782  8.958   1.00 18.81 ? 170 PHE A CD1 1 
ATOM   383  C CD2 . PHE A 1 52  ? -2.646  -0.453  11.175  1.00 20.62 ? 170 PHE A CD2 1 
ATOM   384  C CE1 . PHE A 1 52  ? -4.657  -1.134  9.430   1.00 21.16 ? 170 PHE A CE1 1 
ATOM   385  C CE2 . PHE A 1 52  ? -3.885  -0.806  11.673  1.00 16.50 ? 170 PHE A CE2 1 
ATOM   386  C CZ  . PHE A 1 52  ? -4.891  -1.141  10.799  1.00 18.80 ? 170 PHE A CZ  1 
ATOM   387  N N   . ASP A 1 53  ? -2.867  2.969   8.980   1.00 28.02 ? 171 ASP A N   1 
ATOM   388  C CA  . ASP A 1 53  ? -3.907  3.844   9.553   1.00 26.72 ? 171 ASP A CA  1 
ATOM   389  C C   . ASP A 1 53  ? -5.148  3.012   9.873   1.00 24.93 ? 171 ASP A C   1 
ATOM   390  O O   . ASP A 1 53  ? -5.741  2.425   8.963   1.00 26.61 ? 171 ASP A O   1 
ATOM   391  C CB  . ASP A 1 53  ? -4.319  4.903   8.504   1.00 28.02 ? 171 ASP A CB  1 
ATOM   392  C CG  . ASP A 1 53  ? -4.483  6.340   9.082   1.00 28.19 ? 171 ASP A CG  1 
ATOM   393  O OD1 . ASP A 1 53  ? -5.232  6.565   10.080  1.00 25.42 ? 171 ASP A OD1 1 
ATOM   394  O OD2 . ASP A 1 53  ? -3.883  7.266   8.474   1.00 25.39 ? 171 ASP A OD2 1 
ATOM   395  N N   . GLN A 1 54  ? -5.528  2.914   11.145  1.00 25.90 ? 172 GLN A N   1 
ATOM   396  C CA  . GLN A 1 54  ? -6.745  2.176   11.476  1.00 29.93 ? 172 GLN A CA  1 
ATOM   397  C C   . GLN A 1 54  ? -7.813  2.954   10.697  1.00 30.51 ? 172 GLN A C   1 
ATOM   398  O O   . GLN A 1 54  ? -7.773  4.192   10.667  1.00 32.81 ? 172 GLN A O   1 
ATOM   399  C CB  . GLN A 1 54  ? -7.053  2.244   12.983  1.00 32.23 ? 172 GLN A CB  1 
ATOM   400  C CG  . GLN A 1 54  ? -6.023  1.572   13.919  1.00 35.38 ? 172 GLN A CG  1 
ATOM   401  C CD  . GLN A 1 54  ? -5.527  2.509   15.029  1.00 38.01 ? 172 GLN A CD  1 
ATOM   402  O OE1 . GLN A 1 54  ? -6.049  3.607   15.199  1.00 38.18 ? 172 GLN A OE1 1 
ATOM   403  N NE2 . GLN A 1 54  ? -4.517  2.073   15.783  1.00 40.33 ? 172 GLN A NE2 1 
ATOM   404  N N   . ASN A 1 55  ? -8.721  2.261   10.014  1.00 29.17 ? 173 ASN A N   1 
ATOM   405  C CA  . ASN A 1 55  ? -9.763  2.970   9.243   1.00 29.85 ? 173 ASN A CA  1 
ATOM   406  C C   . ASN A 1 55  ? -9.086  3.627   8.024   1.00 27.67 ? 173 ASN A C   1 
ATOM   407  O O   . ASN A 1 55  ? -9.085  4.856   7.878   1.00 20.28 ? 173 ASN A O   1 
ATOM   408  C CB  . ASN A 1 55  ? -10.467 4.059   10.103  1.00 33.77 ? 173 ASN A CB  1 
ATOM   409  C CG  . ASN A 1 55  ? -11.776 3.580   10.759  1.00 37.71 ? 173 ASN A CG  1 
ATOM   410  O OD1 . ASN A 1 55  ? -12.858 3.707   10.173  1.00 39.70 ? 173 ASN A OD1 1 
ATOM   411  N ND2 . ASN A 1 55  ? -11.690 3.094   11.997  1.00 35.44 ? 173 ASN A ND2 1 
ATOM   412  N N   . GLN A 1 56  ? -8.450  2.786   7.204   1.00 23.03 ? 174 GLN A N   1 
ATOM   413  C CA  . GLN A 1 56  ? -7.756  3.185   5.982   1.00 25.83 ? 174 GLN A CA  1 
ATOM   414  C C   . GLN A 1 56  ? -6.905  1.994   5.487   1.00 28.05 ? 174 GLN A C   1 
ATOM   415  O O   . GLN A 1 56  ? -6.926  1.613   4.294   1.00 27.82 ? 174 GLN A O   1 
ATOM   416  C CB  . GLN A 1 56  ? -6.887  4.441   6.207   1.00 27.29 ? 174 GLN A CB  1 
ATOM   417  C CG  . GLN A 1 56  ? -6.600  5.196   4.902   1.00 28.96 ? 174 GLN A CG  1 
ATOM   418  C CD  . GLN A 1 56  ? -6.302  6.678   5.086   1.00 31.16 ? 174 GLN A CD  1 
ATOM   419  O OE1 . GLN A 1 56  ? -6.455  7.235   6.173   1.00 31.93 ? 174 GLN A OE1 1 
ATOM   420  N NE2 . GLN A 1 56  ? -5.863  7.323   4.008   1.00 30.35 ? 174 GLN A NE2 1 
ATOM   421  N N   . GLY A 1 57  ? -6.247  1.354   6.449   1.00 27.38 ? 175 GLY A N   1 
ATOM   422  C CA  . GLY A 1 57  ? -5.406  0.222   6.167   1.00 23.60 ? 175 GLY A CA  1 
ATOM   423  C C   . GLY A 1 57  ? -3.980  0.705   5.985   1.00 22.72 ? 175 GLY A C   1 
ATOM   424  O O   . GLY A 1 57  ? -3.581  1.752   6.493   1.00 25.03 ? 175 GLY A O   1 
ATOM   425  N N   . GLU A 1 58  ? -3.229  -0.028  5.186   1.00 23.40 ? 176 GLU A N   1 
ATOM   426  C CA  . GLU A 1 58  ? -1.848  0.304   4.949   1.00 21.95 ? 176 GLU A CA  1 
ATOM   427  C C   . GLU A 1 58  ? -1.645  1.586   4.151   1.00 22.06 ? 176 GLU A C   1 
ATOM   428  O O   . GLU A 1 58  ? -1.985  1.659   2.969   1.00 18.67 ? 176 GLU A O   1 
ATOM   429  C CB  . GLU A 1 58  ? -1.153  -0.887  4.332   1.00 21.63 ? 176 GLU A CB  1 
ATOM   430  C CG  . GLU A 1 58  ? -0.045  -1.447  5.218   1.00 19.27 ? 176 GLU A CG  1 
ATOM   431  C CD  . GLU A 1 58  ? 1.252   -1.512  4.445   1.00 22.60 ? 176 GLU A CD  1 
ATOM   432  O OE1 . GLU A 1 58  ? 1.197   -1.169  3.238   1.00 25.35 ? 176 GLU A OE1 1 
ATOM   433  O OE2 . GLU A 1 58  ? 2.299   -1.905  5.020   1.00 19.48 ? 176 GLU A OE2 1 
ATOM   434  N N   . VAL A 1 59  ? -1.065  2.578   4.832   1.00 22.00 ? 177 VAL A N   1 
ATOM   435  C CA  . VAL A 1 59  ? -0.821  3.921   4.294   1.00 23.30 ? 177 VAL A CA  1 
ATOM   436  C C   . VAL A 1 59  ? 0.626   4.455   4.432   1.00 25.77 ? 177 VAL A C   1 
ATOM   437  O O   . VAL A 1 59  ? 1.469   3.905   5.149   1.00 27.94 ? 177 VAL A O   1 
ATOM   438  C CB  . VAL A 1 59  ? -1.777  4.976   5.008   1.00 20.41 ? 177 VAL A CB  1 
ATOM   439  C CG1 . VAL A 1 59  ? -3.152  4.379   5.267   1.00 20.51 ? 177 VAL A CG1 1 
ATOM   440  C CG2 . VAL A 1 59  ? -1.192  5.449   6.320   1.00 19.66 ? 177 VAL A CG2 1 
ATOM   441  N N   . VAL A 1 60  ? 0.905   5.538   3.718   1.00 27.04 ? 178 VAL A N   1 
ATOM   442  C CA  . VAL A 1 60  ? 2.205   6.203   3.791   1.00 22.14 ? 178 VAL A CA  1 
ATOM   443  C C   . VAL A 1 60  ? 1.926   7.549   4.475   1.00 20.93 ? 178 VAL A C   1 
ATOM   444  O O   . VAL A 1 60  ? 1.189   8.380   3.940   1.00 16.52 ? 178 VAL A O   1 
ATOM   445  C CB  . VAL A 1 60  ? 2.807   6.466   2.392   1.00 18.32 ? 178 VAL A CB  1 
ATOM   446  C CG1 . VAL A 1 60  ? 4.019   7.394   2.499   1.00 10.12 ? 178 VAL A CG1 1 
ATOM   447  C CG2 . VAL A 1 60  ? 3.199   5.143   1.742   1.00 17.53 ? 178 VAL A CG2 1 
ATOM   448  N N   . LYS A 1 61  ? 2.451   7.737   5.678   1.00 16.17 ? 179 LYS A N   1 
ATOM   449  C CA  . LYS A 1 61  ? 2.234   8.997   6.369   1.00 17.13 ? 179 LYS A CA  1 
ATOM   450  C C   . LYS A 1 61  ? 3.348   9.902   5.873   1.00 14.03 ? 179 LYS A C   1 
ATOM   451  O O   . LYS A 1 61  ? 4.410   9.430   5.498   1.00 16.88 ? 179 LYS A O   1 
ATOM   452  C CB  . LYS A 1 61  ? 2.256   8.845   7.912   1.00 12.79 ? 179 LYS A CB  1 
ATOM   453  C CG  . LYS A 1 61  ? 1.239   7.854   8.542   1.00 10.87 ? 179 LYS A CG  1 
ATOM   454  C CD  . LYS A 1 61  ? 1.093   8.173   10.045  1.00 17.31 ? 179 LYS A CD  1 
ATOM   455  C CE  . LYS A 1 61  ? 0.418   7.076   10.910  1.00 16.66 ? 179 LYS A CE  1 
ATOM   456  N NZ  . LYS A 1 61  ? 0.662   7.270   12.403  1.00 15.36 ? 179 LYS A NZ  1 
ATOM   457  N N   . HIS A 1 62  ? 3.093   11.198  5.811   1.00 15.67 ? 180 HIS A N   1 
ATOM   458  C CA  . HIS A 1 62  ? 4.085   12.152  5.334   1.00 14.45 ? 180 HIS A CA  1 
ATOM   459  C C   . HIS A 1 62  ? 4.315   13.215  6.427   1.00 16.42 ? 180 HIS A C   1 
ATOM   460  O O   . HIS A 1 62  ? 3.373   13.850  6.889   1.00 17.32 ? 180 HIS A O   1 
ATOM   461  C CB  . HIS A 1 62  ? 3.592   12.794  4.029   1.00 14.57 ? 180 HIS A CB  1 
ATOM   462  C CG  . HIS A 1 62  ? 3.336   11.813  2.920   1.00 15.05 ? 180 HIS A CG  1 
ATOM   463  N ND1 . HIS A 1 62  ? 4.255   11.535  1.936   1.00 9.77  ? 180 HIS A ND1 1 
ATOM   464  C CD2 . HIS A 1 62  ? 2.244   11.047  2.641   1.00 14.17 ? 180 HIS A CD2 1 
ATOM   465  C CE1 . HIS A 1 62  ? 3.759   10.646  1.101   1.00 14.04 ? 180 HIS A CE1 1 
ATOM   466  N NE2 . HIS A 1 62  ? 2.540   10.327  1.501   1.00 15.29 ? 180 HIS A NE2 1 
ATOM   467  N N   . TYR A 1 63  ? 5.539   13.330  6.927   1.00 17.92 ? 181 TYR A N   1 
ATOM   468  C CA  . TYR A 1 63  ? 5.838   14.317  7.973   1.00 16.00 ? 181 TYR A CA  1 
ATOM   469  C C   . TYR A 1 63  ? 6.649   15.482  7.412   1.00 15.29 ? 181 TYR A C   1 
ATOM   470  O O   . TYR A 1 63  ? 7.594   15.293  6.644   1.00 13.77 ? 181 TYR A O   1 
ATOM   471  C CB  . TYR A 1 63  ? 6.580   13.666  9.131   1.00 13.73 ? 181 TYR A CB  1 
ATOM   472  C CG  . TYR A 1 63  ? 5.844   12.492  9.714   1.00 16.23 ? 181 TYR A CG  1 
ATOM   473  C CD1 . TYR A 1 63  ? 5.974   11.223  9.149   1.00 16.76 ? 181 TYR A CD1 1 
ATOM   474  C CD2 . TYR A 1 63  ? 5.018   12.639  10.830  1.00 10.99 ? 181 TYR A CD2 1 
ATOM   475  C CE1 . TYR A 1 63  ? 5.304   10.149  9.672   1.00 15.12 ? 181 TYR A CE1 1 
ATOM   476  C CE2 . TYR A 1 63  ? 4.338   11.563  11.354  1.00 10.27 ? 181 TYR A CE2 1 
ATOM   477  C CZ  . TYR A 1 63  ? 4.495   10.326  10.773  1.00 10.54 ? 181 TYR A CZ  1 
ATOM   478  O OH  . TYR A 1 63  ? 3.845   9.240   11.274  1.00 15.41 ? 181 TYR A OH  1 
ATOM   479  N N   . LYS A 1 64  ? 6.277   16.692  7.803   1.00 16.52 ? 182 LYS A N   1 
ATOM   480  C CA  . LYS A 1 64  ? 6.949   17.860  7.289   1.00 14.90 ? 182 LYS A CA  1 
ATOM   481  C C   . LYS A 1 64  ? 8.178   18.102  8.114   1.00 13.92 ? 182 LYS A C   1 
ATOM   482  O O   . LYS A 1 64  ? 8.071   18.292  9.320   1.00 18.71 ? 182 LYS A O   1 
ATOM   483  C CB  . LYS A 1 64  ? 6.026   19.072  7.393   1.00 14.28 ? 182 LYS A CB  1 
ATOM   484  C CG  . LYS A 1 64  ? 6.138   20.033  6.219   1.00 13.20 ? 182 LYS A CG  1 
ATOM   485  C CD  . LYS A 1 64  ? 7.374   20.899  6.283   1.00 12.32 ? 182 LYS A CD  1 
ATOM   486  C CE  . LYS A 1 64  ? 7.978   21.015  4.890   1.00 7.65  ? 182 LYS A CE  1 
ATOM   487  N NZ  . LYS A 1 64  ? 9.336   21.645  4.805   1.00 7.82  ? 182 LYS A NZ  1 
ATOM   488  N N   . ILE A 1 65  ? 9.345   18.081  7.485   1.00 10.58 ? 183 ILE A N   1 
ATOM   489  C CA  . ILE A 1 65  ? 10.594  18.356  8.212   1.00 10.57 ? 183 ILE A CA  1 
ATOM   490  C C   . ILE A 1 65  ? 10.799  19.888  8.164   1.00 10.67 ? 183 ILE A C   1 
ATOM   491  O O   . ILE A 1 65  ? 10.852  20.468  7.080   1.00 14.22 ? 183 ILE A O   1 
ATOM   492  C CB  . ILE A 1 65  ? 11.762  17.583  7.567   1.00 5.87  ? 183 ILE A CB  1 
ATOM   493  C CG1 . ILE A 1 65  ? 11.542  16.097  7.792   1.00 4.10  ? 183 ILE A CG1 1 
ATOM   494  C CG2 . ILE A 1 65  ? 13.054  17.954  8.213   1.00 10.91 ? 183 ILE A CG2 1 
ATOM   495  C CD1 . ILE A 1 65  ? 12.679  15.211  7.373   1.00 8.96  ? 183 ILE A CD1 1 
ATOM   496  N N   . ARG A 1 66  ? 10.749  20.568  9.305   1.00 14.15 ? 184 ARG A N   1 
ATOM   497  C CA  . ARG A 1 66  ? 10.930  22.026  9.292   1.00 14.81 ? 184 ARG A CA  1 
ATOM   498  C C   . ARG A 1 66  ? 12.341  22.451  9.591   1.00 12.71 ? 184 ARG A C   1 
ATOM   499  O O   . ARG A 1 66  ? 13.038  21.808  10.366  1.00 15.03 ? 184 ARG A O   1 
ATOM   500  C CB  . ARG A 1 66  ? 9.953   22.733  10.233  1.00 14.45 ? 184 ARG A CB  1 
ATOM   501  C CG  . ARG A 1 66  ? 8.545   22.669  9.717   1.00 14.91 ? 184 ARG A CG  1 
ATOM   502  C CD  . ARG A 1 66  ? 7.634   23.633  10.405  1.00 13.17 ? 184 ARG A CD  1 
ATOM   503  N NE  . ARG A 1 66  ? 6.496   23.930  9.539   1.00 14.38 ? 184 ARG A NE  1 
ATOM   504  C CZ  . ARG A 1 66  ? 5.513   23.069  9.293   1.00 13.67 ? 184 ARG A CZ  1 
ATOM   505  N NH1 . ARG A 1 66  ? 5.543   21.858  9.848   1.00 13.36 ? 184 ARG A NH1 1 
ATOM   506  N NH2 . ARG A 1 66  ? 4.471   23.440  8.556   1.00 15.76 ? 184 ARG A NH2 1 
ATOM   507  N N   . ASN A 1 67  ? 12.682  23.630  9.102   1.00 11.48 ? 185 ASN A N   1 
ATOM   508  C CA  . ASN A 1 67  ? 14.023  24.177  9.200   1.00 12.46 ? 185 ASN A CA  1 
ATOM   509  C C   . ASN A 1 67  ? 14.395  25.176  10.293  1.00 17.86 ? 185 ASN A C   1 
ATOM   510  O O   . ASN A 1 67  ? 13.685  26.176  10.540  1.00 21.32 ? 185 ASN A O   1 
ATOM   511  C CB  . ASN A 1 67  ? 14.392  24.776  7.837   1.00 11.39 ? 185 ASN A CB  1 
ATOM   512  C CG  . ASN A 1 67  ? 14.418  23.731  6.722   1.00 12.52 ? 185 ASN A CG  1 
ATOM   513  O OD1 . ASN A 1 67  ? 14.886  22.625  6.924   1.00 10.69 ? 185 ASN A OD1 1 
ATOM   514  N ND2 . ASN A 1 67  ? 13.917  24.088  5.548   1.00 13.24 ? 185 ASN A ND2 1 
ATOM   515  N N   . LEU A 1 68  ? 15.543  24.946  10.920  1.00 16.06 ? 186 LEU A N   1 
ATOM   516  C CA  . LEU A 1 68  ? 16.005  25.881  11.933  1.00 20.90 ? 186 LEU A CA  1 
ATOM   517  C C   . LEU A 1 68  ? 16.985  26.779  11.237  1.00 21.53 ? 186 LEU A C   1 
ATOM   518  O O   . LEU A 1 68  ? 18.011  26.343  10.709  1.00 21.82 ? 186 LEU A O   1 
ATOM   519  C CB  . LEU A 1 68  ? 16.640  25.199  13.156  1.00 19.43 ? 186 LEU A CB  1 
ATOM   520  C CG  . LEU A 1 68  ? 15.645  24.440  14.041  1.00 17.40 ? 186 LEU A CG  1 
ATOM   521  C CD1 . LEU A 1 68  ? 16.358  23.680  15.139  1.00 15.65 ? 186 LEU A CD1 1 
ATOM   522  C CD2 . LEU A 1 68  ? 14.657  25.446  14.603  1.00 17.15 ? 186 LEU A CD2 1 
ATOM   523  N N   . ASP A 1 69  ? 16.552  28.021  11.092  1.00 29.89 ? 187 ASP A N   1 
ATOM   524  C CA  . ASP A 1 69  ? 17.355  29.027  10.441  1.00 33.85 ? 187 ASP A CA  1 
ATOM   525  C C   . ASP A 1 69  ? 18.683  29.039  11.095  1.00 33.58 ? 187 ASP A C   1 
ATOM   526  O O   . ASP A 1 69  ? 18.790  29.083  12.325  1.00 36.94 ? 187 ASP A O   1 
ATOM   527  C CB  . ASP A 1 69  ? 16.718  30.401  10.546  1.00 36.97 ? 187 ASP A CB  1 
ATOM   528  C CG  . ASP A 1 69  ? 15.762  30.683  9.409   1.00 36.29 ? 187 ASP A CG  1 
ATOM   529  O OD1 . ASP A 1 69  ? 14.652  30.104  9.374   1.00 40.40 ? 187 ASP A OD1 1 
ATOM   530  O OD2 . ASP A 1 69  ? 16.132  31.495  8.547   1.00 36.80 ? 187 ASP A OD2 1 
ATOM   531  N N   . ASN A 1 70  ? 19.702  28.942  10.261  1.00 30.51 ? 188 ASN A N   1 
ATOM   532  C CA  . ASN A 1 70  ? 21.043  28.964  10.763  1.00 29.00 ? 188 ASN A CA  1 
ATOM   533  C C   . ASN A 1 70  ? 21.368  27.622  11.451  1.00 27.44 ? 188 ASN A C   1 
ATOM   534  O O   . ASN A 1 70  ? 21.884  27.586  12.583  1.00 23.69 ? 188 ASN A O   1 
ATOM   535  C CB  . ASN A 1 70  ? 21.218  30.159  11.730  1.00 32.43 ? 188 ASN A CB  1 
ATOM   536  C CG  . ASN A 1 70  ? 20.405  31.438  11.308  1.00 29.50 ? 188 ASN A CG  1 
ATOM   537  O OD1 . ASN A 1 70  ? 20.174  32.315  12.140  1.00 31.23 ? 188 ASN A OD1 1 
ATOM   538  N ND2 . ASN A 1 70  ? 20.018  31.545  10.037  1.00 25.71 ? 188 ASN A ND2 1 
ATOM   539  N N   . GLY A 1 71  ? 21.108  26.531  10.719  1.00 25.33 ? 189 GLY A N   1 
ATOM   540  C CA  . GLY A 1 71  ? 21.343  25.185  11.218  1.00 24.69 ? 189 GLY A CA  1 
ATOM   541  C C   . GLY A 1 71  ? 20.234  24.485  12.030  1.00 26.31 ? 189 GLY A C   1 
ATOM   542  O O   . GLY A 1 71  ? 19.869  24.961  13.129  1.00 23.59 ? 189 GLY A O   1 
ATOM   543  N N   . GLY A 1 72  ? 19.778  23.314  11.557  1.00 20.00 ? 190 GLY A N   1 
ATOM   544  C CA  . GLY A 1 72  ? 18.751  22.563  12.279  1.00 19.36 ? 190 GLY A CA  1 
ATOM   545  C C   . GLY A 1 72  ? 17.478  22.080  11.584  1.00 15.07 ? 190 GLY A C   1 
ATOM   546  O O   . GLY A 1 72  ? 17.098  22.644  10.563  1.00 14.39 ? 190 GLY A O   1 
ATOM   547  N N   . PHE A 1 73  ? 16.853  21.016  12.109  1.00 12.82 ? 191 PHE A N   1 
ATOM   548  C CA  . PHE A 1 73  ? 15.608  20.430  11.552  1.00 15.79 ? 191 PHE A CA  1 
ATOM   549  C C   . PHE A 1 73  ? 14.756  19.957  12.711  1.00 19.11 ? 191 PHE A C   1 
ATOM   550  O O   . PHE A 1 73  ? 15.281  19.719  13.803  1.00 17.15 ? 191 PHE A O   1 
ATOM   551  C CB  . PHE A 1 73  ? 15.857  19.166  10.694  1.00 17.18 ? 191 PHE A CB  1 
ATOM   552  C CG  . PHE A 1 73  ? 16.738  19.396  9.492   1.00 19.92 ? 191 PHE A CG  1 
ATOM   553  C CD1 . PHE A 1 73  ? 16.207  19.914  8.314   1.00 14.99 ? 191 PHE A CD1 1 
ATOM   554  C CD2 . PHE A 1 73  ? 18.114  19.138  9.555   1.00 18.07 ? 191 PHE A CD2 1 
ATOM   555  C CE1 . PHE A 1 73  ? 17.018  20.175  7.238   1.00 13.77 ? 191 PHE A CE1 1 
ATOM   556  C CE2 . PHE A 1 73  ? 18.931  19.401  8.465   1.00 16.88 ? 191 PHE A CE2 1 
ATOM   557  C CZ  . PHE A 1 73  ? 18.380  19.920  7.305   1.00 11.93 ? 191 PHE A CZ  1 
ATOM   558  N N   . TYR A 1 74  ? 13.462  19.752  12.451  1.00 19.21 ? 192 TYR A N   1 
ATOM   559  C CA  . TYR A 1 74  ? 12.512  19.269  13.451  1.00 16.09 ? 192 TYR A CA  1 
ATOM   560  C C   . TYR A 1 74  ? 11.156  18.997  12.793  1.00 17.41 ? 192 TYR A C   1 
ATOM   561  O O   . TYR A 1 74  ? 10.813  19.589  11.768  1.00 16.72 ? 192 TYR A O   1 
ATOM   562  C CB  . TYR A 1 74  ? 12.340  20.281  14.587  1.00 14.69 ? 192 TYR A CB  1 
ATOM   563  C CG  . TYR A 1 74  ? 11.645  21.560  14.165  1.00 16.36 ? 192 TYR A CG  1 
ATOM   564  C CD1 . TYR A 1 74  ? 12.356  22.596  13.567  1.00 16.63 ? 192 TYR A CD1 1 
ATOM   565  C CD2 . TYR A 1 74  ? 10.266  21.722  14.336  1.00 20.14 ? 192 TYR A CD2 1 
ATOM   566  C CE1 . TYR A 1 74  ? 11.721  23.753  13.144  1.00 18.63 ? 192 TYR A CE1 1 
ATOM   567  C CE2 . TYR A 1 74  ? 9.613   22.894  13.909  1.00 20.98 ? 192 TYR A CE2 1 
ATOM   568  C CZ  . TYR A 1 74  ? 10.356  23.900  13.315  1.00 18.53 ? 192 TYR A CZ  1 
ATOM   569  O OH  . TYR A 1 74  ? 9.750   25.052  12.893  1.00 19.01 ? 192 TYR A OH  1 
ATOM   570  N N   . ILE A 1 75  ? 10.453  18.004  13.320  1.00 16.43 ? 193 ILE A N   1 
ATOM   571  C CA  . ILE A 1 75  ? 9.140   17.643  12.836  1.00 12.98 ? 193 ILE A CA  1 
ATOM   572  C C   . ILE A 1 75  ? 8.276   18.115  13.976  1.00 12.35 ? 193 ILE A C   1 
ATOM   573  O O   . ILE A 1 75  ? 7.232   18.756  13.777  1.00 12.11 ? 193 ILE A O   1 
ATOM   574  C CB  . ILE A 1 75  ? 9.000   16.102  12.640  1.00 13.67 ? 193 ILE A CB  1 
ATOM   575  C CG1 . ILE A 1 75  ? 9.953   15.629  11.535  1.00 10.68 ? 193 ILE A CG1 1 
ATOM   576  C CG2 . ILE A 1 75  ? 7.557   15.720  12.332  1.00 12.64 ? 193 ILE A CG2 1 
ATOM   577  C CD1 . ILE A 1 75  ? 9.765   14.185  11.098  1.00 7.18  ? 193 ILE A CD1 1 
ATOM   578  N N   . SER A 1 76  ? 8.791   17.898  15.181  1.00 11.62 ? 194 SER A N   1 
ATOM   579  C CA  . SER A 1 76  ? 8.081   18.320  16.367  1.00 15.83 ? 194 SER A CA  1 
ATOM   580  C C   . SER A 1 76  ? 8.757   19.488  17.030  1.00 15.29 ? 194 SER A C   1 
ATOM   581  O O   . SER A 1 76  ? 9.949   19.470  17.253  1.00 14.10 ? 194 SER A O   1 
ATOM   582  C CB  . SER A 1 76  ? 7.975   17.196  17.370  1.00 16.89 ? 194 SER A CB  1 
ATOM   583  O OG  . SER A 1 76  ? 7.479   17.704  18.584  1.00 16.69 ? 194 SER A OG  1 
ATOM   584  N N   . PRO A 1 77  ? 7.969   20.477  17.462  1.00 17.05 ? 195 PRO A N   1 
ATOM   585  C CA  . PRO A 1 77  ? 8.468   21.683  18.128  1.00 16.90 ? 195 PRO A CA  1 
ATOM   586  C C   . PRO A 1 77  ? 9.098   21.360  19.474  1.00 16.08 ? 195 PRO A C   1 
ATOM   587  O O   . PRO A 1 77  ? 9.762   22.206  20.051  1.00 21.37 ? 195 PRO A O   1 
ATOM   588  C CB  . PRO A 1 77  ? 7.189   22.524  18.307  1.00 19.37 ? 195 PRO A CB  1 
ATOM   589  C CG  . PRO A 1 77  ? 6.271   22.020  17.186  1.00 15.10 ? 195 PRO A CG  1 
ATOM   590  C CD  . PRO A 1 77  ? 6.502   20.538  17.302  1.00 18.01 ? 195 PRO A CD  1 
ATOM   591  N N   . ARG A 1 78  ? 8.919   20.125  19.944  1.00 12.67 ? 196 ARG A N   1 
ATOM   592  C CA  . ARG A 1 78  ? 9.434   19.665  21.239  1.00 17.06 ? 196 ARG A CA  1 
ATOM   593  C C   . ARG A 1 78  ? 10.836  19.071  21.136  1.00 17.18 ? 196 ARG A C   1 
ATOM   594  O O   . ARG A 1 78  ? 11.514  18.906  22.152  1.00 12.95 ? 196 ARG A O   1 
ATOM   595  C CB  . ARG A 1 78  ? 8.484   18.606  21.825  1.00 16.29 ? 196 ARG A CB  1 
ATOM   596  C CG  . ARG A 1 78  ? 8.457   18.489  23.372  1.00 19.92 ? 196 ARG A CG  1 
ATOM   597  C CD  . ARG A 1 78  ? 7.303   19.261  24.164  1.00 18.09 ? 196 ARG A CD  1 
ATOM   598  N NE  . ARG A 1 78  ? 6.869   18.428  25.297  1.00 22.35 ? 196 ARG A NE  1 
ATOM   599  C CZ  . ARG A 1 78  ? 5.621   17.995  25.537  1.00 24.94 ? 196 ARG A CZ  1 
ATOM   600  N NH1 . ARG A 1 78  ? 4.590   18.354  24.756  1.00 24.88 ? 196 ARG A NH1 1 
ATOM   601  N NH2 . ARG A 1 78  ? 5.446   16.981  26.398  1.00 20.60 ? 196 ARG A NH2 1 
ATOM   602  N N   . ILE A 1 79  ? 11.250  18.740  19.911  1.00 16.54 ? 197 ILE A N   1 
ATOM   603  C CA  . ILE A 1 79  ? 12.556  18.155  19.669  1.00 16.68 ? 197 ILE A CA  1 
ATOM   604  C C   . ILE A 1 79  ? 13.261  18.608  18.371  1.00 14.55 ? 197 ILE A C   1 
ATOM   605  O O   . ILE A 1 79  ? 12.789  18.381  17.263  1.00 11.31 ? 197 ILE A O   1 
ATOM   606  C CB  . ILE A 1 79  ? 12.496  16.565  19.798  1.00 18.69 ? 197 ILE A CB  1 
ATOM   607  C CG1 . ILE A 1 79  ? 13.875  15.926  19.579  1.00 19.49 ? 197 ILE A CG1 1 
ATOM   608  C CG2 . ILE A 1 79  ? 11.473  15.966  18.867  1.00 16.59 ? 197 ILE A CG2 1 
ATOM   609  C CD1 . ILE A 1 79  ? 14.833  16.033  20.738  1.00 13.25 ? 197 ILE A CD1 1 
ATOM   610  N N   . THR A 1 80  ? 14.409  19.256  18.536  1.00 15.15 ? 198 THR A N   1 
ATOM   611  C CA  . THR A 1 80  ? 15.194  19.697  17.401  1.00 15.53 ? 198 THR A CA  1 
ATOM   612  C C   . THR A 1 80  ? 16.537  18.952  17.327  1.00 16.30 ? 198 THR A C   1 
ATOM   613  O O   . THR A 1 80  ? 16.994  18.341  18.304  1.00 15.08 ? 198 THR A O   1 
ATOM   614  C CB  . THR A 1 80  ? 15.440  21.211  17.420  1.00 14.87 ? 198 THR A CB  1 
ATOM   615  O OG1 . THR A 1 80  ? 16.287  21.538  18.525  1.00 15.49 ? 198 THR A OG1 1 
ATOM   616  C CG2 . THR A 1 80  ? 14.112  21.984  17.519  1.00 9.49  ? 198 THR A CG2 1 
ATOM   617  N N   . PHE A 1 81  ? 17.120  18.933  16.136  1.00 15.38 ? 199 PHE A N   1 
ATOM   618  C CA  . PHE A 1 81  ? 18.384  18.264  15.920  1.00 15.62 ? 199 PHE A CA  1 
ATOM   619  C C   . PHE A 1 81  ? 19.261  19.210  15.114  1.00 14.11 ? 199 PHE A C   1 
ATOM   620  O O   . PHE A 1 81  ? 18.765  20.057  14.364  1.00 12.81 ? 199 PHE A O   1 
ATOM   621  C CB  . PHE A 1 81  ? 18.166  16.947  15.167  1.00 17.15 ? 199 PHE A CB  1 
ATOM   622  C CG  . PHE A 1 81  ? 16.967  16.184  15.638  1.00 20.05 ? 199 PHE A CG  1 
ATOM   623  C CD1 . PHE A 1 81  ? 17.061  15.284  16.692  1.00 18.51 ? 199 PHE A CD1 1 
ATOM   624  C CD2 . PHE A 1 81  ? 15.723  16.428  15.079  1.00 18.22 ? 199 PHE A CD2 1 
ATOM   625  C CE1 . PHE A 1 81  ? 15.946  14.661  17.173  1.00 16.84 ? 199 PHE A CE1 1 
ATOM   626  C CE2 . PHE A 1 81  ? 14.605  15.804  15.563  1.00 16.67 ? 199 PHE A CE2 1 
ATOM   627  C CZ  . PHE A 1 81  ? 14.716  14.927  16.606  1.00 18.19 ? 199 PHE A CZ  1 
ATOM   628  N N   . PRO A 1 82  ? 20.584  19.061  15.246  1.00 15.58 ? 200 PRO A N   1 
ATOM   629  C CA  . PRO A 1 82  ? 21.568  19.894  14.545  1.00 15.64 ? 200 PRO A CA  1 
ATOM   630  C C   . PRO A 1 82  ? 21.850  19.429  13.120  1.00 14.39 ? 200 PRO A C   1 
ATOM   631  O O   . PRO A 1 82  ? 22.484  20.147  12.341  1.00 15.18 ? 200 PRO A O   1 
ATOM   632  C CB  . PRO A 1 82  ? 22.791  19.785  15.442  1.00 15.89 ? 200 PRO A CB  1 
ATOM   633  C CG  . PRO A 1 82  ? 22.697  18.326  15.887  1.00 17.38 ? 200 PRO A CG  1 
ATOM   634  C CD  . PRO A 1 82  ? 21.231  18.100  16.161  1.00 14.03 ? 200 PRO A CD  1 
ATOM   635  N N   . GLY A 1 83  ? 21.356  18.240  12.786  1.00 15.47 ? 201 GLY A N   1 
ATOM   636  C CA  . GLY A 1 83  ? 21.556  17.677  11.466  1.00 10.78 ? 201 GLY A CA  1 
ATOM   637  C C   . GLY A 1 83  ? 20.390  16.783  11.119  1.00 12.27 ? 201 GLY A C   1 
ATOM   638  O O   . GLY A 1 83  ? 19.620  16.412  12.004  1.00 11.71 ? 201 GLY A O   1 
ATOM   639  N N   . LEU A 1 84  ? 20.276  16.401  9.844   1.00 12.82 ? 202 LEU A N   1 
ATOM   640  C CA  . LEU A 1 84  ? 19.177  15.535  9.380   1.00 10.99 ? 202 LEU A CA  1 
ATOM   641  C C   . LEU A 1 84  ? 19.460  14.115  9.786   1.00 11.05 ? 202 LEU A C   1 
ATOM   642  O O   . LEU A 1 84  ? 18.561  13.311  9.971   1.00 12.62 ? 202 LEU A O   1 
ATOM   643  C CB  . LEU A 1 84  ? 19.006  15.578  7.844   1.00 15.33 ? 202 LEU A CB  1 
ATOM   644  C CG  . LEU A 1 84  ? 17.762  16.179  7.181   1.00 14.96 ? 202 LEU A CG  1 
ATOM   645  C CD1 . LEU A 1 84  ? 17.542  15.490  5.872   1.00 12.23 ? 202 LEU A CD1 1 
ATOM   646  C CD2 . LEU A 1 84  ? 16.524  16.007  8.042   1.00 15.85 ? 202 LEU A CD2 1 
ATOM   647  N N   . HIS A 1 85  ? 20.737  13.810  9.907   1.00 11.57 ? 203 HIS A N   1 
ATOM   648  C CA  . HIS A 1 85  ? 21.155  12.488  10.308  1.00 11.97 ? 203 HIS A CA  1 
ATOM   649  C C   . HIS A 1 85  ? 20.740  12.227  11.730  1.00 5.75  ? 203 HIS A C   1 
ATOM   650  O O   . HIS A 1 85  ? 20.295  11.143  12.048  1.00 7.93  ? 203 HIS A O   1 
ATOM   651  C CB  . HIS A 1 85  ? 22.659  12.388  10.176  1.00 9.46  ? 203 HIS A CB  1 
ATOM   652  C CG  . HIS A 1 85  ? 23.119  12.618  8.787   1.00 10.88 ? 203 HIS A CG  1 
ATOM   653  N ND1 . HIS A 1 85  ? 23.359  11.582  7.911   1.00 14.83 ? 203 HIS A ND1 1 
ATOM   654  C CD2 . HIS A 1 85  ? 23.310  13.758  8.088   1.00 14.69 ? 203 HIS A CD2 1 
ATOM   655  C CE1 . HIS A 1 85  ? 23.680  12.077  6.727   1.00 9.90  ? 203 HIS A CE1 1 
ATOM   656  N NE2 . HIS A 1 85  ? 23.656  13.395  6.814   1.00 13.74 ? 203 HIS A NE2 1 
ATOM   657  N N   . GLU A 1 86  ? 20.914  13.235  12.576  1.00 7.79  ? 204 GLU A N   1 
ATOM   658  C CA  . GLU A 1 86  ? 20.579  13.123  13.986  1.00 9.86  ? 204 GLU A CA  1 
ATOM   659  C C   . GLU A 1 86  ? 19.081  13.036  14.065  1.00 11.03 ? 204 GLU A C   1 
ATOM   660  O O   . GLU A 1 86  ? 18.516  12.550  15.046  1.00 18.44 ? 204 GLU A O   1 
ATOM   661  C CB  . GLU A 1 86  ? 21.103  14.324  14.784  1.00 9.34  ? 204 GLU A CB  1 
ATOM   662  C CG  . GLU A 1 86  ? 22.643  14.410  14.935  1.00 13.12 ? 204 GLU A CG  1 
ATOM   663  C CD  . GLU A 1 86  ? 23.393  15.017  13.720  1.00 14.86 ? 204 GLU A CD  1 
ATOM   664  O OE1 . GLU A 1 86  ? 22.916  14.975  12.563  1.00 15.77 ? 204 GLU A OE1 1 
ATOM   665  O OE2 . GLU A 1 86  ? 24.506  15.531  13.922  1.00 15.43 ? 204 GLU A OE2 1 
ATOM   666  N N   . LEU A 1 87  ? 18.420  13.507  13.024  1.00 14.24 ? 205 LEU A N   1 
ATOM   667  C CA  . LEU A 1 87  ? 16.965  13.434  12.998  1.00 11.56 ? 205 LEU A CA  1 
ATOM   668  C C   . LEU A 1 87  ? 16.619  11.998  12.705  1.00 9.75  ? 205 LEU A C   1 
ATOM   669  O O   . LEU A 1 87  ? 15.928  11.357  13.494  1.00 9.61  ? 205 LEU A O   1 
ATOM   670  C CB  . LEU A 1 87  ? 16.393  14.359  11.944  1.00 10.26 ? 205 LEU A CB  1 
ATOM   671  C CG  . LEU A 1 87  ? 14.886  14.310  11.731  1.00 6.18  ? 205 LEU A CG  1 
ATOM   672  C CD1 . LEU A 1 87  ? 14.424  15.676  11.345  1.00 8.31  ? 205 LEU A CD1 1 
ATOM   673  C CD2 . LEU A 1 87  ? 14.595  13.308  10.665  1.00 8.74  ? 205 LEU A CD2 1 
ATOM   674  N N   . VAL A 1 88  ? 17.200  11.467  11.632  1.00 11.97 ? 206 VAL A N   1 
ATOM   675  C CA  . VAL A 1 88  ? 16.959  10.080  11.254  1.00 12.78 ? 206 VAL A CA  1 
ATOM   676  C C   . VAL A 1 88  ? 17.442  9.103   12.309  1.00 13.61 ? 206 VAL A C   1 
ATOM   677  O O   . VAL A 1 88  ? 16.929  7.992   12.390  1.00 15.84 ? 206 VAL A O   1 
ATOM   678  C CB  . VAL A 1 88  ? 17.614  9.705   9.910   1.00 12.66 ? 206 VAL A CB  1 
ATOM   679  C CG1 . VAL A 1 88  ? 17.290  8.289   9.572   1.00 7.54  ? 206 VAL A CG1 1 
ATOM   680  C CG2 . VAL A 1 88  ? 17.124  10.596  8.824   1.00 11.60 ? 206 VAL A CG2 1 
ATOM   681  N N   . ARG A 1 89  ? 18.430  9.505   13.109  1.00 15.20 ? 207 ARG A N   1 
ATOM   682  C CA  . ARG A 1 89  ? 18.969  8.632   14.150  1.00 18.21 ? 207 ARG A CA  1 
ATOM   683  C C   . ARG A 1 89  ? 18.002  8.544   15.305  1.00 12.75 ? 207 ARG A C   1 
ATOM   684  O O   . ARG A 1 89  ? 17.699  7.469   15.831  1.00 12.54 ? 207 ARG A O   1 
ATOM   685  C CB  . ARG A 1 89  ? 20.329  9.154   14.672  1.00 23.27 ? 207 ARG A CB  1 
ATOM   686  C CG  . ARG A 1 89  ? 20.622  8.660   16.103  1.00 29.40 ? 207 ARG A CG  1 
ATOM   687  C CD  . ARG A 1 89  ? 22.064  8.726   16.544  1.00 31.34 ? 207 ARG A CD  1 
ATOM   688  N NE  . ARG A 1 89  ? 22.314  7.823   17.671  1.00 33.76 ? 207 ARG A NE  1 
ATOM   689  C CZ  . ARG A 1 89  ? 22.100  6.504   17.653  1.00 31.06 ? 207 ARG A CZ  1 
ATOM   690  N NH1 . ARG A 1 89  ? 21.656  5.907   16.550  1.00 29.06 ? 207 ARG A NH1 1 
ATOM   691  N NH2 . ARG A 1 89  ? 22.361  5.772   18.734  1.00 29.97 ? 207 ARG A NH2 1 
ATOM   692  N N   . HIS A 1 90  ? 17.570  9.709   15.731  1.00 13.11 ? 208 HIS A N   1 
ATOM   693  C CA  . HIS A 1 90  ? 16.647  9.813   16.834  1.00 13.23 ? 208 HIS A CA  1 
ATOM   694  C C   . HIS A 1 90  ? 15.455  8.919   16.568  1.00 13.92 ? 208 HIS A C   1 
ATOM   695  O O   . HIS A 1 90  ? 15.221  7.947   17.296  1.00 17.68 ? 208 HIS A O   1 
ATOM   696  C CB  . HIS A 1 90  ? 16.195  11.277  16.988  1.00 15.29 ? 208 HIS A CB  1 
ATOM   697  C CG  . HIS A 1 90  ? 15.038  11.463  17.919  1.00 17.11 ? 208 HIS A CG  1 
ATOM   698  N ND1 . HIS A 1 90  ? 15.184  11.864  19.234  1.00 16.77 ? 208 HIS A ND1 1 
ATOM   699  C CD2 . HIS A 1 90  ? 13.706  11.307  17.726  1.00 16.66 ? 208 HIS A CD2 1 
ATOM   700  C CE1 . HIS A 1 90  ? 13.996  11.940  19.800  1.00 17.04 ? 208 HIS A CE1 1 
ATOM   701  N NE2 . HIS A 1 90  ? 13.087  11.611  18.908  1.00 13.96 ? 208 HIS A NE2 1 
ATOM   702  N N   . TYR A 1 91  ? 14.780  9.182   15.454  1.00 17.38 ? 209 TYR A N   1 
ATOM   703  C CA  . TYR A 1 91  ? 13.560  8.453   15.078  1.00 16.09 ? 209 TYR A CA  1 
ATOM   704  C C   . TYR A 1 91  ? 13.646  6.967   14.815  1.00 17.11 ? 209 TYR A C   1 
ATOM   705  O O   . TYR A 1 91  ? 12.621  6.253   14.854  1.00 15.01 ? 209 TYR A O   1 
ATOM   706  C CB  . TYR A 1 91  ? 12.854  9.173   13.959  1.00 11.61 ? 209 TYR A CB  1 
ATOM   707  C CG  . TYR A 1 91  ? 12.289  10.484  14.447  1.00 12.27 ? 209 TYR A CG  1 
ATOM   708  C CD1 . TYR A 1 91  ? 11.278  10.509  15.410  1.00 11.81 ? 209 TYR A CD1 1 
ATOM   709  C CD2 . TYR A 1 91  ? 12.752  11.694  13.945  1.00 10.42 ? 209 TYR A CD2 1 
ATOM   710  C CE1 . TYR A 1 91  ? 10.741  11.718  15.855  1.00 9.19  ? 209 TYR A CE1 1 
ATOM   711  C CE2 . TYR A 1 91  ? 12.227  12.899  14.383  1.00 10.92 ? 209 TYR A CE2 1 
ATOM   712  C CZ  . TYR A 1 91  ? 11.221  12.894  15.337  1.00 8.66  ? 209 TYR A CZ  1 
ATOM   713  O OH  . TYR A 1 91  ? 10.711  14.072  15.780  1.00 9.10  ? 209 TYR A OH  1 
ATOM   714  N N   . THR A 1 92  ? 14.869  6.501   14.575  1.00 17.48 ? 210 THR A N   1 
ATOM   715  C CA  . THR A 1 92  ? 15.101  5.080   14.367  1.00 17.94 ? 210 THR A CA  1 
ATOM   716  C C   . THR A 1 92  ? 15.080  4.431   15.741  1.00 14.87 ? 210 THR A C   1 
ATOM   717  O O   . THR A 1 92  ? 14.532  3.344   15.907  1.00 14.70 ? 210 THR A O   1 
ATOM   718  C CB  . THR A 1 92  ? 16.457  4.817   13.663  1.00 11.61 ? 210 THR A CB  1 
ATOM   719  O OG1 . THR A 1 92  ? 16.360  5.231   12.309  1.00 13.89 ? 210 THR A OG1 1 
ATOM   720  C CG2 . THR A 1 92  ? 16.770  3.366   13.626  1.00 16.21 ? 210 THR A CG2 1 
ATOM   721  N N   . ASN A 1 93  ? 15.571  5.181   16.727  1.00 14.50 ? 211 ASN A N   1 
ATOM   722  C CA  . ASN A 1 93  ? 15.684  4.730   18.107  1.00 14.75 ? 211 ASN A CA  1 
ATOM   723  C C   . ASN A 1 93  ? 14.531  5.060   19.013  1.00 16.63 ? 211 ASN A C   1 
ATOM   724  O O   . ASN A 1 93  ? 14.389  4.444   20.063  1.00 18.04 ? 211 ASN A O   1 
ATOM   725  C CB  . ASN A 1 93  ? 16.925  5.327   18.747  1.00 20.48 ? 211 ASN A CB  1 
ATOM   726  C CG  . ASN A 1 93  ? 18.204  4.892   18.072  1.00 20.79 ? 211 ASN A CG  1 
ATOM   727  O OD1 . ASN A 1 93  ? 18.280  3.817   17.477  1.00 19.17 ? 211 ASN A OD1 1 
ATOM   728  N ND2 . ASN A 1 93  ? 19.237  5.727   18.186  1.00 22.27 ? 211 ASN A ND2 1 
ATOM   729  N N   . ALA A 1 94  ? 13.765  6.086   18.648  1.00 18.39 ? 212 ALA A N   1 
ATOM   730  C CA  . ALA A 1 94  ? 12.629  6.552   19.444  1.00 16.13 ? 212 ALA A CA  1 
ATOM   731  C C   . ALA A 1 94  ? 11.501  7.113   18.575  1.00 20.06 ? 212 ALA A C   1 
ATOM   732  O O   . ALA A 1 94  ? 11.583  8.266   18.126  1.00 24.55 ? 212 ALA A O   1 
ATOM   733  C CB  . ALA A 1 94  ? 13.092  7.623   20.402  1.00 11.52 ? 212 ALA A CB  1 
ATOM   734  N N   . SER A 1 95  ? 10.422  6.342   18.414  1.00 17.22 ? 213 SER A N   1 
ATOM   735  C CA  . SER A 1 95  ? 9.262   6.775   17.615  1.00 19.31 ? 213 SER A CA  1 
ATOM   736  C C   . SER A 1 95  ? 8.983   8.273   17.852  1.00 19.12 ? 213 SER A C   1 
ATOM   737  O O   . SER A 1 95  ? 8.761   9.053   16.927  1.00 15.69 ? 213 SER A O   1 
ATOM   738  C CB  . SER A 1 95  ? 8.032   5.947   18.001  1.00 20.22 ? 213 SER A CB  1 
ATOM   739  O OG  . SER A 1 95  ? 7.634   6.193   19.350  1.00 19.32 ? 213 SER A OG  1 
ATOM   740  N N   . ASP A 1 96  ? 9.024   8.648   19.120  1.00 17.76 ? 214 ASP A N   1 
ATOM   741  C CA  . ASP A 1 96  ? 8.831   10.019  19.555  1.00 18.88 ? 214 ASP A CA  1 
ATOM   742  C C   . ASP A 1 96  ? 7.724   10.776  18.835  1.00 15.78 ? 214 ASP A C   1 
ATOM   743  O O   . ASP A 1 96  ? 7.954   11.848  18.291  1.00 16.65 ? 214 ASP A O   1 
ATOM   744  C CB  . ASP A 1 96  ? 10.159  10.789  19.479  1.00 15.62 ? 214 ASP A CB  1 
ATOM   745  C CG  . ASP A 1 96  ? 10.107  12.165  20.181  1.00 17.29 ? 214 ASP A CG  1 
ATOM   746  O OD1 . ASP A 1 96  ? 9.186   12.425  20.964  1.00 14.15 ? 214 ASP A OD1 1 
ATOM   747  O OD2 . ASP A 1 96  ? 11.004  12.992  19.952  1.00 17.40 ? 214 ASP A OD2 1 
ATOM   748  N N   . GLY A 1 97  ? 6.526   10.214  18.838  1.00 12.95 ? 215 GLY A N   1 
ATOM   749  C CA  . GLY A 1 97  ? 5.415   10.902  18.217  1.00 16.10 ? 215 GLY A CA  1 
ATOM   750  C C   . GLY A 1 97  ? 5.067   10.587  16.775  1.00 19.96 ? 215 GLY A C   1 
ATOM   751  O O   . GLY A 1 97  ? 4.138   11.179  16.232  1.00 23.03 ? 215 GLY A O   1 
ATOM   752  N N   . LEU A 1 98  ? 5.844   9.732   16.122  1.00 19.42 ? 216 LEU A N   1 
ATOM   753  C CA  . LEU A 1 98  ? 5.550   9.321   14.749  1.00 17.09 ? 216 LEU A CA  1 
ATOM   754  C C   . LEU A 1 98  ? 4.834   7.989   14.914  1.00 17.08 ? 216 LEU A C   1 
ATOM   755  O O   . LEU A 1 98  ? 5.005   7.334   15.935  1.00 13.91 ? 216 LEU A O   1 
ATOM   756  C CB  . LEU A 1 98  ? 6.836   9.016   13.967  1.00 13.78 ? 216 LEU A CB  1 
ATOM   757  C CG  . LEU A 1 98  ? 7.998   9.996   13.883  1.00 15.99 ? 216 LEU A CG  1 
ATOM   758  C CD1 . LEU A 1 98  ? 9.158   9.353   13.122  1.00 15.71 ? 216 LEU A CD1 1 
ATOM   759  C CD2 . LEU A 1 98  ? 7.564   11.235  13.166  1.00 14.06 ? 216 LEU A CD2 1 
ATOM   760  N N   . CYS A 1 99  ? 4.100   7.585   13.881  1.00 18.67 ? 217 CYS A N   1 
ATOM   761  C CA  . CYS A 1 99  ? 3.386   6.301   13.816  1.00 23.90 ? 217 CYS A CA  1 
ATOM   762  C C   . CYS A 1 99  ? 4.085   5.201   14.599  1.00 23.01 ? 217 CYS A C   1 
ATOM   763  O O   . CYS A 1 99  ? 3.442   4.424   15.337  1.00 23.55 ? 217 CYS A O   1 
ATOM   764  C CB  . CYS A 1 99  ? 3.297   5.866   12.338  1.00 27.84 ? 217 CYS A CB  1 
ATOM   765  S SG  . CYS A 1 99  ? 4.662   6.414   11.224  1.00 27.81 ? 217 CYS A SG  1 
ATOM   766  N N   . THR A 1 100 ? 5.394   5.119   14.349  1.00 22.72 ? 218 THR A N   1 
ATOM   767  C CA  . THR A 1 100 ? 6.338   4.184   14.961  1.00 22.45 ? 218 THR A CA  1 
ATOM   768  C C   . THR A 1 100 ? 7.741   4.671   14.573  1.00 20.47 ? 218 THR A C   1 
ATOM   769  O O   . THR A 1 100 ? 7.883   5.740   13.973  1.00 18.03 ? 218 THR A O   1 
ATOM   770  C CB  . THR A 1 100 ? 6.137   2.709   14.490  1.00 24.97 ? 218 THR A CB  1 
ATOM   771  O OG1 . THR A 1 100 ? 7.135   1.877   15.102  1.00 25.17 ? 218 THR A OG1 1 
ATOM   772  C CG2 . THR A 1 100 ? 6.166   2.570   12.942  1.00 24.66 ? 218 THR A CG2 1 
ATOM   773  N N   . ARG A 1 101 ? 8.766   3.927   14.966  1.00 21.58 ? 219 ARG A N   1 
ATOM   774  C CA  . ARG A 1 101 ? 10.134  4.308   14.656  1.00 22.10 ? 219 ARG A CA  1 
ATOM   775  C C   . ARG A 1 101 ? 10.550  3.891   13.268  1.00 21.15 ? 219 ARG A C   1 
ATOM   776  O O   . ARG A 1 101 ? 10.029  2.913   12.692  1.00 16.56 ? 219 ARG A O   1 
ATOM   777  C CB  . ARG A 1 101 ? 11.129  3.767   15.694  1.00 23.54 ? 219 ARG A CB  1 
ATOM   778  C CG  . ARG A 1 101 ? 11.010  2.285   16.004  1.00 28.79 ? 219 ARG A CG  1 
ATOM   779  C CD  . ARG A 1 101 ? 11.839  1.387   15.086  1.00 30.95 ? 219 ARG A CD  1 
ATOM   780  N NE  . ARG A 1 101 ? 11.433  -0.014  15.234  1.00 32.52 ? 219 ARG A NE  1 
ATOM   781  C CZ  . ARG A 1 101 ? 10.661  -0.684  14.373  1.00 29.82 ? 219 ARG A CZ  1 
ATOM   782  N NH1 . ARG A 1 101 ? 10.201  -0.108  13.265  1.00 25.14 ? 219 ARG A NH1 1 
ATOM   783  N NH2 . ARG A 1 101 ? 10.295  -1.922  14.659  1.00 31.57 ? 219 ARG A NH2 1 
ATOM   784  N N   . LEU A 1 102 ? 11.466  4.685   12.721  1.00 20.43 ? 220 LEU A N   1 
ATOM   785  C CA  . LEU A 1 102 ? 12.018  4.446   11.402  1.00 17.67 ? 220 LEU A CA  1 
ATOM   786  C C   . LEU A 1 102 ? 12.811  3.166   11.536  1.00 20.02 ? 220 LEU A C   1 
ATOM   787  O O   . LEU A 1 102 ? 13.383  2.860   12.595  1.00 20.28 ? 220 LEU A O   1 
ATOM   788  C CB  . LEU A 1 102 ? 12.943  5.590   11.003  1.00 11.68 ? 220 LEU A CB  1 
ATOM   789  C CG  . LEU A 1 102 ? 12.271  6.957   10.943  1.00 13.48 ? 220 LEU A CG  1 
ATOM   790  C CD1 . LEU A 1 102 ? 13.219  8.000   10.398  1.00 7.44  ? 220 LEU A CD1 1 
ATOM   791  C CD2 . LEU A 1 102 ? 10.997  6.860   10.063  1.00 12.14 ? 220 LEU A CD2 1 
ATOM   792  N N   . SER A 1 103 ? 12.761  2.360   10.503  1.00 17.69 ? 221 SER A N   1 
ATOM   793  C CA  . SER A 1 103 ? 13.491  1.131   10.521  1.00 20.25 ? 221 SER A CA  1 
ATOM   794  C C   . SER A 1 103 ? 14.369  1.244   9.292   1.00 20.97 ? 221 SER A C   1 
ATOM   795  O O   . SER A 1 103 ? 15.152  2.174   9.183   1.00 24.24 ? 221 SER A O   1 
ATOM   796  C CB  . SER A 1 103 ? 12.521  -0.042  10.445  1.00 21.03 ? 221 SER A CB  1 
ATOM   797  O OG  . SER A 1 103 ? 13.158  -1.247  10.804  1.00 24.30 ? 221 SER A OG  1 
ATOM   798  N N   . ARG A 1 104 ? 14.144  0.407   8.295   1.00 20.87 ? 222 ARG A N   1 
ATOM   799  C CA  . ARG A 1 104 ? 14.987  0.441   7.107   1.00 16.28 ? 222 ARG A CA  1 
ATOM   800  C C   . ARG A 1 104 ? 14.551  1.419   6.055   1.00 14.77 ? 222 ARG A C   1 
ATOM   801  O O   . ARG A 1 104 ? 13.381  1.809   5.989   1.00 15.60 ? 222 ARG A O   1 
ATOM   802  C CB  . ARG A 1 104 ? 15.093  -0.975  6.533   1.00 15.20 ? 222 ARG A CB  1 
ATOM   803  C CG  . ARG A 1 104 ? 13.770  -1.649  6.360   1.00 14.62 ? 222 ARG A CG  1 
ATOM   804  C CD  . ARG A 1 104 ? 13.956  -3.119  6.310   1.00 16.32 ? 222 ARG A CD  1 
ATOM   805  N NE  . ARG A 1 104 ? 12.982  -3.790  5.458   1.00 17.58 ? 222 ARG A NE  1 
ATOM   806  C CZ  . ARG A 1 104 ? 11.662  -3.681  5.554   1.00 14.54 ? 222 ARG A CZ  1 
ATOM   807  N NH1 . ARG A 1 104 ? 11.085  -2.906  6.457   1.00 19.79 ? 222 ARG A NH1 1 
ATOM   808  N NH2 . ARG A 1 104 ? 10.909  -4.463  4.821   1.00 13.50 ? 222 ARG A NH2 1 
ATOM   809  N N   . PRO A 1 105 ? 15.515  1.962   5.327   1.00 15.92 ? 223 PRO A N   1 
ATOM   810  C CA  . PRO A 1 105 ? 15.194  2.909   4.265   1.00 16.76 ? 223 PRO A CA  1 
ATOM   811  C C   . PRO A 1 105 ? 14.366  2.201   3.207   1.00 17.32 ? 223 PRO A C   1 
ATOM   812  O O   . PRO A 1 105 ? 14.426  0.979   3.084   1.00 17.43 ? 223 PRO A O   1 
ATOM   813  C CB  . PRO A 1 105 ? 16.572  3.300   3.756   1.00 15.00 ? 223 PRO A CB  1 
ATOM   814  C CG  . PRO A 1 105 ? 17.318  3.425   5.041   1.00 16.51 ? 223 PRO A CG  1 
ATOM   815  C CD  . PRO A 1 105 ? 16.914  2.132   5.753   1.00 15.87 ? 223 PRO A CD  1 
ATOM   816  N N   . CYS A 1 106 ? 13.567  2.965   2.471   1.00 20.24 ? 224 CYS A N   1 
ATOM   817  C CA  . CYS A 1 106 ? 12.705  2.417   1.424   1.00 15.82 ? 224 CYS A CA  1 
ATOM   818  C C   . CYS A 1 106 ? 13.507  1.675   0.345   1.00 16.04 ? 224 CYS A C   1 
ATOM   819  O O   . CYS A 1 106 ? 14.304  2.285   -0.377  1.00 15.00 ? 224 CYS A O   1 
ATOM   820  C CB  . CYS A 1 106 ? 11.887  3.558   0.812   1.00 14.97 ? 224 CYS A CB  1 
ATOM   821  S SG  . CYS A 1 106 ? 11.003  3.144   -0.706  1.00 17.61 ? 224 CYS A SG  1 
ATOM   822  N N   . GLN A 1 107 ? 13.332  0.355   0.261   1.00 17.94 ? 225 GLN A N   1 
ATOM   823  C CA  . GLN A 1 107 ? 14.053  -0.431  -0.744  1.00 16.44 ? 225 GLN A CA  1 
ATOM   824  C C   . GLN A 1 107 ? 13.269  -0.374  -2.027  1.00 17.92 ? 225 GLN A C   1 
ATOM   825  O O   . GLN A 1 107 ? 12.070  -0.669  -2.063  1.00 20.61 ? 225 GLN A O   1 
ATOM   826  C CB  . GLN A 1 107 ? 14.231  -1.894  -0.329  1.00 19.61 ? 225 GLN A CB  1 
ATOM   827  C CG  . GLN A 1 107 ? 15.115  -2.706  -1.274  1.00 16.42 ? 225 GLN A CG  1 
ATOM   828  C CD  . GLN A 1 107 ? 16.504  -2.111  -1.407  1.00 21.23 ? 225 GLN A CD  1 
ATOM   829  O OE1 . GLN A 1 107 ? 16.925  -1.698  -2.488  1.00 22.02 ? 225 GLN A OE1 1 
ATOM   830  N NE2 . GLN A 1 107 ? 17.214  -2.032  -0.287  1.00 27.61 ? 225 GLN A NE2 1 
ATOM   831  N N   . THR A 1 108 ? 13.975  -0.047  -3.090  1.00 17.58 ? 226 THR A N   1 
ATOM   832  C CA  . THR A 1 108 ? 13.375  0.086   -4.395  1.00 15.81 ? 226 THR A CA  1 
ATOM   833  C C   . THR A 1 108 ? 13.879  -1.006  -5.351  1.00 14.51 ? 226 THR A C   1 
ATOM   834  O O   . THR A 1 108 ? 13.279  -1.175  -6.435  1.00 12.82 ? 226 THR A O   1 
ATOM   835  C CB  . THR A 1 108 ? 13.636  1.520   -4.931  1.00 17.68 ? 226 THR A CB  1 
ATOM   836  O OG1 . THR A 1 108 ? 15.049  1.754   -5.085  1.00 16.85 ? 226 THR A OG1 1 
ATOM   837  C CG2 . THR A 1 108 ? 13.121  2.538   -3.909  1.00 16.97 ? 226 THR A CG2 1 
ATOM   838  O OXT . THR A 1 108 ? 14.808  -1.751  -4.962  1.00 10.22 ? 226 THR A OXT 1 
ATOM   839  N N   . PRO B 2 1   ? -24.688 -9.545  0.954   1.00 17.42 ? 124 PRO B N   1 
ATOM   840  C CA  . PRO B 2 1   ? -24.739 -10.950 1.426   1.00 17.58 ? 124 PRO B CA  1 
ATOM   841  C C   . PRO B 2 1   ? -23.415 -11.715 1.284   1.00 17.79 ? 124 PRO B C   1 
ATOM   842  O O   . PRO B 2 1   ? -23.348 -12.899 1.616   1.00 22.44 ? 124 PRO B O   1 
ATOM   843  C CB  . PRO B 2 1   ? -25.893 -11.677 0.715   1.00 14.38 ? 124 PRO B CB  1 
ATOM   844  C CG  . PRO B 2 1   ? -26.107 -10.885 -0.448  1.00 9.10  ? 124 PRO B CG  1 
ATOM   845  C CD  . PRO B 2 1   ? -25.892 -9.571  0.141   1.00 13.83 ? 124 PRO B CD  1 
ATOM   846  N N   . GLU B 2 2   ? -22.356 -11.053 0.820   1.00 17.89 ? 125 GLU B N   1 
ATOM   847  C CA  . GLU B 2 2   ? -21.075 -11.748 0.653   1.00 16.33 ? 125 GLU B CA  1 
ATOM   848  C C   . GLU B 2 2   ? -19.978 -10.949 1.348   1.00 14.15 ? 125 GLU B C   1 
ATOM   849  O O   . GLU B 2 2   ? -19.799 -9.779  1.050   1.00 16.04 ? 125 GLU B O   1 
ATOM   850  C CB  . GLU B 2 2   ? -20.773 -11.903 -0.844  1.00 13.62 ? 125 GLU B CB  1 
ATOM   851  C CG  . GLU B 2 2   ? -21.883 -12.612 -1.677  1.00 17.96 ? 125 GLU B CG  1 
ATOM   852  C CD  . GLU B 2 2   ? -21.928 -14.141 -1.478  1.00 20.02 ? 125 GLU B CD  1 
ATOM   853  O OE1 . GLU B 2 2   ? -21.358 -14.658 -0.484  1.00 26.06 ? 125 GLU B OE1 1 
ATOM   854  O OE2 . GLU B 2 2   ? -22.534 -14.831 -2.318  1.00 16.13 ? 125 GLU B OE2 1 
ATOM   855  N N   . PRO B 2 3   ? -19.196 -11.583 2.247   1.00 16.22 ? 126 PRO B N   1 
ATOM   856  C CA  . PRO B 2 3   ? -18.099 -10.945 3.009   1.00 16.06 ? 126 PRO B CA  1 
ATOM   857  C C   . PRO B 2 3   ? -16.896 -10.453 2.197   1.00 16.20 ? 126 PRO B C   1 
ATOM   858  O O   . PRO B 2 3   ? -16.075 -9.661  2.672   1.00 17.97 ? 126 PRO B O   1 
ATOM   859  C CB  . PRO B 2 3   ? -17.690 -12.038 3.991   1.00 16.70 ? 126 PRO B CB  1 
ATOM   860  C CG  . PRO B 2 3   ? -17.903 -13.288 3.205   1.00 18.23 ? 126 PRO B CG  1 
ATOM   861  C CD  . PRO B 2 3   ? -19.230 -13.035 2.496   1.00 15.07 ? 126 PRO B CD  1 
ATOM   862  N N   . TRP B 2 4   ? -16.805 -10.892 0.959   1.00 14.30 ? 127 TRP B N   1 
ATOM   863  C CA  . TRP B 2 4   ? -15.701 -10.510 0.122   1.00 12.57 ? 127 TRP B CA  1 
ATOM   864  C C   . TRP B 2 4   ? -16.085 -9.455  -0.917  1.00 12.71 ? 127 TRP B C   1 
ATOM   865  O O   . TRP B 2 4   ? -15.315 -9.150  -1.810  1.00 17.80 ? 127 TRP B O   1 
ATOM   866  C CB  . TRP B 2 4   ? -15.159 -11.772 -0.531  1.00 14.29 ? 127 TRP B CB  1 
ATOM   867  C CG  . TRP B 2 4   ? -16.253 -12.751 -1.028  1.00 10.74 ? 127 TRP B CG  1 
ATOM   868  C CD1 . TRP B 2 4   ? -16.503 -13.999 -0.546  1.00 12.77 ? 127 TRP B CD1 1 
ATOM   869  C CD2 . TRP B 2 4   ? -17.164 -12.576 -2.126  1.00 11.41 ? 127 TRP B CD2 1 
ATOM   870  N NE1 . TRP B 2 4   ? -17.483 -14.619 -1.269  1.00 11.48 ? 127 TRP B NE1 1 
ATOM   871  C CE2 . TRP B 2 4   ? -17.910 -13.763 -2.252  1.00 12.97 ? 127 TRP B CE2 1 
ATOM   872  C CE3 . TRP B 2 4   ? -17.429 -11.530 -3.022  1.00 10.77 ? 127 TRP B CE3 1 
ATOM   873  C CZ2 . TRP B 2 4   ? -18.882 -13.951 -3.229  1.00 15.06 ? 127 TRP B CZ2 1 
ATOM   874  C CZ3 . TRP B 2 4   ? -18.400 -11.710 -4.008  1.00 5.06  ? 127 TRP B CZ3 1 
ATOM   875  C CH2 . TRP B 2 4   ? -19.114 -12.918 -4.095  1.00 8.60  ? 127 TRP B CH2 1 
ATOM   876  N N   . PHE B 2 5   ? -17.282 -8.901  -0.819  1.00 10.07 ? 128 PHE B N   1 
ATOM   877  C CA  . PHE B 2 5   ? -17.694 -7.875  -1.752  1.00 7.72  ? 128 PHE B CA  1 
ATOM   878  C C   . PHE B 2 5   ? -17.613 -6.532  -1.058  1.00 6.49  ? 128 PHE B C   1 
ATOM   879  O O   . PHE B 2 5   ? -18.191 -6.346  0.016   1.00 10.35 ? 128 PHE B O   1 
ATOM   880  C CB  . PHE B 2 5   ? -19.110 -8.131  -2.229  1.00 7.22  ? 128 PHE B CB  1 
ATOM   881  C CG  . PHE B 2 5   ? -19.481 -7.336  -3.430  1.00 12.17 ? 128 PHE B CG  1 
ATOM   882  C CD1 . PHE B 2 5   ? -18.884 -7.599  -4.659  1.00 16.67 ? 128 PHE B CD1 1 
ATOM   883  C CD2 . PHE B 2 5   ? -20.395 -6.300  -3.333  1.00 12.46 ? 128 PHE B CD2 1 
ATOM   884  C CE1 . PHE B 2 5   ? -19.189 -6.838  -5.777  1.00 13.17 ? 128 PHE B CE1 1 
ATOM   885  C CE2 . PHE B 2 5   ? -20.708 -5.530  -4.438  1.00 14.51 ? 128 PHE B CE2 1 
ATOM   886  C CZ  . PHE B 2 5   ? -20.096 -5.803  -5.674  1.00 16.17 ? 128 PHE B CZ  1 
ATOM   887  N N   . PHE B 2 6   ? -16.934 -5.587  -1.700  1.00 11.82 ? 129 PHE B N   1 
ATOM   888  C CA  . PHE B 2 6   ? -16.723 -4.229  -1.193  1.00 13.63 ? 129 PHE B CA  1 
ATOM   889  C C   . PHE B 2 6   ? -17.385 -3.137  -2.079  1.00 19.30 ? 129 PHE B C   1 
ATOM   890  O O   . PHE B 2 6   ? -17.988 -2.166  -1.563  1.00 22.68 ? 129 PHE B O   1 
ATOM   891  C CB  . PHE B 2 6   ? -15.215 -3.990  -1.029  1.00 16.84 ? 129 PHE B CB  1 
ATOM   892  C CG  . PHE B 2 6   ? -14.576 -4.792  0.092   1.00 15.62 ? 129 PHE B CG  1 
ATOM   893  C CD1 . PHE B 2 6   ? -14.569 -6.192  0.075   1.00 15.85 ? 129 PHE B CD1 1 
ATOM   894  C CD2 . PHE B 2 6   ? -13.989 -4.134  1.188   1.00 17.45 ? 129 PHE B CD2 1 
ATOM   895  C CE1 . PHE B 2 6   ? -13.988 -6.925  1.119   1.00 13.57 ? 129 PHE B CE1 1 
ATOM   896  C CE2 . PHE B 2 6   ? -13.399 -4.853  2.240   1.00 13.19 ? 129 PHE B CE2 1 
ATOM   897  C CZ  . PHE B 2 6   ? -13.403 -6.249  2.208   1.00 15.38 ? 129 PHE B CZ  1 
ATOM   898  N N   . LYS B 2 7   ? -17.254 -3.269  -3.400  1.00 21.60 ? 130 LYS B N   1 
ATOM   899  C CA  . LYS B 2 7   ? -17.898 -2.346  -4.367  1.00 27.16 ? 130 LYS B CA  1 
ATOM   900  C C   . LYS B 2 7   ? -17.357 -0.908  -4.566  1.00 30.64 ? 130 LYS B C   1 
ATOM   901  O O   . LYS B 2 7   ? -16.723 -0.590  -5.595  1.00 30.27 ? 130 LYS B O   1 
ATOM   902  C CB  . LYS B 2 7   ? -19.419 -2.279  -4.085  1.00 28.93 ? 130 LYS B CB  1 
ATOM   903  C CG  . LYS B 2 7   ? -20.259 -1.529  -5.120  1.00 25.82 ? 130 LYS B CG  1 
ATOM   904  C CD  . LYS B 2 7   ? -21.541 -1.031  -4.495  1.00 28.45 ? 130 LYS B CD  1 
ATOM   905  C CE  . LYS B 2 7   ? -22.233 0.057   -5.315  1.00 27.47 ? 130 LYS B CE  1 
ATOM   906  N NZ  . LYS B 2 7   ? -23.471 0.554   -4.663  1.00 20.70 ? 130 LYS B NZ  1 
ATOM   907  N N   . ASN B 2 8   ? -17.625 -0.039  -3.594  1.00 29.52 ? 131 ASN B N   1 
ATOM   908  C CA  . ASN B 2 8   ? -17.209 1.365   -3.649  1.00 26.10 ? 131 ASN B CA  1 
ATOM   909  C C   . ASN B 2 8   ? -15.784 1.509   -3.148  1.00 24.46 ? 131 ASN B C   1 
ATOM   910  O O   . ASN B 2 8   ? -15.453 2.347   -2.306  1.00 23.49 ? 131 ASN B O   1 
ATOM   911  C CB  . ASN B 2 8   ? -18.218 2.171   -2.843  1.00 29.53 ? 131 ASN B CB  1 
ATOM   912  C CG  . ASN B 2 8   ? -19.651 1.847   -3.274  1.00 32.17 ? 131 ASN B CG  1 
ATOM   913  O OD1 . ASN B 2 8   ? -19.838 1.210   -4.313  1.00 28.78 ? 131 ASN B OD1 1 
ATOM   914  N ND2 . ASN B 2 8   ? -20.654 2.265   -2.491  1.00 34.67 ? 131 ASN B ND2 1 
ATOM   915  N N   . LEU B 2 9   ? -14.933 0.685   -3.739  1.00 23.77 ? 132 LEU B N   1 
ATOM   916  C CA  . LEU B 2 9   ? -13.528 0.596   -3.403  1.00 24.41 ? 132 LEU B CA  1 
ATOM   917  C C   . LEU B 2 9   ? -12.718 0.861   -4.667  1.00 21.99 ? 132 LEU B C   1 
ATOM   918  O O   . LEU B 2 9   ? -13.121 0.499   -5.775  1.00 19.96 ? 132 LEU B O   1 
ATOM   919  C CB  . LEU B 2 9   ? -13.243 -0.821  -2.890  1.00 24.30 ? 132 LEU B CB  1 
ATOM   920  C CG  . LEU B 2 9   ? -11.991 -1.173  -2.088  1.00 26.84 ? 132 LEU B CG  1 
ATOM   921  C CD1 . LEU B 2 9   ? -11.898 -0.330  -0.805  1.00 29.44 ? 132 LEU B CD1 1 
ATOM   922  C CD2 . LEU B 2 9   ? -12.063 -2.649  -1.739  1.00 23.67 ? 132 LEU B CD2 1 
ATOM   923  N N   . SER B 2 10  ? -11.588 1.530   -4.481  1.00 22.66 ? 133 SER B N   1 
ATOM   924  C CA  . SER B 2 10  ? -10.705 1.853   -5.590  1.00 22.24 ? 133 SER B CA  1 
ATOM   925  C C   . SER B 2 10  ? -9.566  0.843   -5.571  1.00 20.05 ? 133 SER B C   1 
ATOM   926  O O   . SER B 2 10  ? -9.319  0.210   -4.541  1.00 17.90 ? 133 SER B O   1 
ATOM   927  C CB  . SER B 2 10  ? -10.174 3.299   -5.464  1.00 21.22 ? 133 SER B CB  1 
ATOM   928  O OG  . SER B 2 10  ? -9.090  3.412   -4.556  1.00 20.23 ? 133 SER B OG  1 
ATOM   929  N N   . ARG B 2 11  ? -8.879  0.725   -6.709  1.00 22.14 ? 134 ARG B N   1 
ATOM   930  C CA  . ARG B 2 11  ? -7.740  -0.179  -6.899  1.00 17.28 ? 134 ARG B CA  1 
ATOM   931  C C   . ARG B 2 11  ? -6.682  0.058   -5.844  1.00 13.87 ? 134 ARG B C   1 
ATOM   932  O O   . ARG B 2 11  ? -6.164  -0.892  -5.261  1.00 9.57  ? 134 ARG B O   1 
ATOM   933  C CB  . ARG B 2 11  ? -7.119  0.050   -8.266  1.00 16.98 ? 134 ARG B CB  1 
ATOM   934  C CG  . ARG B 2 11  ? -5.928  -0.809  -8.551  1.00 14.76 ? 134 ARG B CG  1 
ATOM   935  C CD  . ARG B 2 11  ? -5.232  -0.276  -9.753  1.00 17.29 ? 134 ARG B CD  1 
ATOM   936  N NE  . ARG B 2 11  ? -4.234  -1.167  -10.338 1.00 22.75 ? 134 ARG B NE  1 
ATOM   937  C CZ  . ARG B 2 11  ? -3.284  -1.840  -9.685  1.00 25.48 ? 134 ARG B CZ  1 
ATOM   938  N NH1 . ARG B 2 11  ? -3.144  -1.756  -8.364  1.00 27.93 ? 134 ARG B NH1 1 
ATOM   939  N NH2 . ARG B 2 11  ? -2.468  -2.636  -10.377 1.00 25.32 ? 134 ARG B NH2 1 
ATOM   940  N N   . LYS B 2 12  ? -6.366  1.331   -5.614  1.00 14.87 ? 135 LYS B N   1 
ATOM   941  C CA  . LYS B 2 12  ? -5.384  1.722   -4.599  1.00 18.93 ? 135 LYS B CA  1 
ATOM   942  C C   . LYS B 2 12  ? -5.894  1.391   -3.186  1.00 18.45 ? 135 LYS B C   1 
ATOM   943  O O   . LYS B 2 12  ? -5.117  0.968   -2.327  1.00 18.79 ? 135 LYS B O   1 
ATOM   944  C CB  . LYS B 2 12  ? -5.049  3.214   -4.730  1.00 19.35 ? 135 LYS B CB  1 
ATOM   945  C CG  . LYS B 2 12  ? -4.024  3.529   -5.833  1.00 23.66 ? 135 LYS B CG  1 
ATOM   946  C CD  . LYS B 2 12  ? -2.601  3.037   -5.462  1.00 26.05 ? 135 LYS B CD  1 
ATOM   947  C CE  . LYS B 2 12  ? -1.695  2.777   -6.696  1.00 25.03 ? 135 LYS B CE  1 
ATOM   948  N NZ  . LYS B 2 12  ? -2.001  1.512   -7.485  1.00 25.21 ? 135 LYS B NZ  1 
ATOM   949  N N   . ASP B 2 13  ? -7.212  1.508   -2.990  1.00 17.65 ? 136 ASP B N   1 
ATOM   950  C CA  . ASP B 2 13  ? -7.875  1.217   -1.707  1.00 17.16 ? 136 ASP B CA  1 
ATOM   951  C C   . ASP B 2 13  ? -7.987  -0.270  -1.440  1.00 16.01 ? 136 ASP B C   1 
ATOM   952  O O   . ASP B 2 13  ? -7.925  -0.717  -0.290  1.00 20.81 ? 136 ASP B O   1 
ATOM   953  C CB  . ASP B 2 13  ? -9.274  1.849   -1.657  1.00 21.55 ? 136 ASP B CB  1 
ATOM   954  C CG  . ASP B 2 13  ? -9.223  3.357   -1.594  1.00 20.68 ? 136 ASP B CG  1 
ATOM   955  O OD1 . ASP B 2 13  ? -8.313  3.895   -0.923  1.00 20.24 ? 136 ASP B OD1 1 
ATOM   956  O OD2 . ASP B 2 13  ? -10.060 3.999   -2.257  1.00 22.08 ? 136 ASP B OD2 1 
ATOM   957  N N   . ALA B 2 14  ? -8.170  -1.038  -2.504  1.00 14.74 ? 137 ALA B N   1 
ATOM   958  C CA  . ALA B 2 14  ? -8.250  -2.486  -2.387  1.00 19.79 ? 137 ALA B CA  1 
ATOM   959  C C   . ALA B 2 14  ? -6.924  -2.963  -1.763  1.00 20.07 ? 137 ALA B C   1 
ATOM   960  O O   . ALA B 2 14  ? -6.926  -3.755  -0.823  1.00 20.39 ? 137 ALA B O   1 
ATOM   961  C CB  . ALA B 2 14  ? -8.478  -3.126  -3.772  1.00 11.25 ? 137 ALA B CB  1 
ATOM   962  N N   . GLU B 2 15  ? -5.812  -2.368  -2.212  1.00 22.15 ? 138 GLU B N   1 
ATOM   963  C CA  . GLU B 2 15  ? -4.469  -2.696  -1.721  1.00 18.27 ? 138 GLU B CA  1 
ATOM   964  C C   . GLU B 2 15  ? -4.166  -2.162  -0.324  1.00 21.86 ? 138 GLU B C   1 
ATOM   965  O O   . GLU B 2 15  ? -3.561  -2.885  0.479   1.00 26.68 ? 138 GLU B O   1 
ATOM   966  C CB  . GLU B 2 15  ? -3.401  -2.145  -2.645  1.00 19.09 ? 138 GLU B CB  1 
ATOM   967  C CG  . GLU B 2 15  ? -3.681  -2.229  -4.085  1.00 18.66 ? 138 GLU B CG  1 
ATOM   968  C CD  . GLU B 2 15  ? -2.790  -1.307  -4.852  1.00 22.85 ? 138 GLU B CD  1 
ATOM   969  O OE1 . GLU B 2 15  ? -2.600  -0.158  -4.375  1.00 28.56 ? 138 GLU B OE1 1 
ATOM   970  O OE2 . GLU B 2 15  ? -2.274  -1.733  -5.912  1.00 20.78 ? 138 GLU B OE2 1 
ATOM   971  N N   . ARG B 2 16  ? -4.475  -0.883  -0.066  1.00 19.07 ? 139 ARG B N   1 
ATOM   972  C CA  . ARG B 2 16  ? -4.258  -0.272  1.263   1.00 16.88 ? 139 ARG B CA  1 
ATOM   973  C C   . ARG B 2 16  ? -4.917  -1.205  2.273   1.00 15.43 ? 139 ARG B C   1 
ATOM   974  O O   . ARG B 2 16  ? -4.368  -1.539  3.324   1.00 17.72 ? 139 ARG B O   1 
ATOM   975  C CB  . ARG B 2 16  ? -4.965  1.090   1.371   1.00 17.43 ? 139 ARG B CB  1 
ATOM   976  C CG  . ARG B 2 16  ? -4.642  2.118   0.268   1.00 23.34 ? 139 ARG B CG  1 
ATOM   977  C CD  . ARG B 2 16  ? -5.464  3.442   0.429   1.00 25.91 ? 139 ARG B CD  1 
ATOM   978  N NE  . ARG B 2 16  ? -5.444  4.292   -0.766  1.00 25.27 ? 139 ARG B NE  1 
ATOM   979  C CZ  . ARG B 2 16  ? -4.357  4.875   -1.273  1.00 26.19 ? 139 ARG B CZ  1 
ATOM   980  N NH1 . ARG B 2 16  ? -3.163  4.726   -0.699  1.00 23.97 ? 139 ARG B NH1 1 
ATOM   981  N NH2 . ARG B 2 16  ? -4.462  5.592   -2.387  1.00 26.90 ? 139 ARG B NH2 1 
ATOM   982  N N   . GLN B 2 17  ? -6.108  -1.638  1.907   1.00 13.71 ? 140 GLN B N   1 
ATOM   983  C CA  . GLN B 2 17  ? -6.912  -2.535  2.704   1.00 16.03 ? 140 GLN B CA  1 
ATOM   984  C C   . GLN B 2 17  ? -6.278  -3.960  2.777   1.00 9.06  ? 140 GLN B C   1 
ATOM   985  O O   . GLN B 2 17  ? -6.031  -4.496  3.854   1.00 6.27  ? 140 GLN B O   1 
ATOM   986  C CB  . GLN B 2 17  ? -8.312  -2.582  2.041   1.00 16.06 ? 140 GLN B CB  1 
ATOM   987  C CG  . GLN B 2 17  ? -9.498  -2.727  2.966   1.00 19.43 ? 140 GLN B CG  1 
ATOM   988  C CD  . GLN B 2 17  ? -9.647  -1.559  3.914   1.00 21.47 ? 140 GLN B CD  1 
ATOM   989  O OE1 . GLN B 2 17  ? -9.772  -1.737  5.127   1.00 24.55 ? 140 GLN B OE1 1 
ATOM   990  N NE2 . GLN B 2 17  ? -9.627  -0.358  3.372   1.00 22.86 ? 140 GLN B NE2 1 
ATOM   991  N N   . LEU B 2 18  ? -6.060  -4.567  1.614   1.00 9.47  ? 141 LEU B N   1 
ATOM   992  C CA  . LEU B 2 18  ? -5.507  -5.917  1.504   1.00 14.62 ? 141 LEU B CA  1 
ATOM   993  C C   . LEU B 2 18  ? -4.119  -6.165  2.104   1.00 13.68 ? 141 LEU B C   1 
ATOM   994  O O   . LEU B 2 18  ? -3.883  -7.242  2.660   1.00 13.47 ? 141 LEU B O   1 
ATOM   995  C CB  . LEU B 2 18  ? -5.538  -6.383  0.047   1.00 12.16 ? 141 LEU B CB  1 
ATOM   996  C CG  . LEU B 2 18  ? -6.816  -7.095  -0.431  1.00 11.45 ? 141 LEU B CG  1 
ATOM   997  C CD1 . LEU B 2 18  ? -6.565  -7.666  -1.825  1.00 13.46 ? 141 LEU B CD1 1 
ATOM   998  C CD2 . LEU B 2 18  ? -7.248  -8.222  0.526   1.00 7.60  ? 141 LEU B CD2 1 
ATOM   999  N N   . LEU B 2 19  ? -3.225  -5.175  1.987   1.00 12.69 ? 142 LEU B N   1 
ATOM   1000 C CA  . LEU B 2 19  ? -1.841  -5.225  2.513   1.00 12.27 ? 142 LEU B CA  1 
ATOM   1001 C C   . LEU B 2 19  ? -1.733  -4.951  4.019   1.00 10.46 ? 142 LEU B C   1 
ATOM   1002 O O   . LEU B 2 19  ? -0.681  -5.119  4.623   1.00 9.66  ? 142 LEU B O   1 
ATOM   1003 C CB  . LEU B 2 19  ? -0.978  -4.198  1.788   1.00 13.71 ? 142 LEU B CB  1 
ATOM   1004 C CG  . LEU B 2 19  ? -0.698  -4.414  0.293   1.00 16.57 ? 142 LEU B CG  1 
ATOM   1005 C CD1 . LEU B 2 19  ? -0.218  -3.104  -0.289  1.00 13.35 ? 142 LEU B CD1 1 
ATOM   1006 C CD2 . LEU B 2 19  ? 0.326   -5.546  0.052   1.00 13.40 ? 142 LEU B CD2 1 
ATOM   1007 N N   . ALA B 2 20  ? -2.849  -4.549  4.617   1.00 16.19 ? 143 ALA B N   1 
ATOM   1008 C CA  . ALA B 2 20  ? -2.939  -4.224  6.039   1.00 16.61 ? 143 ALA B CA  1 
ATOM   1009 C C   . ALA B 2 20  ? -2.992  -5.452  6.944   1.00 19.08 ? 143 ALA B C   1 
ATOM   1010 O O   . ALA B 2 20  ? -3.433  -6.536  6.537   1.00 23.60 ? 143 ALA B O   1 
ATOM   1011 C CB  . ALA B 2 20  ? -4.155  -3.341  6.287   1.00 11.72 ? 143 ALA B CB  1 
ATOM   1012 N N   . PRO B 2 21  ? -2.529  -5.304  8.201   1.00 20.09 ? 144 PRO B N   1 
ATOM   1013 C CA  . PRO B 2 21  ? -2.538  -6.415  9.154   1.00 20.93 ? 144 PRO B CA  1 
ATOM   1014 C C   . PRO B 2 21  ? -3.889  -7.121  9.346   1.00 22.87 ? 144 PRO B C   1 
ATOM   1015 O O   . PRO B 2 21  ? -4.957  -6.493  9.445   1.00 21.71 ? 144 PRO B O   1 
ATOM   1016 C CB  . PRO B 2 21  ? -2.039  -5.747  10.452  1.00 22.37 ? 144 PRO B CB  1 
ATOM   1017 C CG  . PRO B 2 21  ? -2.384  -4.277  10.251  1.00 20.48 ? 144 PRO B CG  1 
ATOM   1018 C CD  . PRO B 2 21  ? -1.953  -4.101  8.838   1.00 17.51 ? 144 PRO B CD  1 
ATOM   1019 N N   . GLY B 2 22  ? -3.823  -8.442  9.390   1.00 21.92 ? 145 GLY B N   1 
ATOM   1020 C CA  . GLY B 2 22  ? -5.015  -9.256  9.547   1.00 20.08 ? 145 GLY B CA  1 
ATOM   1021 C C   . GLY B 2 22  ? -5.263  -10.047 8.278   1.00 17.87 ? 145 GLY B C   1 
ATOM   1022 O O   . GLY B 2 22  ? -6.005  -11.022 8.287   1.00 17.00 ? 145 GLY B O   1 
ATOM   1023 N N   . ASN B 2 23  ? -4.601  -9.622  7.202   1.00 18.66 ? 146 ASN B N   1 
ATOM   1024 C CA  . ASN B 2 23  ? -4.725  -10.239 5.898   1.00 17.40 ? 146 ASN B CA  1 
ATOM   1025 C C   . ASN B 2 23  ? -3.474  -11.007 5.645   1.00 15.63 ? 146 ASN B C   1 
ATOM   1026 O O   . ASN B 2 23  ? -2.421  -10.675 6.168   1.00 18.25 ? 146 ASN B O   1 
ATOM   1027 C CB  . ASN B 2 23  ? -4.981  -9.190  4.821   1.00 17.74 ? 146 ASN B CB  1 
ATOM   1028 C CG  . ASN B 2 23  ? -6.310  -8.468  5.021   1.00 16.64 ? 146 ASN B CG  1 
ATOM   1029 O OD1 . ASN B 2 23  ? -7.367  -9.094  5.200   1.00 13.14 ? 146 ASN B OD1 1 
ATOM   1030 N ND2 . ASN B 2 23  ? -6.253  -7.143  5.025   1.00 18.96 ? 146 ASN B ND2 1 
ATOM   1031 N N   . THR B 2 24  ? -3.604  -12.054 4.855   1.00 16.58 ? 147 THR B N   1 
ATOM   1032 C CA  . THR B 2 24  ? -2.509  -12.974 4.557   1.00 19.30 ? 147 THR B CA  1 
ATOM   1033 C C   . THR B 2 24  ? -2.588  -13.215 3.051   1.00 18.13 ? 147 THR B C   1 
ATOM   1034 O O   . THR B 2 24  ? -3.404  -12.583 2.390   1.00 16.86 ? 147 THR B O   1 
ATOM   1035 C CB  . THR B 2 24  ? -2.801  -14.293 5.345   1.00 19.37 ? 147 THR B CB  1 
ATOM   1036 O OG1 . THR B 2 24  ? -2.736  -14.021 6.752   1.00 22.00 ? 147 THR B OG1 1 
ATOM   1037 C CG2 . THR B 2 24  ? -1.838  -15.426 4.990   1.00 20.93 ? 147 THR B CG2 1 
ATOM   1038 N N   . HIS B 2 25  ? -1.701  -14.018 2.469   1.00 18.88 ? 148 HIS B N   1 
ATOM   1039 C CA  . HIS B 2 25  ? -1.861  -14.270 1.039   1.00 22.72 ? 148 HIS B CA  1 
ATOM   1040 C C   . HIS B 2 25  ? -3.113  -15.146 0.927   1.00 17.74 ? 148 HIS B C   1 
ATOM   1041 O O   . HIS B 2 25  ? -3.482  -15.845 1.871   1.00 14.42 ? 148 HIS B O   1 
ATOM   1042 C CB  . HIS B 2 25  ? -0.604  -14.867 0.356   1.00 26.93 ? 148 HIS B CB  1 
ATOM   1043 C CG  . HIS B 2 25  ? -0.450  -16.351 0.508   1.00 30.95 ? 148 HIS B CG  1 
ATOM   1044 N ND1 . HIS B 2 25  ? -0.518  -17.217 -0.562  1.00 33.08 ? 148 HIS B ND1 1 
ATOM   1045 C CD2 . HIS B 2 25  ? -0.189  -17.116 1.596   1.00 31.12 ? 148 HIS B CD2 1 
ATOM   1046 C CE1 . HIS B 2 25  ? -0.298  -18.451 -0.146  1.00 34.81 ? 148 HIS B CE1 1 
ATOM   1047 N NE2 . HIS B 2 25  ? -0.096  -18.417 1.160   1.00 35.39 ? 148 HIS B NE2 1 
ATOM   1048 N N   . GLY B 2 26  ? -3.812  -15.030 -0.191  1.00 18.77 ? 149 GLY B N   1 
ATOM   1049 C CA  . GLY B 2 26  ? -5.045  -15.761 -0.359  1.00 15.37 ? 149 GLY B CA  1 
ATOM   1050 C C   . GLY B 2 26  ? -6.182  -14.829 0.041   1.00 16.20 ? 149 GLY B C   1 
ATOM   1051 O O   . GLY B 2 26  ? -7.321  -15.042 -0.356  1.00 17.45 ? 149 GLY B O   1 
ATOM   1052 N N   . SER B 2 27  ? -5.883  -13.777 0.803   1.00 15.46 ? 150 SER B N   1 
ATOM   1053 C CA  . SER B 2 27  ? -6.912  -12.829 1.223   1.00 14.82 ? 150 SER B CA  1 
ATOM   1054 C C   . SER B 2 27  ? -7.375  -12.171 -0.061  1.00 14.16 ? 150 SER B C   1 
ATOM   1055 O O   . SER B 2 27  ? -6.560  -11.918 -0.944  1.00 16.63 ? 150 SER B O   1 
ATOM   1056 C CB  . SER B 2 27  ? -6.363  -11.793 2.222   1.00 18.19 ? 150 SER B CB  1 
ATOM   1057 O OG  . SER B 2 27  ? -6.748  -12.054 3.582   1.00 16.21 ? 150 SER B OG  1 
ATOM   1058 N N   . PHE B 2 28  ? -8.680  -11.977 -0.208  1.00 17.00 ? 151 PHE B N   1 
ATOM   1059 C CA  . PHE B 2 28  ? -9.208  -11.380 -1.429  1.00 12.15 ? 151 PHE B CA  1 
ATOM   1060 C C   . PHE B 2 28  ? -10.488 -10.579 -1.306  1.00 15.79 ? 151 PHE B C   1 
ATOM   1061 O O   . PHE B 2 28  ? -11.174 -10.570 -0.261  1.00 17.46 ? 151 PHE B O   1 
ATOM   1062 C CB  . PHE B 2 28  ? -9.506  -12.480 -2.404  1.00 11.88 ? 151 PHE B CB  1 
ATOM   1063 C CG  . PHE B 2 28  ? -10.647 -13.356 -1.970  1.00 15.60 ? 151 PHE B CG  1 
ATOM   1064 C CD1 . PHE B 2 28  ? -10.496 -14.245 -0.906  1.00 14.98 ? 151 PHE B CD1 1 
ATOM   1065 C CD2 . PHE B 2 28  ? -11.874 -13.310 -2.632  1.00 15.27 ? 151 PHE B CD2 1 
ATOM   1066 C CE1 . PHE B 2 28  ? -11.558 -15.077 -0.514  1.00 14.18 ? 151 PHE B CE1 1 
ATOM   1067 C CE2 . PHE B 2 28  ? -12.930 -14.141 -2.238  1.00 14.10 ? 151 PHE B CE2 1 
ATOM   1068 C CZ  . PHE B 2 28  ? -12.768 -15.018 -1.182  1.00 6.64  ? 151 PHE B CZ  1 
ATOM   1069 N N   . LEU B 2 29  ? -10.851 -9.966  -2.425  1.00 14.31 ? 152 LEU B N   1 
ATOM   1070 C CA  . LEU B 2 29  ? -12.072 -9.191  -2.499  1.00 14.23 ? 152 LEU B CA  1 
ATOM   1071 C C   . LEU B 2 29  ? -12.446 -8.925  -3.950  1.00 12.69 ? 152 LEU B C   1 
ATOM   1072 O O   . LEU B 2 29  ? -11.600 -9.046  -4.847  1.00 12.83 ? 152 LEU B O   1 
ATOM   1073 C CB  . LEU B 2 29  ? -11.960 -7.882  -1.700  1.00 9.99  ? 152 LEU B CB  1 
ATOM   1074 C CG  . LEU B 2 29  ? -10.890 -6.819  -2.010  1.00 7.49  ? 152 LEU B CG  1 
ATOM   1075 C CD1 . LEU B 2 29  ? -11.217 -6.068  -3.288  1.00 8.91  ? 152 LEU B CD1 1 
ATOM   1076 C CD2 . LEU B 2 29  ? -10.764 -5.819  -0.857  1.00 5.49  ? 152 LEU B CD2 1 
ATOM   1077 N N   . ILE B 2 30  ? -13.749 -8.728  -4.164  1.00 14.52 ? 153 ILE B N   1 
ATOM   1078 C CA  . ILE B 2 30  ? -14.314 -8.357  -5.461  1.00 15.22 ? 153 ILE B CA  1 
ATOM   1079 C C   . ILE B 2 30  ? -14.925 -6.986  -5.196  1.00 12.94 ? 153 ILE B C   1 
ATOM   1080 O O   . ILE B 2 30  ? -15.500 -6.761  -4.134  1.00 13.59 ? 153 ILE B O   1 
ATOM   1081 C CB  . ILE B 2 30  ? -15.441 -9.285  -5.921  1.00 13.67 ? 153 ILE B CB  1 
ATOM   1082 C CG1 . ILE B 2 30  ? -14.858 -10.647 -6.309  1.00 14.12 ? 153 ILE B CG1 1 
ATOM   1083 C CG2 . ILE B 2 30  ? -16.236 -8.606  -7.080  1.00 10.21 ? 153 ILE B CG2 1 
ATOM   1084 C CD1 . ILE B 2 30  ? -15.887 -11.715 -6.475  1.00 17.39 ? 153 ILE B CD1 1 
ATOM   1085 N N   . ARG B 2 31  ? -14.773 -6.074  -6.146  1.00 13.05 ? 154 ARG B N   1 
ATOM   1086 C CA  . ARG B 2 31  ? -15.285 -4.709  -6.019  1.00 14.03 ? 154 ARG B CA  1 
ATOM   1087 C C   . ARG B 2 31  ? -15.971 -4.212  -7.297  1.00 12.37 ? 154 ARG B C   1 
ATOM   1088 O O   . ARG B 2 31  ? -15.793 -4.780  -8.371  1.00 12.08 ? 154 ARG B O   1 
ATOM   1089 C CB  . ARG B 2 31  ? -14.131 -3.767  -5.662  1.00 9.47  ? 154 ARG B CB  1 
ATOM   1090 C CG  . ARG B 2 31  ? -12.792 -4.188  -6.271  1.00 8.82  ? 154 ARG B CG  1 
ATOM   1091 C CD  . ARG B 2 31  ? -11.792 -3.054  -6.412  1.00 11.48 ? 154 ARG B CD  1 
ATOM   1092 N NE  . ARG B 2 31  ? -10.555 -3.561  -6.996  1.00 14.92 ? 154 ARG B NE  1 
ATOM   1093 C CZ  . ARG B 2 31  ? -9.910  -3.010  -8.012  1.00 13.94 ? 154 ARG B CZ  1 
ATOM   1094 N NH1 . ARG B 2 31  ? -10.375 -1.910  -8.585  1.00 18.95 ? 154 ARG B NH1 1 
ATOM   1095 N NH2 . ARG B 2 31  ? -8.771  -3.536  -8.431  1.00 13.51 ? 154 ARG B NH2 1 
ATOM   1096 N N   . GLU B 2 32  ? -16.738 -3.138  -7.168  1.00 15.61 ? 155 GLU B N   1 
ATOM   1097 C CA  . GLU B 2 32  ? -17.409 -2.536  -8.306  1.00 20.82 ? 155 GLU B CA  1 
ATOM   1098 C C   . GLU B 2 32  ? -16.431 -1.524  -8.863  1.00 21.25 ? 155 GLU B C   1 
ATOM   1099 O O   . GLU B 2 32  ? -15.820 -0.744  -8.113  1.00 17.38 ? 155 GLU B O   1 
ATOM   1100 C CB  . GLU B 2 32  ? -18.686 -1.772  -7.915  1.00 24.57 ? 155 GLU B CB  1 
ATOM   1101 C CG  . GLU B 2 32  ? -19.176 -0.749  -9.024  1.00 28.72 ? 155 GLU B CG  1 
ATOM   1102 C CD  . GLU B 2 32  ? -19.422 0.729   -8.545  1.00 29.73 ? 155 GLU B CD  1 
ATOM   1103 O OE1 . GLU B 2 32  ? -19.576 0.995   -7.333  1.00 33.68 ? 155 GLU B OE1 1 
ATOM   1104 O OE2 . GLU B 2 32  ? -19.465 1.651   -9.402  1.00 30.26 ? 155 GLU B OE2 1 
ATOM   1105 N N   . SER B 2 33  ? -16.300 -1.547  -10.182 1.00 20.56 ? 156 SER B N   1 
ATOM   1106 C CA  . SER B 2 33  ? -15.460 -0.618  -10.880 1.00 22.18 ? 156 SER B CA  1 
ATOM   1107 C C   . SER B 2 33  ? -16.183 0.745   -10.801 1.00 23.42 ? 156 SER B C   1 
ATOM   1108 O O   . SER B 2 33  ? -17.349 0.863   -11.215 1.00 21.35 ? 156 SER B O   1 
ATOM   1109 C CB  . SER B 2 33  ? -15.337 -1.065  -12.330 1.00 22.66 ? 156 SER B CB  1 
ATOM   1110 O OG  . SER B 2 33  ? -16.077 -0.223  -13.199 1.00 26.70 ? 156 SER B OG  1 
ATOM   1111 N N   . GLU B 2 34  ? -15.464 1.774   -10.356 1.00 22.44 ? 157 GLU B N   1 
ATOM   1112 C CA  . GLU B 2 34  ? -16.021 3.134   -10.207 1.00 24.80 ? 157 GLU B CA  1 
ATOM   1113 C C   . GLU B 2 34  ? -16.464 3.845   -11.482 1.00 22.21 ? 157 GLU B C   1 
ATOM   1114 O O   . GLU B 2 34  ? -17.360 4.682   -11.427 1.00 27.35 ? 157 GLU B O   1 
ATOM   1115 C CB  . GLU B 2 34  ? -15.058 4.049   -9.422  1.00 18.94 ? 157 GLU B CB  1 
ATOM   1116 C CG  . GLU B 2 34  ? -14.898 3.638   -7.984  1.00 20.77 ? 157 GLU B CG  1 
ATOM   1117 C CD  . GLU B 2 34  ? -13.695 4.267   -7.322  1.00 19.93 ? 157 GLU B CD  1 
ATOM   1118 O OE1 . GLU B 2 34  ? -12.649 4.370   -7.987  1.00 24.37 ? 157 GLU B OE1 1 
ATOM   1119 O OE2 . GLU B 2 34  ? -13.787 4.642   -6.136  1.00 20.05 ? 157 GLU B OE2 1 
ATOM   1120 N N   . SER B 2 35  ? -15.793 3.568   -12.595 1.00 20.99 ? 158 SER B N   1 
ATOM   1121 C CA  . SER B 2 35  ? -16.130 4.170   -13.874 1.00 18.41 ? 158 SER B CA  1 
ATOM   1122 C C   . SER B 2 35  ? -16.976 3.228   -14.729 1.00 22.80 ? 158 SER B C   1 
ATOM   1123 O O   . SER B 2 35  ? -17.324 3.548   -15.875 1.00 24.24 ? 158 SER B O   1 
ATOM   1124 C CB  . SER B 2 35  ? -14.865 4.559   -14.632 1.00 18.07 ? 158 SER B CB  1 
ATOM   1125 O OG  . SER B 2 35  ? -14.020 3.438   -14.819 1.00 21.88 ? 158 SER B OG  1 
ATOM   1126 N N   . THR B 2 36  ? -17.248 2.033   -14.223 1.00 22.71 ? 159 THR B N   1 
ATOM   1127 C CA  . THR B 2 36  ? -18.075 1.121   -14.987 1.00 23.72 ? 159 THR B CA  1 
ATOM   1128 C C   . THR B 2 36  ? -18.957 0.274   -14.089 1.00 21.47 ? 159 THR B C   1 
ATOM   1129 O O   . THR B 2 36  ? -18.724 -0.923  -13.930 1.00 17.21 ? 159 THR B O   1 
ATOM   1130 C CB  . THR B 2 36  ? -17.236 0.255   -15.998 1.00 26.88 ? 159 THR B CB  1 
ATOM   1131 O OG1 . THR B 2 36  ? -16.616 1.107   -16.988 1.00 28.29 ? 159 THR B OG1 1 
ATOM   1132 C CG2 . THR B 2 36  ? -18.120 -0.756  -16.724 1.00 28.27 ? 159 THR B CG2 1 
ATOM   1133 N N   . ALA B 2 37  ? -19.989 0.911   -13.523 1.00 20.24 ? 160 ALA B N   1 
ATOM   1134 C CA  . ALA B 2 37  ? -20.966 0.248   -12.638 1.00 19.99 ? 160 ALA B CA  1 
ATOM   1135 C C   . ALA B 2 37  ? -21.418 -1.039  -13.304 1.00 19.91 ? 160 ALA B C   1 
ATOM   1136 O O   . ALA B 2 37  ? -21.750 -1.030  -14.498 1.00 21.44 ? 160 ALA B O   1 
ATOM   1137 C CB  . ALA B 2 37  ? -22.215 1.161   -12.397 1.00 17.57 ? 160 ALA B CB  1 
ATOM   1138 N N   . GLY B 2 38  ? -21.437 -2.141  -12.556 1.00 13.80 ? 161 GLY B N   1 
ATOM   1139 C CA  . GLY B 2 38  ? -21.852 -3.386  -13.163 1.00 15.24 ? 161 GLY B CA  1 
ATOM   1140 C C   . GLY B 2 38  ? -20.714 -4.261  -13.664 1.00 16.85 ? 161 GLY B C   1 
ATOM   1141 O O   . GLY B 2 38  ? -20.964 -5.388  -14.062 1.00 22.11 ? 161 GLY B O   1 
ATOM   1142 N N   . SER B 2 39  ? -19.494 -3.730  -13.746 1.00 16.80 ? 162 SER B N   1 
ATOM   1143 C CA  . SER B 2 39  ? -18.327 -4.512  -14.156 1.00 14.39 ? 162 SER B CA  1 
ATOM   1144 C C   . SER B 2 39  ? -17.504 -4.593  -12.863 1.00 14.60 ? 162 SER B C   1 
ATOM   1145 O O   . SER B 2 39  ? -17.494 -3.631  -12.078 1.00 12.98 ? 162 SER B O   1 
ATOM   1146 C CB  . SER B 2 39  ? -17.564 -3.824  -15.303 1.00 16.63 ? 162 SER B CB  1 
ATOM   1147 O OG  . SER B 2 39  ? -16.715 -2.780  -14.874 1.00 20.31 ? 162 SER B OG  1 
ATOM   1148 N N   . PHE B 2 40  ? -16.870 -5.737  -12.606 1.00 15.08 ? 163 PHE B N   1 
ATOM   1149 C CA  . PHE B 2 40  ? -16.127 -5.944  -11.354 1.00 12.30 ? 163 PHE B CA  1 
ATOM   1150 C C   . PHE B 2 40  ? -14.663 -6.381  -11.501 1.00 14.27 ? 163 PHE B C   1 
ATOM   1151 O O   . PHE B 2 40  ? -14.264 -6.855  -12.558 1.00 12.79 ? 163 PHE B O   1 
ATOM   1152 C CB  . PHE B 2 40  ? -16.868 -6.995  -10.514 1.00 15.23 ? 163 PHE B CB  1 
ATOM   1153 C CG  . PHE B 2 40  ? -18.366 -6.822  -10.517 1.00 18.66 ? 163 PHE B CG  1 
ATOM   1154 C CD1 . PHE B 2 40  ? -19.128 -7.282  -11.581 1.00 19.87 ? 163 PHE B CD1 1 
ATOM   1155 C CD2 . PHE B 2 40  ? -19.011 -6.134  -9.487  1.00 21.83 ? 163 PHE B CD2 1 
ATOM   1156 C CE1 . PHE B 2 40  ? -20.526 -7.053  -11.626 1.00 19.37 ? 163 PHE B CE1 1 
ATOM   1157 C CE2 . PHE B 2 40  ? -20.398 -5.902  -9.523  1.00 17.75 ? 163 PHE B CE2 1 
ATOM   1158 C CZ  . PHE B 2 40  ? -21.145 -6.364  -10.595 1.00 18.96 ? 163 PHE B CZ  1 
ATOM   1159 N N   . SER B 2 41  ? -13.890 -6.275  -10.415 1.00 9.17  ? 164 SER B N   1 
ATOM   1160 C CA  . SER B 2 41  ? -12.492 -6.669  -10.410 1.00 10.81 ? 164 SER B CA  1 
ATOM   1161 C C   . SER B 2 41  ? -12.245 -7.423  -9.121  1.00 13.71 ? 164 SER B C   1 
ATOM   1162 O O   . SER B 2 41  ? -12.791 -7.049  -8.073  1.00 14.44 ? 164 SER B O   1 
ATOM   1163 C CB  . SER B 2 41  ? -11.551 -5.443  -10.390 1.00 10.66 ? 164 SER B CB  1 
ATOM   1164 O OG  . SER B 2 41  ? -11.373 -4.793  -11.651 1.00 12.17 ? 164 SER B OG  1 
ATOM   1165 N N   . LEU B 2 42  ? -11.422 -8.469  -9.201  1.00 16.11 ? 165 LEU B N   1 
ATOM   1166 C CA  . LEU B 2 42  ? -11.024 -9.289  -8.056  1.00 17.62 ? 165 LEU B CA  1 
ATOM   1167 C C   . LEU B 2 42  ? -9.579  -8.933  -7.656  1.00 20.33 ? 165 LEU B C   1 
ATOM   1168 O O   . LEU B 2 42  ? -8.674  -9.012  -8.499  1.00 16.38 ? 165 LEU B O   1 
ATOM   1169 C CB  . LEU B 2 42  ? -11.081 -10.776 -8.427  1.00 17.45 ? 165 LEU B CB  1 
ATOM   1170 C CG  . LEU B 2 42  ? -10.494 -11.795 -7.426  1.00 14.11 ? 165 LEU B CG  1 
ATOM   1171 C CD1 . LEU B 2 42  ? -11.387 -11.909 -6.196  1.00 16.24 ? 165 LEU B CD1 1 
ATOM   1172 C CD2 . LEU B 2 42  ? -10.379 -13.146 -8.074  1.00 17.87 ? 165 LEU B CD2 1 
ATOM   1173 N N   . SER B 2 43  ? -9.359  -8.561  -6.393  1.00 17.22 ? 166 SER B N   1 
ATOM   1174 C CA  . SER B 2 43  ? -8.012  -8.230  -5.903  1.00 17.32 ? 166 SER B CA  1 
ATOM   1175 C C   . SER B 2 43  ? -7.601  -9.260  -4.847  1.00 12.54 ? 166 SER B C   1 
ATOM   1176 O O   . SER B 2 43  ? -8.382  -9.564  -3.958  1.00 16.74 ? 166 SER B O   1 
ATOM   1177 C CB  . SER B 2 43  ? -8.001  -6.818  -5.306  1.00 12.92 ? 166 SER B CB  1 
ATOM   1178 O OG  . SER B 2 43  ? -8.532  -5.888  -6.235  1.00 15.30 ? 166 SER B OG  1 
ATOM   1179 N N   . VAL B 2 44  ? -6.392  -9.801  -4.942  1.00 14.31 ? 167 VAL B N   1 
ATOM   1180 C CA  . VAL B 2 44  ? -5.950  -10.821 -3.981  1.00 14.66 ? 167 VAL B CA  1 
ATOM   1181 C C   . VAL B 2 44  ? -4.534  -10.610 -3.485  1.00 13.51 ? 167 VAL B C   1 
ATOM   1182 O O   . VAL B 2 44  ? -3.689  -10.118 -4.245  1.00 10.49 ? 167 VAL B O   1 
ATOM   1183 C CB  . VAL B 2 44  ? -6.168  -12.290 -4.517  1.00 17.94 ? 167 VAL B CB  1 
ATOM   1184 C CG1 . VAL B 2 44  ? -5.846  -12.424 -5.997  1.00 17.83 ? 167 VAL B CG1 1 
ATOM   1185 C CG2 . VAL B 2 44  ? -5.359  -13.275 -3.721  1.00 14.74 ? 167 VAL B CG2 1 
ATOM   1186 N N   . ARG B 2 45  ? -4.333  -10.835 -2.178  1.00 13.06 ? 168 ARG B N   1 
ATOM   1187 C CA  . ARG B 2 45  ? -3.019  -10.692 -1.534  1.00 18.65 ? 168 ARG B CA  1 
ATOM   1188 C C   . ARG B 2 45  ? -2.157  -11.917 -1.887  1.00 17.58 ? 168 ARG B C   1 
ATOM   1189 O O   . ARG B 2 45  ? -2.567  -13.051 -1.662  1.00 17.36 ? 168 ARG B O   1 
ATOM   1190 C CB  . ARG B 2 45  ? -3.142  -10.511 0.002   1.00 17.90 ? 168 ARG B CB  1 
ATOM   1191 C CG  . ARG B 2 45  ? -1.916  -9.830  0.637   1.00 19.55 ? 168 ARG B CG  1 
ATOM   1192 C CD  . ARG B 2 45  ? -1.954  -9.661  2.179   1.00 21.45 ? 168 ARG B CD  1 
ATOM   1193 N NE  . ARG B 2 45  ? -0.722  -9.044  2.706   1.00 16.31 ? 168 ARG B NE  1 
ATOM   1194 C CZ  . ARG B 2 45  ? -0.585  -8.494  3.921   1.00 20.59 ? 168 ARG B CZ  1 
ATOM   1195 N NH1 . ARG B 2 45  ? -1.586  -8.478  4.802   1.00 15.15 ? 168 ARG B NH1 1 
ATOM   1196 N NH2 . ARG B 2 45  ? 0.541   -7.850  4.224   1.00 25.50 ? 168 ARG B NH2 1 
ATOM   1197 N N   . ASP B 2 46  ? -0.991  -11.654 -2.478  1.00 22.80 ? 169 ASP B N   1 
ATOM   1198 C CA  . ASP B 2 46  ? -0.012  -12.637 -2.945  1.00 27.14 ? 169 ASP B CA  1 
ATOM   1199 C C   . ASP B 2 46  ? 1.365   -12.252 -2.415  1.00 31.31 ? 169 ASP B C   1 
ATOM   1200 O O   . ASP B 2 46  ? 1.688   -11.067 -2.341  1.00 30.39 ? 169 ASP B O   1 
ATOM   1201 C CB  . ASP B 2 46  ? 0.069   -12.583 -4.473  1.00 31.74 ? 169 ASP B CB  1 
ATOM   1202 C CG  . ASP B 2 46  ? 0.964   -13.672 -5.057  1.00 37.11 ? 169 ASP B CG  1 
ATOM   1203 O OD1 . ASP B 2 46  ? 1.059   -14.763 -4.433  1.00 39.37 ? 169 ASP B OD1 1 
ATOM   1204 O OD2 . ASP B 2 46  ? 1.566   -13.439 -6.140  1.00 37.96 ? 169 ASP B OD2 1 
ATOM   1205 N N   . PHE B 2 47  ? 2.202   -13.232 -2.077  1.00 33.89 ? 170 PHE B N   1 
ATOM   1206 C CA  . PHE B 2 47  ? 3.547   -12.912 -1.570  1.00 32.19 ? 170 PHE B CA  1 
ATOM   1207 C C   . PHE B 2 47  ? 4.644   -13.512 -2.418  1.00 31.00 ? 170 PHE B C   1 
ATOM   1208 O O   . PHE B 2 47  ? 4.726   -14.753 -2.549  1.00 30.43 ? 170 PHE B O   1 
ATOM   1209 C CB  . PHE B 2 47  ? 3.720   -13.328 -0.114  1.00 30.64 ? 170 PHE B CB  1 
ATOM   1210 C CG  . PHE B 2 47  ? 3.001   -12.440 0.857   1.00 34.20 ? 170 PHE B CG  1 
ATOM   1211 C CD1 . PHE B 2 47  ? 1.653   -12.101 0.662   1.00 30.12 ? 170 PHE B CD1 1 
ATOM   1212 C CD2 . PHE B 2 47  ? 3.663   -11.947 1.986   1.00 35.49 ? 170 PHE B CD2 1 
ATOM   1213 C CE1 . PHE B 2 47  ? 0.984   -11.299 1.565   1.00 30.33 ? 170 PHE B CE1 1 
ATOM   1214 C CE2 . PHE B 2 47  ? 2.990   -11.135 2.910   1.00 34.27 ? 170 PHE B CE2 1 
ATOM   1215 C CZ  . PHE B 2 47  ? 1.648   -10.810 2.697   1.00 31.87 ? 170 PHE B CZ  1 
ATOM   1216 N N   . ASP B 2 48  ? 5.449   -12.642 -3.010  1.00 29.38 ? 171 ASP B N   1 
ATOM   1217 C CA  . ASP B 2 48  ? 6.554   -13.095 -3.856  1.00 29.63 ? 171 ASP B CA  1 
ATOM   1218 C C   . ASP B 2 48  ? 7.955   -12.881 -3.224  1.00 27.87 ? 171 ASP B C   1 
ATOM   1219 O O   . ASP B 2 48  ? 8.107   -12.295 -2.142  1.00 21.83 ? 171 ASP B O   1 
ATOM   1220 C CB  . ASP B 2 48  ? 6.493   -12.473 -5.268  1.00 30.53 ? 171 ASP B CB  1 
ATOM   1221 C CG  . ASP B 2 48  ? 5.109   -12.543 -5.898  1.00 30.76 ? 171 ASP B CG  1 
ATOM   1222 O OD1 . ASP B 2 48  ? 4.123   -12.382 -5.144  1.00 27.23 ? 171 ASP B OD1 1 
ATOM   1223 O OD2 . ASP B 2 48  ? 5.024   -12.744 -7.146  1.00 29.30 ? 171 ASP B OD2 1 
ATOM   1224 N N   . GLN B 2 49  ? 8.965   -13.307 -3.967  1.00 29.37 ? 172 GLN B N   1 
ATOM   1225 C CA  . GLN B 2 49  ? 10.359  -13.282 -3.530  1.00 35.30 ? 172 GLN B CA  1 
ATOM   1226 C C   . GLN B 2 49  ? 11.219  -12.061 -3.796  1.00 35.82 ? 172 GLN B C   1 
ATOM   1227 O O   . GLN B 2 49  ? 11.286  -11.550 -4.929  1.00 36.81 ? 172 GLN B O   1 
ATOM   1228 C CB  . GLN B 2 49  ? 11.098  -14.538 -4.020  1.00 37.71 ? 172 GLN B CB  1 
ATOM   1229 C CG  . GLN B 2 49  ? 10.597  -15.852 -3.412  1.00 37.66 ? 172 GLN B CG  1 
ATOM   1230 C CD  . GLN B 2 49  ? 9.097   -16.014 -3.500  1.00 37.13 ? 172 GLN B CD  1 
ATOM   1231 O OE1 . GLN B 2 49  ? 8.406   -15.994 -2.478  1.00 36.68 ? 172 GLN B OE1 1 
ATOM   1232 N NE2 . GLN B 2 49  ? 8.574   -16.125 -4.724  1.00 36.97 ? 172 GLN B NE2 1 
ATOM   1233 N N   . ASN B 2 50  ? 11.961  -11.693 -2.748  1.00 36.39 ? 173 ASN B N   1 
ATOM   1234 C CA  . ASN B 2 50  ? 12.844  -10.532 -2.733  1.00 36.00 ? 173 ASN B CA  1 
ATOM   1235 C C   . ASN B 2 50  ? 11.914  -9.301  -2.860  1.00 36.13 ? 173 ASN B C   1 
ATOM   1236 O O   . ASN B 2 50  ? 12.292  -8.211  -3.335  1.00 33.96 ? 173 ASN B O   1 
ATOM   1237 C CB  . ASN B 2 50  ? 13.868  -10.628 -3.872  1.00 33.26 ? 173 ASN B CB  1 
ATOM   1238 C CG  . ASN B 2 50  ? 14.705  -9.395  -3.983  1.00 35.23 ? 173 ASN B CG  1 
ATOM   1239 O OD1 . ASN B 2 50  ? 15.559  -9.146  -3.139  1.00 38.04 ? 173 ASN B OD1 1 
ATOM   1240 N ND2 . ASN B 2 50  ? 14.419  -8.570  -4.984  1.00 34.55 ? 173 ASN B ND2 1 
ATOM   1241 N N   . GLN B 2 51  ? 10.713  -9.473  -2.313  1.00 33.13 ? 174 GLN B N   1 
ATOM   1242 C CA  . GLN B 2 51  ? 9.681   -8.467  -2.370  1.00 32.39 ? 174 GLN B CA  1 
ATOM   1243 C C   . GLN B 2 51  ? 8.643   -8.697  -1.256  1.00 35.00 ? 174 GLN B C   1 
ATOM   1244 O O   . GLN B 2 51  ? 8.670   -7.999  -0.245  1.00 34.57 ? 174 GLN B O   1 
ATOM   1245 C CB  . GLN B 2 51  ? 9.065   -8.490  -3.772  1.00 31.46 ? 174 GLN B CB  1 
ATOM   1246 C CG  . GLN B 2 51  ? 8.915   -9.889  -4.297  1.00 30.08 ? 174 GLN B CG  1 
ATOM   1247 C CD  . GLN B 2 51  ? 8.346   -10.000 -5.696  1.00 28.87 ? 174 GLN B CD  1 
ATOM   1248 O OE1 . GLN B 2 51  ? 7.370   -9.345  -6.066  1.00 29.04 ? 174 GLN B OE1 1 
ATOM   1249 N NE2 . GLN B 2 51  ? 8.913   -10.907 -6.456  1.00 25.01 ? 174 GLN B NE2 1 
ATOM   1250 N N   . GLY B 2 52  ? 7.764   -9.690  -1.403  1.00 36.63 ? 175 GLY B N   1 
ATOM   1251 C CA  . GLY B 2 52  ? 6.757   -9.950  -0.372  1.00 33.41 ? 175 GLY B CA  1 
ATOM   1252 C C   . GLY B 2 52  ? 5.346   -9.488  -0.706  1.00 30.92 ? 175 GLY B C   1 
ATOM   1253 O O   . GLY B 2 52  ? 5.033   -9.268  -1.872  1.00 27.84 ? 175 GLY B O   1 
ATOM   1254 N N   . GLU B 2 53  ? 4.504   -9.314  0.313   1.00 31.03 ? 176 GLU B N   1 
ATOM   1255 C CA  . GLU B 2 53  ? 3.118   -8.862  0.099   1.00 31.82 ? 176 GLU B CA  1 
ATOM   1256 C C   . GLU B 2 53  ? 2.930   -8.028  -1.157  1.00 28.56 ? 176 GLU B C   1 
ATOM   1257 O O   . GLU B 2 53  ? 3.471   -6.930  -1.284  1.00 29.18 ? 176 GLU B O   1 
ATOM   1258 C CB  . GLU B 2 53  ? 2.631   -8.024  1.273   1.00 35.69 ? 176 GLU B CB  1 
ATOM   1259 C CG  . GLU B 2 53  ? 3.616   -7.918  2.421   1.00 35.87 ? 176 GLU B CG  1 
ATOM   1260 C CD  . GLU B 2 53  ? 3.567   -6.571  3.074   1.00 35.71 ? 176 GLU B CD  1 
ATOM   1261 O OE1 . GLU B 2 53  ? 2.446   -6.110  3.397   1.00 32.85 ? 176 GLU B OE1 1 
ATOM   1262 O OE2 . GLU B 2 53  ? 4.655   -5.970  3.235   1.00 34.93 ? 176 GLU B OE2 1 
ATOM   1263 N N   . VAL B 2 54  ? 2.183   -8.577  -2.097  1.00 28.53 ? 177 VAL B N   1 
ATOM   1264 C CA  . VAL B 2 54  ? 1.887   -7.919  -3.363  1.00 23.29 ? 177 VAL B CA  1 
ATOM   1265 C C   . VAL B 2 54  ? 0.404   -8.182  -3.631  1.00 17.31 ? 177 VAL B C   1 
ATOM   1266 O O   . VAL B 2 54  ? -0.113  -9.252  -3.340  1.00 15.79 ? 177 VAL B O   1 
ATOM   1267 C CB  . VAL B 2 54  ? 2.880   -8.410  -4.491  1.00 20.20 ? 177 VAL B CB  1 
ATOM   1268 C CG1 . VAL B 2 54  ? 2.232   -8.509  -5.820  1.00 16.30 ? 177 VAL B CG1 1 
ATOM   1269 C CG2 . VAL B 2 54  ? 4.036   -7.437  -4.596  1.00 19.33 ? 177 VAL B CG2 1 
ATOM   1270 N N   . VAL B 2 55  ? -0.302  -7.140  -4.027  1.00 16.69 ? 178 VAL B N   1 
ATOM   1271 C CA  . VAL B 2 55  ? -1.737  -7.239  -4.311  1.00 18.69 ? 178 VAL B CA  1 
ATOM   1272 C C   . VAL B 2 55  ? -2.018  -7.332  -5.817  1.00 16.93 ? 178 VAL B C   1 
ATOM   1273 O O   . VAL B 2 55  ? -1.777  -6.389  -6.574  1.00 17.66 ? 178 VAL B O   1 
ATOM   1274 C CB  . VAL B 2 55  ? -2.507  -6.073  -3.628  1.00 19.71 ? 178 VAL B CB  1 
ATOM   1275 C CG1 . VAL B 2 55  ? -3.973  -6.042  -4.059  1.00 18.66 ? 178 VAL B CG1 1 
ATOM   1276 C CG2 . VAL B 2 55  ? -2.428  -6.241  -2.109  1.00 18.37 ? 178 VAL B CG2 1 
ATOM   1277 N N   . LYS B 2 56  ? -2.497  -8.500  -6.234  1.00 18.19 ? 179 LYS B N   1 
ATOM   1278 C CA  . LYS B 2 56  ? -2.805  -8.776  -7.628  1.00 18.67 ? 179 LYS B CA  1 
ATOM   1279 C C   . LYS B 2 56  ? -4.266  -8.483  -7.965  1.00 14.25 ? 179 LYS B C   1 
ATOM   1280 O O   . LYS B 2 56  ? -5.147  -8.786  -7.177  1.00 14.99 ? 179 LYS B O   1 
ATOM   1281 C CB  . LYS B 2 56  ? -2.472  -10.239 -7.928  1.00 21.78 ? 179 LYS B CB  1 
ATOM   1282 C CG  . LYS B 2 56  ? -0.984  -10.596 -7.737  1.00 21.67 ? 179 LYS B CG  1 
ATOM   1283 C CD  . LYS B 2 56  ? -0.126  -10.148 -8.921  1.00 23.27 ? 179 LYS B CD  1 
ATOM   1284 C CE  . LYS B 2 56  ? 0.516   -11.351 -9.650  1.00 26.01 ? 179 LYS B CE  1 
ATOM   1285 N NZ  . LYS B 2 56  ? 1.473   -12.132 -8.781  1.00 25.12 ? 179 LYS B NZ  1 
ATOM   1286 N N   . HIS B 2 57  ? -4.519  -7.935  -9.155  1.00 15.29 ? 180 HIS B N   1 
ATOM   1287 C CA  . HIS B 2 57  ? -5.884  -7.584  -9.594  1.00 14.90 ? 180 HIS B CA  1 
ATOM   1288 C C   . HIS B 2 57  ? -6.287  -8.227  -10.937 1.00 16.82 ? 180 HIS B C   1 
ATOM   1289 O O   . HIS B 2 57  ? -5.489  -8.287  -11.878 1.00 15.54 ? 180 HIS B O   1 
ATOM   1290 C CB  . HIS B 2 57  ? -6.013  -6.066  -9.716  1.00 14.57 ? 180 HIS B CB  1 
ATOM   1291 C CG  . HIS B 2 57  ? -5.520  -5.320  -8.517  1.00 15.16 ? 180 HIS B CG  1 
ATOM   1292 N ND1 . HIS B 2 57  ? -6.364  -4.808  -7.556  1.00 14.84 ? 180 HIS B ND1 1 
ATOM   1293 C CD2 . HIS B 2 57  ? -4.265  -4.977  -8.133  1.00 15.82 ? 180 HIS B CD2 1 
ATOM   1294 C CE1 . HIS B 2 57  ? -5.654  -4.174  -6.637  1.00 8.17  ? 180 HIS B CE1 1 
ATOM   1295 N NE2 . HIS B 2 57  ? -4.384  -4.263  -6.967  1.00 10.90 ? 180 HIS B NE2 1 
ATOM   1296 N N   . TYR B 2 58  ? -7.502  -8.767  -11.003 1.00 16.75 ? 181 TYR B N   1 
ATOM   1297 C CA  . TYR B 2 58  ? -8.006  -9.395  -12.219 1.00 13.18 ? 181 TYR B CA  1 
ATOM   1298 C C   . TYR B 2 58  ? -9.369  -8.821  -12.555 1.00 13.26 ? 181 TYR B C   1 
ATOM   1299 O O   . TYR B 2 58  ? -10.225 -8.670  -11.694 1.00 12.45 ? 181 TYR B O   1 
ATOM   1300 C CB  . TYR B 2 58  ? -8.139  -10.898 -12.045 1.00 7.31  ? 181 TYR B CB  1 
ATOM   1301 C CG  . TYR B 2 58  ? -6.877  -11.571 -11.586 1.00 13.72 ? 181 TYR B CG  1 
ATOM   1302 C CD1 . TYR B 2 58  ? -6.313  -11.245 -10.355 1.00 15.18 ? 181 TYR B CD1 1 
ATOM   1303 C CD2 . TYR B 2 58  ? -6.286  -12.595 -12.328 1.00 15.70 ? 181 TYR B CD2 1 
ATOM   1304 C CE1 . TYR B 2 58  ? -5.211  -11.914 -9.857  1.00 16.28 ? 181 TYR B CE1 1 
ATOM   1305 C CE2 . TYR B 2 58  ? -5.165  -13.276 -11.832 1.00 17.40 ? 181 TYR B CE2 1 
ATOM   1306 C CZ  . TYR B 2 58  ? -4.649  -12.924 -10.588 1.00 14.79 ? 181 TYR B CZ  1 
ATOM   1307 O OH  . TYR B 2 58  ? -3.576  -13.590 -10.052 1.00 25.02 ? 181 TYR B OH  1 
ATOM   1308 N N   . LYS B 2 59  ? -9.570  -8.505  -13.816 1.00 13.77 ? 182 LYS B N   1 
ATOM   1309 C CA  . LYS B 2 59  ? -10.836 -7.979  -14.244 1.00 13.43 ? 182 LYS B CA  1 
ATOM   1310 C C   . LYS B 2 59  ? -11.828 -9.104  -14.437 1.00 16.94 ? 182 LYS B C   1 
ATOM   1311 O O   . LYS B 2 59  ? -11.529 -10.112 -15.092 1.00 18.10 ? 182 LYS B O   1 
ATOM   1312 C CB  . LYS B 2 59  ? -10.702 -7.231  -15.556 1.00 9.19  ? 182 LYS B CB  1 
ATOM   1313 C CG  . LYS B 2 59  ? -11.975 -6.531  -15.964 1.00 7.04  ? 182 LYS B CG  1 
ATOM   1314 C CD  . LYS B 2 59  ? -12.507 -5.555  -14.873 1.00 7.63  ? 182 LYS B CD  1 
ATOM   1315 C CE  . LYS B 2 59  ? -13.734 -4.825  -15.384 1.00 3.86  ? 182 LYS B CE  1 
ATOM   1316 N NZ  . LYS B 2 59  ? -14.636 -5.768  -16.147 1.00 9.51  ? 182 LYS B NZ  1 
ATOM   1317 N N   . ILE B 2 60  ? -12.966 -8.978  -13.770 1.00 18.10 ? 183 ILE B N   1 
ATOM   1318 C CA  . ILE B 2 60  ? -14.034 -9.941  -13.939 1.00 15.11 ? 183 ILE B CA  1 
ATOM   1319 C C   . ILE B 2 60  ? -14.770 -9.301  -15.125 1.00 15.61 ? 183 ILE B C   1 
ATOM   1320 O O   . ILE B 2 60  ? -15.095 -8.109  -15.113 1.00 13.29 ? 183 ILE B O   1 
ATOM   1321 C CB  . ILE B 2 60  ? -14.953 -10.047 -12.699 1.00 14.14 ? 183 ILE B CB  1 
ATOM   1322 C CG1 . ILE B 2 60  ? -14.196 -10.677 -11.521 1.00 14.71 ? 183 ILE B CG1 1 
ATOM   1323 C CG2 . ILE B 2 60  ? -16.169 -10.915 -13.034 1.00 12.67 ? 183 ILE B CG2 1 
ATOM   1324 C CD1 . ILE B 2 60  ? -14.867 -10.529 -10.156 1.00 15.20 ? 183 ILE B CD1 1 
ATOM   1325 N N   . ARG B 2 61  ? -14.940 -10.069 -16.185 1.00 15.02 ? 184 ARG B N   1 
ATOM   1326 C CA  . ARG B 2 61  ? -15.604 -9.564  -17.371 1.00 16.51 ? 184 ARG B CA  1 
ATOM   1327 C C   . ARG B 2 61  ? -17.001 -10.130 -17.459 1.00 17.15 ? 184 ARG B C   1 
ATOM   1328 O O   . ARG B 2 61  ? -17.251 -11.311 -17.144 1.00 16.66 ? 184 ARG B O   1 
ATOM   1329 C CB  . ARG B 2 61  ? -14.815 -9.922  -18.629 1.00 14.07 ? 184 ARG B CB  1 
ATOM   1330 C CG  . ARG B 2 61  ? -13.326 -9.831  -18.407 1.00 17.37 ? 184 ARG B CG  1 
ATOM   1331 C CD  . ARG B 2 61  ? -12.661 -9.041  -19.499 1.00 19.09 ? 184 ARG B CD  1 
ATOM   1332 N NE  . ARG B 2 61  ? -11.258 -8.817  -19.189 1.00 19.25 ? 184 ARG B NE  1 
ATOM   1333 C CZ  . ARG B 2 61  ? -10.641 -7.655  -19.342 1.00 19.58 ? 184 ARG B CZ  1 
ATOM   1334 N NH1 . ARG B 2 61  ? -11.302 -6.606  -19.802 1.00 17.73 ? 184 ARG B NH1 1 
ATOM   1335 N NH2 . ARG B 2 61  ? -9.383  -7.516  -18.967 1.00 16.83 ? 184 ARG B NH2 1 
ATOM   1336 N N   . ASN B 2 62  ? -17.879 -9.256  -17.940 1.00 20.88 ? 185 ASN B N   1 
ATOM   1337 C CA  . ASN B 2 62  ? -19.297 -9.503  -18.137 1.00 17.47 ? 185 ASN B CA  1 
ATOM   1338 C C   . ASN B 2 62  ? -19.684 -10.246 -19.398 1.00 16.49 ? 185 ASN B C   1 
ATOM   1339 O O   . ASN B 2 62  ? -19.182 -9.963  -20.492 1.00 19.18 ? 185 ASN B O   1 
ATOM   1340 C CB  . ASN B 2 62  ? -20.034 -8.171  -18.134 1.00 16.80 ? 185 ASN B CB  1 
ATOM   1341 C CG  . ASN B 2 62  ? -19.940 -7.467  -16.817 1.00 15.26 ? 185 ASN B CG  1 
ATOM   1342 O OD1 . ASN B 2 62  ? -19.520 -8.043  -15.812 1.00 19.20 ? 185 ASN B OD1 1 
ATOM   1343 N ND2 . ASN B 2 62  ? -20.310 -6.199  -16.812 1.00 15.58 ? 185 ASN B ND2 1 
ATOM   1344 N N   . LEU B 2 63  ? -20.601 -11.191 -19.232 1.00 16.74 ? 186 LEU B N   1 
ATOM   1345 C CA  . LEU B 2 63  ? -21.112 -11.964 -20.342 1.00 18.50 ? 186 LEU B CA  1 
ATOM   1346 C C   . LEU B 2 63  ? -22.403 -11.315 -20.871 1.00 22.38 ? 186 LEU B C   1 
ATOM   1347 O O   . LEU B 2 63  ? -23.052 -10.487 -20.173 1.00 15.82 ? 186 LEU B O   1 
ATOM   1348 C CB  . LEU B 2 63  ? -21.376 -13.423 -19.942 1.00 11.92 ? 186 LEU B CB  1 
ATOM   1349 C CG  . LEU B 2 63  ? -20.173 -14.352 -19.781 1.00 11.01 ? 186 LEU B CG  1 
ATOM   1350 C CD1 . LEU B 2 63  ? -20.617 -15.810 -19.756 1.00 8.65  ? 186 LEU B CD1 1 
ATOM   1351 C CD2 . LEU B 2 63  ? -19.233 -14.164 -20.917 1.00 9.82  ? 186 LEU B CD2 1 
ATOM   1352 N N   . ASP B 2 64  ? -22.721 -11.652 -22.126 1.00 22.26 ? 187 ASP B N   1 
ATOM   1353 C CA  . ASP B 2 64  ? -23.908 -11.178 -22.815 1.00 21.10 ? 187 ASP B CA  1 
ATOM   1354 C C   . ASP B 2 64  ? -24.912 -12.291 -22.612 1.00 19.28 ? 187 ASP B C   1 
ATOM   1355 O O   . ASP B 2 64  ? -25.026 -13.200 -23.428 1.00 23.33 ? 187 ASP B O   1 
ATOM   1356 C CB  . ASP B 2 64  ? -23.618 -10.918 -24.303 1.00 29.01 ? 187 ASP B CB  1 
ATOM   1357 C CG  . ASP B 2 64  ? -22.573 -11.904 -24.918 1.00 36.41 ? 187 ASP B CG  1 
ATOM   1358 O OD1 . ASP B 2 64  ? -21.372 -11.896 -24.521 1.00 33.59 ? 187 ASP B OD1 1 
ATOM   1359 O OD2 . ASP B 2 64  ? -22.953 -12.645 -25.854 1.00 36.61 ? 187 ASP B OD2 1 
ATOM   1360 N N   . ASN B 2 65  ? -25.518 -12.257 -21.430 1.00 19.13 ? 188 ASN B N   1 
ATOM   1361 C CA  . ASN B 2 65  ? -26.527 -13.198 -20.916 1.00 15.64 ? 188 ASN B CA  1 
ATOM   1362 C C   . ASN B 2 65  ? -26.432 -13.124 -19.396 1.00 17.19 ? 188 ASN B C   1 
ATOM   1363 O O   . ASN B 2 65  ? -27.133 -13.840 -18.657 1.00 18.34 ? 188 ASN B O   1 
ATOM   1364 C CB  . ASN B 2 65  ? -26.290 -14.647 -21.376 1.00 18.98 ? 188 ASN B CB  1 
ATOM   1365 C CG  . ASN B 2 65  ? -24.970 -15.226 -20.880 1.00 21.14 ? 188 ASN B CG  1 
ATOM   1366 O OD1 . ASN B 2 65  ? -23.889 -14.779 -21.282 1.00 21.66 ? 188 ASN B OD1 1 
ATOM   1367 N ND2 . ASN B 2 65  ? -25.053 -16.254 -20.052 1.00 17.35 ? 188 ASN B ND2 1 
ATOM   1368 N N   . GLY B 2 66  ? -25.609 -12.190 -18.934 1.00 13.92 ? 189 GLY B N   1 
ATOM   1369 C CA  . GLY B 2 66  ? -25.396 -12.028 -17.521 1.00 18.22 ? 189 GLY B CA  1 
ATOM   1370 C C   . GLY B 2 66  ? -24.294 -13.027 -17.314 1.00 21.98 ? 189 GLY B C   1 
ATOM   1371 O O   . GLY B 2 66  ? -24.092 -13.918 -18.156 1.00 28.90 ? 189 GLY B O   1 
ATOM   1372 N N   . GLY B 2 67  ? -23.552 -12.922 -16.230 1.00 19.79 ? 190 GLY B N   1 
ATOM   1373 C CA  . GLY B 2 67  ? -22.491 -13.894 -16.084 1.00 16.72 ? 190 GLY B CA  1 
ATOM   1374 C C   . GLY B 2 67  ? -21.169 -13.168 -16.074 1.00 19.17 ? 190 GLY B C   1 
ATOM   1375 O O   . GLY B 2 67  ? -21.119 -11.979 -16.431 1.00 10.52 ? 190 GLY B O   1 
ATOM   1376 N N   . PHE B 2 68  ? -20.117 -13.882 -15.672 1.00 14.51 ? 191 PHE B N   1 
ATOM   1377 C CA  . PHE B 2 68  ? -18.809 -13.289 -15.551 1.00 14.49 ? 191 PHE B CA  1 
ATOM   1378 C C   . PHE B 2 68  ? -17.709 -14.303 -15.875 1.00 15.86 ? 191 PHE B C   1 
ATOM   1379 O O   . PHE B 2 68  ? -17.926 -15.516 -15.946 1.00 16.50 ? 191 PHE B O   1 
ATOM   1380 C CB  . PHE B 2 68  ? -18.603 -12.832 -14.097 1.00 14.29 ? 191 PHE B CB  1 
ATOM   1381 C CG  . PHE B 2 68  ? -19.749 -12.003 -13.516 1.00 17.74 ? 191 PHE B CG  1 
ATOM   1382 C CD1 . PHE B 2 68  ? -20.929 -12.619 -13.059 1.00 14.04 ? 191 PHE B CD1 1 
ATOM   1383 C CD2 . PHE B 2 68  ? -19.612 -10.622 -13.339 1.00 17.10 ? 191 PHE B CD2 1 
ATOM   1384 C CE1 . PHE B 2 68  ? -21.947 -11.877 -12.430 1.00 13.09 ? 191 PHE B CE1 1 
ATOM   1385 C CE2 . PHE B 2 68  ? -20.618 -9.884  -12.709 1.00 16.73 ? 191 PHE B CE2 1 
ATOM   1386 C CZ  . PHE B 2 68  ? -21.790 -10.520 -12.255 1.00 12.20 ? 191 PHE B CZ  1 
ATOM   1387 N N   . TYR B 2 69  ? -16.493 -13.808 -16.065 1.00 16.71 ? 192 TYR B N   1 
ATOM   1388 C CA  . TYR B 2 69  ? -15.290 -14.654 -16.307 1.00 19.46 ? 192 TYR B CA  1 
ATOM   1389 C C   . TYR B 2 69  ? -14.045 -13.793 -16.194 1.00 18.67 ? 192 TYR B C   1 
ATOM   1390 O O   . TYR B 2 69  ? -14.105 -12.603 -16.400 1.00 17.39 ? 192 TYR B O   1 
ATOM   1391 C CB  . TYR B 2 69  ? -15.324 -15.307 -17.690 1.00 19.57 ? 192 TYR B CB  1 
ATOM   1392 C CG  . TYR B 2 69  ? -15.200 -14.326 -18.877 1.00 20.44 ? 192 TYR B CG  1 
ATOM   1393 C CD1 . TYR B 2 69  ? -16.330 -13.747 -19.418 1.00 20.64 ? 192 TYR B CD1 1 
ATOM   1394 C CD2 . TYR B 2 69  ? -13.961 -14.023 -19.473 1.00 20.19 ? 192 TYR B CD2 1 
ATOM   1395 C CE1 . TYR B 2 69  ? -16.272 -12.917 -20.483 1.00 20.02 ? 192 TYR B CE1 1 
ATOM   1396 C CE2 . TYR B 2 69  ? -13.886 -13.184 -20.556 1.00 21.08 ? 192 TYR B CE2 1 
ATOM   1397 C CZ  . TYR B 2 69  ? -15.063 -12.630 -21.057 1.00 22.93 ? 192 TYR B CZ  1 
ATOM   1398 O OH  . TYR B 2 69  ? -15.074 -11.765 -22.126 1.00 28.78 ? 192 TYR B OH  1 
ATOM   1399 N N   . ILE B 2 70  ? -12.949 -14.414 -15.788 1.00 14.57 ? 193 ILE B N   1 
ATOM   1400 C CA  . ILE B 2 70  ? -11.648 -13.733 -15.666 1.00 11.82 ? 193 ILE B CA  1 
ATOM   1401 C C   . ILE B 2 70  ? -10.934 -14.324 -16.902 1.00 8.32  ? 193 ILE B C   1 
ATOM   1402 O O   . ILE B 2 70  ? -10.311 -13.600 -17.716 1.00 7.59  ? 193 ILE B O   1 
ATOM   1403 C CB  . ILE B 2 70  ? -10.891 -14.164 -14.437 1.00 11.39 ? 193 ILE B CB  1 
ATOM   1404 C CG1 . ILE B 2 70  ? -11.648 -13.702 -13.187 1.00 15.88 ? 193 ILE B CG1 1 
ATOM   1405 C CG2 . ILE B 2 70  ? -9.540  -13.524 -14.374 1.00 12.90 ? 193 ILE B CG2 1 
ATOM   1406 C CD1 . ILE B 2 70  ? -11.527 -12.232 -12.770 1.00 16.29 ? 193 ILE B CD1 1 
ATOM   1407 N N   . SER B 2 71  ? -11.078 -15.645 -17.053 1.00 9.47  ? 194 SER B N   1 
ATOM   1408 C CA  . SER B 2 71  ? -10.505 -16.430 -18.119 1.00 8.44  ? 194 SER B CA  1 
ATOM   1409 C C   . SER B 2 71  ? -11.592 -16.957 -19.015 1.00 8.61  ? 194 SER B C   1 
ATOM   1410 O O   . SER B 2 71  ? -12.512 -17.623 -18.546 1.00 12.68 ? 194 SER B O   1 
ATOM   1411 C CB  . SER B 2 71  ? -9.777  -17.592 -17.465 1.00 8.73  ? 194 SER B CB  1 
ATOM   1412 O OG  . SER B 2 71  ? -8.487  -17.193 -17.076 1.00 16.05 ? 194 SER B OG  1 
ATOM   1413 N N   . PRO B 2 72  ? -11.505 -16.666 -20.325 1.00 9.91  ? 195 PRO B N   1 
ATOM   1414 C CA  . PRO B 2 72  ? -12.539 -17.177 -21.233 1.00 14.36 ? 195 PRO B CA  1 
ATOM   1415 C C   . PRO B 2 72  ? -12.793 -18.690 -21.073 1.00 13.93 ? 195 PRO B C   1 
ATOM   1416 O O   . PRO B 2 72  ? -13.933 -19.110 -21.224 1.00 12.04 ? 195 PRO B O   1 
ATOM   1417 C CB  . PRO B 2 72  ? -11.980 -16.826 -22.621 1.00 14.73 ? 195 PRO B CB  1 
ATOM   1418 C CG  . PRO B 2 72  ? -11.279 -15.495 -22.335 1.00 14.44 ? 195 PRO B CG  1 
ATOM   1419 C CD  . PRO B 2 72  ? -10.557 -15.789 -21.054 1.00 12.55 ? 195 PRO B CD  1 
ATOM   1420 N N   . ARG B 2 73  ? -11.790 -19.440 -20.585 1.00 14.03 ? 196 ARG B N   1 
ATOM   1421 C CA  . ARG B 2 73  ? -11.868 -20.897 -20.374 1.00 14.83 ? 196 ARG B CA  1 
ATOM   1422 C C   . ARG B 2 73  ? -13.045 -21.362 -19.488 1.00 17.37 ? 196 ARG B C   1 
ATOM   1423 O O   . ARG B 2 73  ? -13.508 -22.493 -19.621 1.00 22.25 ? 196 ARG B O   1 
ATOM   1424 C CB  . ARG B 2 73  ? -10.502 -21.474 -19.863 1.00 15.58 ? 196 ARG B CB  1 
ATOM   1425 C CG  . ARG B 2 73  ? -10.282 -21.490 -18.296 1.00 23.17 ? 196 ARG B CG  1 
ATOM   1426 C CD  . ARG B 2 73  ? -8.868  -21.984 -17.757 1.00 26.76 ? 196 ARG B CD  1 
ATOM   1427 N NE  . ARG B 2 73  ? -7.699  -21.156 -18.154 1.00 34.35 ? 196 ARG B NE  1 
ATOM   1428 C CZ  . ARG B 2 73  ? -6.525  -21.039 -17.500 1.00 33.91 ? 196 ARG B CZ  1 
ATOM   1429 N NH1 . ARG B 2 73  ? -6.290  -21.695 -16.369 1.00 33.46 ? 196 ARG B NH1 1 
ATOM   1430 N NH2 . ARG B 2 73  ? -5.535  -20.317 -18.031 1.00 30.73 ? 196 ARG B NH2 1 
ATOM   1431 N N   . ILE B 2 74  ? -13.510 -20.533 -18.558 1.00 18.18 ? 197 ILE B N   1 
ATOM   1432 C CA  . ILE B 2 74  ? -14.664 -20.936 -17.719 1.00 17.94 ? 197 ILE B CA  1 
ATOM   1433 C C   . ILE B 2 74  ? -15.492 -19.757 -17.242 1.00 16.47 ? 197 ILE B C   1 
ATOM   1434 O O   . ILE B 2 74  ? -14.949 -18.766 -16.762 1.00 19.81 ? 197 ILE B O   1 
ATOM   1435 C CB  . ILE B 2 74  ? -14.261 -21.742 -16.471 1.00 15.05 ? 197 ILE B CB  1 
ATOM   1436 C CG1 . ILE B 2 74  ? -15.514 -22.005 -15.619 1.00 14.31 ? 197 ILE B CG1 1 
ATOM   1437 C CG2 . ILE B 2 74  ? -13.127 -21.016 -15.711 1.00 15.95 ? 197 ILE B CG2 1 
ATOM   1438 C CD1 . ILE B 2 74  ? -15.365 -23.026 -14.500 1.00 13.30 ? 197 ILE B CD1 1 
ATOM   1439 N N   . THR B 2 75  ? -16.803 -19.860 -17.388 1.00 14.77 ? 198 THR B N   1 
ATOM   1440 C CA  . THR B 2 75  ? -17.680 -18.782 -16.940 1.00 14.58 ? 198 THR B CA  1 
ATOM   1441 C C   . THR B 2 75  ? -18.476 -19.218 -15.710 1.00 11.30 ? 198 THR B C   1 
ATOM   1442 O O   . THR B 2 75  ? -18.480 -20.390 -15.336 1.00 7.68  ? 198 THR B O   1 
ATOM   1443 C CB  . THR B 2 75  ? -18.649 -18.263 -18.063 1.00 17.23 ? 198 THR B CB  1 
ATOM   1444 O OG1 . THR B 2 75  ? -19.289 -19.370 -18.719 1.00 17.18 ? 198 THR B OG1 1 
ATOM   1445 C CG2 . THR B 2 75  ? -17.918 -17.389 -19.084 1.00 10.72 ? 198 THR B CG2 1 
ATOM   1446 N N   . PHE B 2 76  ? -19.106 -18.249 -15.067 1.00 10.30 ? 199 PHE B N   1 
ATOM   1447 C CA  . PHE B 2 76  ? -19.877 -18.476 -13.864 1.00 14.65 ? 199 PHE B CA  1 
ATOM   1448 C C   . PHE B 2 76  ? -21.087 -17.559 -13.924 1.00 15.30 ? 199 PHE B C   1 
ATOM   1449 O O   . PHE B 2 76  ? -20.954 -16.388 -14.281 1.00 18.44 ? 199 PHE B O   1 
ATOM   1450 C CB  . PHE B 2 76  ? -19.028 -18.123 -12.623 1.00 17.47 ? 199 PHE B CB  1 
ATOM   1451 C CG  . PHE B 2 76  ? -17.626 -18.708 -12.651 1.00 21.34 ? 199 PHE B CG  1 
ATOM   1452 C CD1 . PHE B 2 76  ? -17.390 -20.041 -12.249 1.00 21.00 ? 199 PHE B CD1 1 
ATOM   1453 C CD2 . PHE B 2 76  ? -16.554 -17.945 -13.122 1.00 14.73 ? 199 PHE B CD2 1 
ATOM   1454 C CE1 . PHE B 2 76  ? -16.108 -20.583 -12.329 1.00 22.42 ? 199 PHE B CE1 1 
ATOM   1455 C CE2 . PHE B 2 76  ? -15.271 -18.486 -13.202 1.00 18.45 ? 199 PHE B CE2 1 
ATOM   1456 C CZ  . PHE B 2 76  ? -15.045 -19.800 -12.809 1.00 21.59 ? 199 PHE B CZ  1 
ATOM   1457 N N   . PRO B 2 77  ? -22.276 -18.084 -13.559 1.00 12.64 ? 200 PRO B N   1 
ATOM   1458 C CA  . PRO B 2 77  ? -23.576 -17.417 -13.523 1.00 13.47 ? 200 PRO B CA  1 
ATOM   1459 C C   . PRO B 2 77  ? -23.517 -16.170 -12.670 1.00 11.47 ? 200 PRO B C   1 
ATOM   1460 O O   . PRO B 2 77  ? -24.265 -15.224 -12.871 1.00 14.50 ? 200 PRO B O   1 
ATOM   1461 C CB  . PRO B 2 77  ? -24.471 -18.468 -12.850 1.00 10.04 ? 200 PRO B CB  1 
ATOM   1462 C CG  . PRO B 2 77  ? -23.902 -19.702 -13.233 1.00 10.90 ? 200 PRO B CG  1 
ATOM   1463 C CD  . PRO B 2 77  ? -22.424 -19.469 -13.074 1.00 14.27 ? 200 PRO B CD  1 
ATOM   1464 N N   . GLY B 2 78  ? -22.666 -16.217 -11.661 1.00 12.15 ? 201 GLY B N   1 
ATOM   1465 C CA  . GLY B 2 78  ? -22.527 -15.091 -10.777 1.00 8.69  ? 201 GLY B CA  1 
ATOM   1466 C C   . GLY B 2 78  ? -21.167 -15.069 -10.101 1.00 13.00 ? 201 GLY B C   1 
ATOM   1467 O O   . GLY B 2 78  ? -20.347 -15.980 -10.254 1.00 13.10 ? 201 GLY B O   1 
ATOM   1468 N N   . LEU B 2 79  ? -20.953 -13.997 -9.346  1.00 10.61 ? 202 LEU B N   1 
ATOM   1469 C CA  . LEU B 2 79  ? -19.738 -13.736 -8.605  1.00 13.12 ? 202 LEU B CA  1 
ATOM   1470 C C   . LEU B 2 79  ? -19.511 -14.783 -7.542  1.00 14.84 ? 202 LEU B C   1 
ATOM   1471 O O   . LEU B 2 79  ? -18.404 -15.098 -7.166  1.00 16.31 ? 202 LEU B O   1 
ATOM   1472 C CB  . LEU B 2 79  ? -19.811 -12.336 -7.975  1.00 11.29 ? 202 LEU B CB  1 
ATOM   1473 C CG  . LEU B 2 79  ? -19.680 -11.133 -8.916  1.00 11.36 ? 202 LEU B CG  1 
ATOM   1474 C CD1 . LEU B 2 79  ? -20.033 -9.844  -8.236  1.00 3.41  ? 202 LEU B CD1 1 
ATOM   1475 C CD2 . LEU B 2 79  ? -18.287 -11.065 -9.517  1.00 7.55  ? 202 LEU B CD2 1 
ATOM   1476 N N   . HIS B 2 80  ? -20.615 -15.274 -7.024  1.00 18.61 ? 203 HIS B N   1 
ATOM   1477 C CA  . HIS B 2 80  ? -20.645 -16.300 -6.006  1.00 14.00 ? 203 HIS B CA  1 
ATOM   1478 C C   . HIS B 2 80  ? -19.979 -17.583 -6.501  1.00 13.20 ? 203 HIS B C   1 
ATOM   1479 O O   . HIS B 2 80  ? -19.087 -18.120 -5.835  1.00 15.68 ? 203 HIS B O   1 
ATOM   1480 C CB  . HIS B 2 80  ? -22.111 -16.532 -5.563  1.00 15.29 ? 203 HIS B CB  1 
ATOM   1481 C CG  . HIS B 2 80  ? -23.049 -15.390 -5.902  1.00 19.49 ? 203 HIS B CG  1 
ATOM   1482 N ND1 . HIS B 2 80  ? -23.380 -14.378 -5.025  1.00 20.95 ? 203 HIS B ND1 1 
ATOM   1483 C CD2 . HIS B 2 80  ? -23.674 -15.075 -7.071  1.00 17.35 ? 203 HIS B CD2 1 
ATOM   1484 C CE1 . HIS B 2 80  ? -24.145 -13.488 -5.631  1.00 21.28 ? 203 HIS B CE1 1 
ATOM   1485 N NE2 . HIS B 2 80  ? -24.339 -13.892 -6.874  1.00 19.67 ? 203 HIS B NE2 1 
ATOM   1486 N N   . GLU B 2 81  ? -20.383 -18.027 -7.687  1.00 13.57 ? 204 GLU B N   1 
ATOM   1487 C CA  . GLU B 2 81  ? -19.856 -19.234 -8.310  1.00 13.16 ? 204 GLU B CA  1 
ATOM   1488 C C   . GLU B 2 81  ? -18.392 -19.009 -8.714  1.00 15.36 ? 204 GLU B C   1 
ATOM   1489 O O   . GLU B 2 81  ? -17.549 -19.918 -8.629  1.00 17.11 ? 204 GLU B O   1 
ATOM   1490 C CB  . GLU B 2 81  ? -20.718 -19.637 -9.511  1.00 12.89 ? 204 GLU B CB  1 
ATOM   1491 C CG  . GLU B 2 81  ? -22.163 -20.060 -9.168  1.00 13.66 ? 204 GLU B CG  1 
ATOM   1492 C CD  . GLU B 2 81  ? -23.161 -18.904 -8.994  1.00 11.42 ? 204 GLU B CD  1 
ATOM   1493 O OE1 . GLU B 2 81  ? -22.810 -17.711 -8.935  1.00 12.30 ? 204 GLU B OE1 1 
ATOM   1494 O OE2 . GLU B 2 81  ? -24.357 -19.209 -8.954  1.00 19.88 ? 204 GLU B OE2 1 
ATOM   1495 N N   . LEU B 2 82  ? -18.079 -17.783 -9.120  1.00 12.28 ? 205 LEU B N   1 
ATOM   1496 C CA  . LEU B 2 82  ? -16.707 -17.443 -9.473  1.00 11.08 ? 205 LEU B CA  1 
ATOM   1497 C C   . LEU B 2 82  ? -15.809 -17.602 -8.234  1.00 13.19 ? 205 LEU B C   1 
ATOM   1498 O O   . LEU B 2 82  ? -14.735 -18.193 -8.317  1.00 19.89 ? 205 LEU B O   1 
ATOM   1499 C CB  . LEU B 2 82  ? -16.647 -16.004 -10.013 1.00 12.14 ? 205 LEU B CB  1 
ATOM   1500 C CG  . LEU B 2 82  ? -15.419 -15.491 -10.781 1.00 7.60  ? 205 LEU B CG  1 
ATOM   1501 C CD1 . LEU B 2 82  ? -15.870 -14.728 -12.050 1.00 8.46  ? 205 LEU B CD1 1 
ATOM   1502 C CD2 . LEU B 2 82  ? -14.578 -14.640 -9.869  1.00 8.82  ? 205 LEU B CD2 1 
ATOM   1503 N N   . VAL B 2 83  ? -16.248 -17.074 -7.093  1.00 11.30 ? 206 VAL B N   1 
ATOM   1504 C CA  . VAL B 2 83  ? -15.492 -17.161 -5.850  1.00 9.71  ? 206 VAL B CA  1 
ATOM   1505 C C   . VAL B 2 83  ? -15.363 -18.592 -5.305  1.00 9.85  ? 206 VAL B C   1 
ATOM   1506 O O   . VAL B 2 83  ? -14.315 -18.933 -4.748  1.00 13.54 ? 206 VAL B O   1 
ATOM   1507 C CB  . VAL B 2 83  ? -16.077 -16.218 -4.774  1.00 10.07 ? 206 VAL B CB  1 
ATOM   1508 C CG1 . VAL B 2 83  ? -15.508 -16.548 -3.387  1.00 14.10 ? 206 VAL B CG1 1 
ATOM   1509 C CG2 . VAL B 2 83  ? -15.712 -14.774 -5.102  1.00 9.05  ? 206 VAL B CG2 1 
ATOM   1510 N N   . ARG B 2 84  ? -16.392 -19.424 -5.506  1.00 13.74 ? 207 ARG B N   1 
ATOM   1511 C CA  . ARG B 2 84  ? -16.396 -20.829 -5.054  1.00 16.19 ? 207 ARG B CA  1 
ATOM   1512 C C   . ARG B 2 84  ? -15.404 -21.614 -5.873  1.00 12.71 ? 207 ARG B C   1 
ATOM   1513 O O   . ARG B 2 84  ? -14.685 -22.469 -5.364  1.00 13.78 ? 207 ARG B O   1 
ATOM   1514 C CB  . ARG B 2 84  ? -17.789 -21.469 -5.176  1.00 17.94 ? 207 ARG B CB  1 
ATOM   1515 C CG  . ARG B 2 84  ? -18.755 -21.018 -4.078  1.00 19.88 ? 207 ARG B CG  1 
ATOM   1516 C CD  . ARG B 2 84  ? -20.079 -21.829 -3.979  1.00 20.99 ? 207 ARG B CD  1 
ATOM   1517 N NE  . ARG B 2 84  ? -20.994 -21.150 -3.051  1.00 21.74 ? 207 ARG B NE  1 
ATOM   1518 C CZ  . ARG B 2 84  ? -21.791 -20.134 -3.386  1.00 22.78 ? 207 ARG B CZ  1 
ATOM   1519 N NH1 . ARG B 2 84  ? -21.870 -19.704 -4.647  1.00 22.50 ? 207 ARG B NH1 1 
ATOM   1520 N NH2 . ARG B 2 84  ? -22.254 -19.334 -2.428  1.00 21.74 ? 207 ARG B NH2 1 
ATOM   1521 N N   . HIS B 2 85  ? -15.365 -21.301 -7.156  1.00 12.76 ? 208 HIS B N   1 
ATOM   1522 C CA  . HIS B 2 85  ? -14.449 -21.957 -8.059  1.00 13.30 ? 208 HIS B CA  1 
ATOM   1523 C C   . HIS B 2 85  ? -12.975 -21.670 -7.744  1.00 13.92 ? 208 HIS B C   1 
ATOM   1524 O O   . HIS B 2 85  ? -12.144 -22.594 -7.754  1.00 11.14 ? 208 HIS B O   1 
ATOM   1525 C CB  . HIS B 2 85  ? -14.725 -21.544 -9.500  1.00 10.10 ? 208 HIS B CB  1 
ATOM   1526 C CG  . HIS B 2 85  ? -13.660 -21.995 -10.445 1.00 14.07 ? 208 HIS B CG  1 
ATOM   1527 N ND1 . HIS B 2 85  ? -13.570 -23.296 -10.899 1.00 9.97  ? 208 HIS B ND1 1 
ATOM   1528 C CD2 . HIS B 2 85  ? -12.567 -21.354 -10.925 1.00 14.55 ? 208 HIS B CD2 1 
ATOM   1529 C CE1 . HIS B 2 85  ? -12.466 -23.438 -11.606 1.00 13.03 ? 208 HIS B CE1 1 
ATOM   1530 N NE2 . HIS B 2 85  ? -11.843 -22.280 -11.635 1.00 15.72 ? 208 HIS B NE2 1 
ATOM   1531 N N   . TYR B 2 86  ? -12.667 -20.392 -7.496  1.00 11.08 ? 209 TYR B N   1 
ATOM   1532 C CA  . TYR B 2 86  ? -11.304 -19.952 -7.233  1.00 14.34 ? 209 TYR B CA  1 
ATOM   1533 C C   . TYR B 2 86  ? -10.706 -20.260 -5.852  1.00 16.25 ? 209 TYR B C   1 
ATOM   1534 O O   . TYR B 2 86  ? -9.486  -20.273 -5.676  1.00 20.79 ? 209 TYR B O   1 
ATOM   1535 C CB  . TYR B 2 86  ? -11.180 -18.476 -7.610  1.00 15.32 ? 209 TYR B CB  1 
ATOM   1536 C CG  . TYR B 2 86  ? -11.203 -18.268 -9.115  1.00 15.11 ? 209 TYR B CG  1 
ATOM   1537 C CD1 . TYR B 2 86  ? -10.220 -18.843 -9.914  1.00 12.33 ? 209 TYR B CD1 1 
ATOM   1538 C CD2 . TYR B 2 86  ? -12.190 -17.498 -9.740  1.00 15.14 ? 209 TYR B CD2 1 
ATOM   1539 C CE1 . TYR B 2 86  ? -10.210 -18.672 -11.277 1.00 10.03 ? 209 TYR B CE1 1 
ATOM   1540 C CE2 . TYR B 2 86  ? -12.190 -17.332 -11.143 1.00 11.49 ? 209 TYR B CE2 1 
ATOM   1541 C CZ  . TYR B 2 86  ? -11.174 -17.920 -11.885 1.00 8.87  ? 209 TYR B CZ  1 
ATOM   1542 O OH  . TYR B 2 86  ? -11.077 -17.770 -13.228 1.00 9.74  ? 209 TYR B OH  1 
ATOM   1543 N N   . THR B 2 87  ? -11.578 -20.440 -4.868  1.00 15.88 ? 210 THR B N   1 
ATOM   1544 C CA  . THR B 2 87  ? -11.191 -20.799 -3.524  1.00 12.12 ? 210 THR B CA  1 
ATOM   1545 C C   . THR B 2 87  ? -10.746 -22.261 -3.561  1.00 12.20 ? 210 THR B C   1 
ATOM   1546 O O   . THR B 2 87  ? -9.808  -22.660 -2.852  1.00 11.83 ? 210 THR B O   1 
ATOM   1547 C CB  . THR B 2 87  ? -12.394 -20.731 -2.590  1.00 11.08 ? 210 THR B CB  1 
ATOM   1548 O OG1 . THR B 2 87  ? -12.813 -19.375 -2.450  1.00 13.56 ? 210 THR B OG1 1 
ATOM   1549 C CG2 . THR B 2 87  ? -12.047 -21.323 -1.223  1.00 6.39  ? 210 THR B CG2 1 
ATOM   1550 N N   . ASN B 2 88  ? -11.447 -23.041 -4.379  1.00 12.15 ? 211 ASN B N   1 
ATOM   1551 C CA  . ASN B 2 88  ? -11.203 -24.465 -4.513  1.00 14.53 ? 211 ASN B CA  1 
ATOM   1552 C C   . ASN B 2 88  ? -10.144 -24.858 -5.523  1.00 13.71 ? 211 ASN B C   1 
ATOM   1553 O O   . ASN B 2 88  ? -9.780  -26.026 -5.595  1.00 13.06 ? 211 ASN B O   1 
ATOM   1554 C CB  . ASN B 2 88  ? -12.513 -25.181 -4.789  1.00 17.77 ? 211 ASN B CB  1 
ATOM   1555 C CG  . ASN B 2 88  ? -13.495 -25.059 -3.628  1.00 21.57 ? 211 ASN B CG  1 
ATOM   1556 O OD1 . ASN B 2 88  ? -13.124 -25.140 -2.431  1.00 21.33 ? 211 ASN B OD1 1 
ATOM   1557 N ND2 . ASN B 2 88  ? -14.754 -24.860 -3.967  1.00 22.79 ? 211 ASN B ND2 1 
ATOM   1558 N N   . ALA B 2 89  ? -9.680  -23.877 -6.303  1.00 15.96 ? 212 ALA B N   1 
ATOM   1559 C CA  . ALA B 2 89  ? -8.621  -24.034 -7.311  1.00 14.44 ? 212 ALA B CA  1 
ATOM   1560 C C   . ALA B 2 89  ? -8.128  -22.650 -7.752  1.00 16.13 ? 212 ALA B C   1 
ATOM   1561 O O   . ALA B 2 89  ? -8.928  -21.752 -8.016  1.00 17.92 ? 212 ALA B O   1 
ATOM   1562 C CB  . ALA B 2 89  ? -9.131  -24.804 -8.515  1.00 22.55 ? 212 ALA B CB  1 
ATOM   1563 N N   . SER B 2 90  ? -6.803  -22.484 -7.809  1.00 13.91 ? 213 SER B N   1 
ATOM   1564 C CA  . SER B 2 90  ? -6.169  -21.230 -8.208  1.00 12.54 ? 213 SER B CA  1 
ATOM   1565 C C   . SER B 2 90  ? -6.490  -21.011 -9.683  1.00 13.58 ? 213 SER B C   1 
ATOM   1566 O O   . SER B 2 90  ? -6.739  -19.890 -10.132 1.00 11.91 ? 213 SER B O   1 
ATOM   1567 C CB  . SER B 2 90  ? -4.649  -21.288 -7.958  1.00 14.61 ? 213 SER B CB  1 
ATOM   1568 O OG  . SER B 2 90  ? -4.007  -22.332 -8.665  1.00 17.00 ? 213 SER B OG  1 
ATOM   1569 N N   . ASP B 2 91  ? -6.372  -22.089 -10.445 1.00 11.91 ? 214 ASP B N   1 
ATOM   1570 C CA  . ASP B 2 91  ? -6.748  -22.091 -11.853 1.00 16.95 ? 214 ASP B CA  1 
ATOM   1571 C C   . ASP B 2 91  ? -6.318  -20.872 -12.706 1.00 19.29 ? 214 ASP B C   1 
ATOM   1572 O O   . ASP B 2 91  ? -7.131  -20.335 -13.492 1.00 21.75 ? 214 ASP B O   1 
ATOM   1573 C CB  . ASP B 2 91  ? -8.271  -22.246 -11.919 1.00 13.21 ? 214 ASP B CB  1 
ATOM   1574 C CG  . ASP B 2 91  ? -8.775  -22.498 -13.302 1.00 13.75 ? 214 ASP B CG  1 
ATOM   1575 O OD1 . ASP B 2 91  ? -8.044  -22.993 -14.149 1.00 13.69 ? 214 ASP B OD1 1 
ATOM   1576 O OD2 . ASP B 2 91  ? -9.934  -22.203 -13.553 1.00 18.81 ? 214 ASP B OD2 1 
ATOM   1577 N N   . GLY B 2 92  ? -5.049  -20.488 -12.606 1.00 12.39 ? 215 GLY B N   1 
ATOM   1578 C CA  . GLY B 2 92  ? -4.564  -19.376 -13.386 1.00 8.52  ? 215 GLY B CA  1 
ATOM   1579 C C   . GLY B 2 92  ? -4.332  -18.180 -12.495 1.00 13.08 ? 215 GLY B C   1 
ATOM   1580 O O   . GLY B 2 92  ? -3.659  -17.230 -12.893 1.00 17.73 ? 215 GLY B O   1 
ATOM   1581 N N   . LEU B 2 93  ? -4.903  -18.228 -11.298 1.00 11.45 ? 216 LEU B N   1 
ATOM   1582 C CA  . LEU B 2 93  ? -4.766  -17.161 -10.317 1.00 12.75 ? 216 LEU B CA  1 
ATOM   1583 C C   . LEU B 2 93  ? -3.432  -17.340 -9.598  1.00 14.93 ? 216 LEU B C   1 
ATOM   1584 O O   . LEU B 2 93  ? -2.979  -18.481 -9.385  1.00 12.15 ? 216 LEU B O   1 
ATOM   1585 C CB  . LEU B 2 93  ? -5.900  -17.214 -9.271  1.00 13.63 ? 216 LEU B CB  1 
ATOM   1586 C CG  . LEU B 2 93  ? -7.254  -16.584 -9.559  1.00 15.97 ? 216 LEU B CG  1 
ATOM   1587 C CD1 . LEU B 2 93  ? -8.059  -16.463 -8.298  1.00 9.84  ? 216 LEU B CD1 1 
ATOM   1588 C CD2 . LEU B 2 93  ? -7.048  -15.238 -10.133 1.00 19.89 ? 216 LEU B CD2 1 
ATOM   1589 N N   . CYS B 2 94  ? -2.824  -16.210 -9.229  1.00 17.38 ? 217 CYS B N   1 
ATOM   1590 C CA  . CYS B 2 94  ? -1.562  -16.194 -8.486  1.00 19.51 ? 217 CYS B CA  1 
ATOM   1591 C C   . CYS B 2 94  ? -1.696  -17.224 -7.342  1.00 21.58 ? 217 CYS B C   1 
ATOM   1592 O O   . CYS B 2 94  ? -0.728  -17.890 -6.956  1.00 23.78 ? 217 CYS B O   1 
ATOM   1593 C CB  . CYS B 2 94  ? -1.314  -14.787 -7.928  1.00 19.32 ? 217 CYS B CB  1 
ATOM   1594 S SG  . CYS B 2 94  ? -2.801  -14.027 -7.249  1.00 19.92 ? 217 CYS B SG  1 
ATOM   1595 N N   . THR B 2 95  ? -2.920  -17.369 -6.835  1.00 20.39 ? 218 THR B N   1 
ATOM   1596 C CA  . THR B 2 95  ? -3.211  -18.321 -5.787  1.00 18.12 ? 218 THR B CA  1 
ATOM   1597 C C   . THR B 2 95  ? -4.716  -18.480 -5.574  1.00 17.78 ? 218 THR B C   1 
ATOM   1598 O O   . THR B 2 95  ? -5.516  -17.718 -6.135  1.00 15.40 ? 218 THR B O   1 
ATOM   1599 C CB  . THR B 2 95  ? -2.488  -17.971 -4.442  1.00 15.96 ? 218 THR B CB  1 
ATOM   1600 O OG1 . THR B 2 95  ? -2.848  -18.938 -3.455  1.00 19.27 ? 218 THR B OG1 1 
ATOM   1601 C CG2 . THR B 2 95  ? -2.854  -16.607 -3.913  1.00 9.81  ? 218 THR B CG2 1 
ATOM   1602 N N   . ARG B 2 96  ? -5.066  -19.538 -4.835  1.00 20.70 ? 219 ARG B N   1 
ATOM   1603 C CA  . ARG B 2 96  ? -6.443  -19.888 -4.439  1.00 20.83 ? 219 ARG B CA  1 
ATOM   1604 C C   . ARG B 2 96  ? -6.917  -18.815 -3.456  1.00 20.03 ? 219 ARG B C   1 
ATOM   1605 O O   . ARG B 2 96  ? -6.150  -18.354 -2.605  1.00 19.81 ? 219 ARG B O   1 
ATOM   1606 C CB  . ARG B 2 96  ? -6.465  -21.241 -3.700  1.00 18.56 ? 219 ARG B CB  1 
ATOM   1607 C CG  . ARG B 2 96  ? -6.863  -22.433 -4.536  1.00 19.59 ? 219 ARG B CG  1 
ATOM   1608 C CD  . ARG B 2 96  ? -6.034  -23.674 -4.217  1.00 20.62 ? 219 ARG B CD  1 
ATOM   1609 N NE  . ARG B 2 96  ? -6.765  -24.749 -3.535  1.00 21.20 ? 219 ARG B NE  1 
ATOM   1610 C CZ  . ARG B 2 96  ? -7.026  -25.958 -4.057  1.00 22.33 ? 219 ARG B CZ  1 
ATOM   1611 N NH1 . ARG B 2 96  ? -6.639  -26.277 -5.290  1.00 18.93 ? 219 ARG B NH1 1 
ATOM   1612 N NH2 . ARG B 2 96  ? -7.592  -26.898 -3.305  1.00 16.87 ? 219 ARG B NH2 1 
ATOM   1613 N N   . LEU B 2 97  ? -8.170  -18.412 -3.595  1.00 20.19 ? 220 LEU B N   1 
ATOM   1614 C CA  . LEU B 2 97  ? -8.762  -17.413 -2.709  1.00 18.16 ? 220 LEU B CA  1 
ATOM   1615 C C   . LEU B 2 97  ? -8.947  -18.082 -1.359  1.00 14.00 ? 220 LEU B C   1 
ATOM   1616 O O   . LEU B 2 97  ? -9.468  -19.201 -1.299  1.00 13.06 ? 220 LEU B O   1 
ATOM   1617 C CB  . LEU B 2 97  ? -10.129 -17.002 -3.240  1.00 13.70 ? 220 LEU B CB  1 
ATOM   1618 C CG  . LEU B 2 97  ? -10.097 -16.644 -4.714  1.00 13.42 ? 220 LEU B CG  1 
ATOM   1619 C CD1 . LEU B 2 97  ? -11.432 -16.140 -5.106  1.00 10.50 ? 220 LEU B CD1 1 
ATOM   1620 C CD2 . LEU B 2 97  ? -9.015  -15.616 -4.950  1.00 13.31 ? 220 LEU B CD2 1 
ATOM   1621 N N   . SER B 2 98  ? -8.447  -17.451 -0.304  1.00 16.45 ? 221 SER B N   1 
ATOM   1622 C CA  . SER B 2 98  ? -8.577  -17.981 1.054   1.00 20.35 ? 221 SER B CA  1 
ATOM   1623 C C   . SER B 2 98  ? -9.639  -17.154 1.778   1.00 18.84 ? 221 SER B C   1 
ATOM   1624 O O   . SER B 2 98  ? -10.787 -17.216 1.378   1.00 18.10 ? 221 SER B O   1 
ATOM   1625 C CB  . SER B 2 98  ? -7.216  -18.054 1.804   1.00 22.01 ? 221 SER B CB  1 
ATOM   1626 O OG  . SER B 2 98  ? -6.686  -16.776 2.165   1.00 26.87 ? 221 SER B OG  1 
ATOM   1627 N N   . ARG B 2 99  ? -9.288  -16.335 2.767   1.00 16.91 ? 222 ARG B N   1 
ATOM   1628 C CA  . ARG B 2 99  ? -10.321 -15.582 3.478   1.00 20.26 ? 222 ARG B CA  1 
ATOM   1629 C C   . ARG B 2 99  ? -10.557 -14.231 2.860   1.00 17.78 ? 222 ARG B C   1 
ATOM   1630 O O   . ARG B 2 99  ? -9.716  -13.704 2.119   1.00 15.22 ? 222 ARG B O   1 
ATOM   1631 C CB  . ARG B 2 99  ? -9.978  -15.303 4.949   1.00 22.26 ? 222 ARG B CB  1 
ATOM   1632 C CG  . ARG B 2 99  ? -9.155  -16.296 5.693   1.00 26.59 ? 222 ARG B CG  1 
ATOM   1633 C CD  . ARG B 2 99  ? -8.770  -15.691 7.060   1.00 29.62 ? 222 ARG B CD  1 
ATOM   1634 N NE  . ARG B 2 99  ? -9.563  -16.247 8.168   1.00 30.91 ? 222 ARG B NE  1 
ATOM   1635 C CZ  . ARG B 2 99  ? -10.236 -15.526 9.067   1.00 27.51 ? 222 ARG B CZ  1 
ATOM   1636 N NH1 . ARG B 2 99  ? -10.233 -14.198 9.017   1.00 29.55 ? 222 ARG B NH1 1 
ATOM   1637 N NH2 . ARG B 2 99  ? -10.916 -16.136 10.028  1.00 25.87 ? 222 ARG B NH2 1 
ATOM   1638 N N   . PRO B 2 100 ? -11.691 -13.616 3.216   1.00 18.00 ? 223 PRO B N   1 
ATOM   1639 C CA  . PRO B 2 100 ? -12.022 -12.291 2.687   1.00 16.71 ? 223 PRO B CA  1 
ATOM   1640 C C   . PRO B 2 100 ? -11.235 -11.209 3.436   1.00 18.61 ? 223 PRO B C   1 
ATOM   1641 O O   . PRO B 2 100 ? -10.739 -11.447 4.542   1.00 22.16 ? 223 PRO B O   1 
ATOM   1642 C CB  . PRO B 2 100 ? -13.519 -12.185 2.942   1.00 14.28 ? 223 PRO B CB  1 
ATOM   1643 C CG  . PRO B 2 100 ? -13.982 -13.619 2.881   1.00 16.19 ? 223 PRO B CG  1 
ATOM   1644 C CD  . PRO B 2 100 ? -12.898 -14.301 3.695   1.00 16.74 ? 223 PRO B CD  1 
ATOM   1645 N N   . CYS B 2 101 ? -11.082 -10.049 2.806   1.00 16.23 ? 224 CYS B N   1 
ATOM   1646 C CA  . CYS B 2 101 ? -10.370 -8.940  3.407   1.00 20.12 ? 224 CYS B CA  1 
ATOM   1647 C C   . CYS B 2 101 ? -10.987 -8.641  4.773   1.00 22.93 ? 224 CYS B C   1 
ATOM   1648 O O   . CYS B 2 101 ? -12.219 -8.621  4.921   1.00 28.00 ? 224 CYS B O   1 
ATOM   1649 C CB  . CYS B 2 101 ? -10.485 -7.703  2.508   1.00 18.19 ? 224 CYS B CB  1 
ATOM   1650 S SG  . CYS B 2 101 ? -9.169  -6.480  2.700   1.00 17.90 ? 224 CYS B SG  1 
ATOM   1651 N N   . GLN B 2 102 ? -10.132 -8.470  5.774   1.00 21.82 ? 225 GLN B N   1 
ATOM   1652 C CA  . GLN B 2 102 ? -10.566 -8.133  7.118   1.00 20.36 ? 225 GLN B CA  1 
ATOM   1653 C C   . GLN B 2 102 ? -10.880 -6.647  7.054   1.00 23.56 ? 225 GLN B C   1 
ATOM   1654 O O   . GLN B 2 102 ? -10.108 -5.860  6.467   1.00 24.82 ? 225 GLN B O   1 
ATOM   1655 C CB  . GLN B 2 102 ? -9.429  -8.353  8.135   1.00 21.20 ? 225 GLN B CB  1 
ATOM   1656 C CG  . GLN B 2 102 ? -8.725  -9.743  8.104   1.00 25.60 ? 225 GLN B CG  1 
ATOM   1657 C CD  . GLN B 2 102 ? -9.224  -10.764 9.175   1.00 27.49 ? 225 GLN B CD  1 
ATOM   1658 O OE1 . GLN B 2 102 ? -8.690  -10.825 10.294  1.00 26.35 ? 225 GLN B OE1 1 
ATOM   1659 N NE2 . GLN B 2 102 ? -10.229 -11.574 8.814   1.00 21.87 ? 225 GLN B NE2 1 
ATOM   1660 N N   . THR B 2 103 ? -12.044 -6.281  7.576   1.00 25.11 ? 226 THR B N   1 
ATOM   1661 C CA  . THR B 2 103 ? -12.482 -4.893  7.623   1.00 23.80 ? 226 THR B CA  1 
ATOM   1662 C C   . THR B 2 103 ? -12.362 -4.431  9.087   1.00 25.86 ? 226 THR B C   1 
ATOM   1663 O O   . THR B 2 103 ? -11.844 -5.220  9.907   1.00 25.47 ? 226 THR B O   1 
ATOM   1664 C CB  . THR B 2 103 ? -13.957 -4.752  7.118   1.00 24.35 ? 226 THR B CB  1 
ATOM   1665 O OG1 . THR B 2 103 ? -14.752 -5.825  7.643   1.00 24.79 ? 226 THR B OG1 1 
ATOM   1666 C CG2 . THR B 2 103 ? -14.030 -4.799  5.605   1.00 21.08 ? 226 THR B CG2 1 
ATOM   1667 O OXT . THR B 2 103 ? -12.774 -3.307  9.436   1.00 29.33 ? 226 THR B OXT 1 
HETATM 1668 O O   . HOH C 3 .   ? 8.698   15.795  -2.851  1.00 16.81 ? 502 HOH A O   1 
HETATM 1669 O O   . HOH C 3 .   ? 4.318   3.458   -11.319 1.00 30.98 ? 503 HOH A O   1 
HETATM 1670 O O   . HOH C 3 .   ? 24.555  13.085  -3.900  1.00 36.06 ? 504 HOH A O   1 
HETATM 1671 O O   . HOH C 3 .   ? 21.686  15.203  5.023   1.00 16.52 ? 508 HOH A O   1 
HETATM 1672 O O   . HOH C 3 .   ? 12.444  -1.028  3.235   1.00 15.83 ? 509 HOH A O   1 
HETATM 1673 O O   . HOH C 3 .   ? 19.780  22.116  9.385   1.00 24.00 ? 510 HOH A O   1 
HETATM 1674 O O   . HOH C 3 .   ? 19.027  16.555  19.394  1.00 28.85 ? 513 HOH A O   1 
HETATM 1675 O O   . HOH C 3 .   ? 22.308  8.126   8.661   1.00 26.73 ? 514 HOH A O   1 
HETATM 1676 O O   . HOH C 3 .   ? 4.796   16.812  -0.242  1.00 17.80 ? 516 HOH A O   1 
HETATM 1677 O O   . HOH C 3 .   ? 25.891  6.807   -0.507  1.00 24.28 ? 519 HOH A O   1 
HETATM 1678 O O   . HOH C 3 .   ? 3.006   -3.734  -2.655  1.00 17.99 ? 521 HOH A O   1 
HETATM 1679 O O   . HOH C 3 .   ? 9.236   14.006  17.932  1.00 27.79 ? 522 HOH A O   1 
HETATM 1680 O O   . HOH C 3 .   ? 17.420  23.839  8.225   1.00 36.96 ? 523 HOH A O   1 
HETATM 1681 O O   . HOH C 3 .   ? 18.226  1.795   0.338   1.00 28.75 ? 525 HOH A O   1 
HETATM 1682 O O   . HOH C 3 .   ? 12.257  15.872  -4.904  1.00 23.20 ? 526 HOH A O   1 
HETATM 1683 O O   . HOH C 3 .   ? 4.695   7.609   7.963   1.00 40.38 ? 527 HOH A O   1 
HETATM 1684 O O   . HOH C 3 .   ? -0.664  4.484   -12.910 1.00 44.12 ? 528 HOH A O   1 
HETATM 1685 O O   . HOH C 3 .   ? 16.534  -0.378  2.285   1.00 24.44 ? 529 HOH A O   1 
HETATM 1686 O O   . HOH C 3 .   ? 6.603   21.446  -8.781  1.00 38.35 ? 530 HOH A O   1 
HETATM 1687 O O   . HOH C 3 .   ? 13.068  21.086  6.402   1.00 25.82 ? 531 HOH A O   1 
HETATM 1688 O O   . HOH C 3 .   ? 2.564   11.356  14.484  1.00 30.29 ? 532 HOH A O   1 
HETATM 1689 O O   . HOH C 3 .   ? 23.641  29.749  10.286  1.00 23.28 ? 534 HOH A O   1 
HETATM 1690 O O   . HOH C 3 .   ? 20.069  10.488  -9.555  1.00 35.17 ? 539 HOH A O   1 
HETATM 1691 O O   . HOH C 3 .   ? 19.612  29.506  7.483   1.00 26.67 ? 541 HOH A O   1 
HETATM 1692 O O   . HOH C 3 .   ? 21.443  24.226  8.730   1.00 30.85 ? 544 HOH A O   1 
HETATM 1693 O O   . HOH C 3 .   ? 25.069  18.091  13.909  1.00 31.15 ? 548 HOH A O   1 
HETATM 1694 O O   . HOH C 3 .   ? 18.757  6.912   -2.206  1.00 29.46 ? 551 HOH A O   1 
HETATM 1695 O O   . HOH C 3 .   ? 21.270  4.063   4.900   1.00 33.45 ? 552 HOH A O   1 
HETATM 1696 O O   . HOH C 3 .   ? 2.711   10.322  -10.553 1.00 37.98 ? 554 HOH A O   1 
HETATM 1697 O O   . HOH C 3 .   ? 26.324  12.611  10.252  1.00 23.61 ? 558 HOH A O   1 
HETATM 1698 O O   . HOH C 3 .   ? -8.596  6.783   9.292   1.00 31.99 ? 559 HOH A O   1 
HETATM 1699 O O   . HOH C 3 .   ? 24.626  5.249   21.711  1.00 37.92 ? 562 HOH A O   1 
HETATM 1700 O O   . HOH C 3 .   ? 4.234   17.818  -7.768  1.00 34.43 ? 563 HOH A O   1 
HETATM 1701 O O   . HOH C 3 .   ? 11.513  16.705  15.873  1.00 36.62 ? 566 HOH A O   1 
HETATM 1702 O O   . HOH C 3 .   ? 4.892   2.276   -8.556  1.00 37.77 ? 567 HOH A O   1 
HETATM 1703 O O   . HOH C 3 .   ? 0.476   12.394  5.959   1.00 31.79 ? 568 HOH A O   1 
HETATM 1704 O O   . HOH C 3 .   ? 2.998   18.497  0.917   1.00 24.05 ? 570 HOH A O   1 
HETATM 1705 O O   . HOH C 3 .   ? 21.391  17.752  5.042   1.00 37.19 ? 571 HOH A O   1 
HETATM 1706 O O   . HOH C 3 .   ? 24.089  31.051  8.136   1.00 33.00 ? 572 HOH A O   1 
HETATM 1707 O O   . HOH C 3 .   ? 9.983   17.901  25.988  1.00 39.79 ? 575 HOH A O   1 
HETATM 1708 O O   . HOH C 3 .   ? 10.347  -6.943  3.679   1.00 25.91 ? 576 HOH A O   1 
HETATM 1709 O O   . HOH C 3 .   ? 16.349  2.084   -3.066  1.00 41.08 ? 577 HOH A O   1 
HETATM 1710 O O   . HOH C 3 .   ? 24.514  11.893  16.085  1.00 34.48 ? 578 HOH A O   1 
HETATM 1711 O O   . HOH C 3 .   ? 0.416   17.559  2.461   1.00 30.38 ? 579 HOH A O   1 
HETATM 1712 O O   . HOH C 3 .   ? 10.516  24.851  7.092   1.00 42.04 ? 583 HOH A O   1 
HETATM 1713 O O   . HOH C 3 .   ? 13.408  26.488  2.401   1.00 37.20 ? 584 HOH A O   1 
HETATM 1714 O O   . HOH C 3 .   ? 7.510   17.615  -4.135  1.00 39.88 ? 587 HOH A O   1 
HETATM 1715 O O   . HOH C 3 .   ? -2.875  12.061  6.252   1.00 45.78 ? 588 HOH A O   1 
HETATM 1716 O O   . HOH C 3 .   ? 17.278  16.262  -3.707  1.00 29.67 ? 589 HOH A O   1 
HETATM 1717 O O   . HOH C 3 .   ? 25.015  7.902   17.857  1.00 36.92 ? 593 HOH A O   1 
HETATM 1718 O O   . HOH C 3 .   ? 8.007   19.966  2.203   1.00 33.14 ? 594 HOH A O   1 
HETATM 1719 O O   . HOH C 3 .   ? 1.966   8.550   15.031  1.00 39.12 ? 597 HOH A O   1 
HETATM 1720 O O   . HOH C 3 .   ? 1.206   -1.619  -2.859  1.00 43.93 ? 599 HOH A O   1 
HETATM 1721 O O   . HOH C 3 .   ? 17.773  8.223   19.928  1.00 33.05 ? 602 HOH A O   1 
HETATM 1722 O O   . HOH C 3 .   ? 7.385   21.528  25.962  1.00 37.99 ? 603 HOH A O   1 
HETATM 1723 O O   . HOH C 3 .   ? 12.777  6.659   -7.961  1.00 39.87 ? 605 HOH A O   1 
HETATM 1724 O O   . HOH C 3 .   ? 12.187  -4.226  -4.959  1.00 38.66 ? 607 HOH A O   1 
HETATM 1725 O O   . HOH C 3 .   ? 3.596   7.767   -10.410 1.00 44.79 ? 608 HOH A O   1 
HETATM 1726 O O   . HOH C 3 .   ? 14.312  14.893  -3.240  1.00 35.15 ? 609 HOH A O   1 
HETATM 1727 O O   . HOH C 3 .   ? 9.654   7.678   21.660  1.00 36.55 ? 610 HOH A O   1 
HETATM 1728 O O   . HOH C 3 .   ? 14.982  9.586   6.302   1.00 42.34 ? 612 HOH A O   1 
HETATM 1729 O O   . HOH C 3 .   ? 4.680   20.964  27.222  1.00 33.09 ? 615 HOH A O   1 
HETATM 1730 O O   . HOH C 3 .   ? 23.473  32.178  11.272  1.00 43.29 ? 616 HOH A O   1 
HETATM 1731 O O   . HOH C 3 .   ? 15.936  31.456  13.389  1.00 41.83 ? 618 HOH A O   1 
HETATM 1732 O O   . HOH C 3 .   ? 9.638   -2.386  -4.834  1.00 48.28 ? 620 HOH A O   1 
HETATM 1733 O O   . HOH C 3 .   ? 11.951  25.323  17.020  1.00 42.30 ? 622 HOH A O   1 
HETATM 1734 O O   . HOH C 3 .   ? 13.251  22.205  21.571  1.00 43.51 ? 625 HOH A O   1 
HETATM 1735 O O   . HOH C 3 .   ? 10.767  -1.264  8.717   1.00 46.86 ? 627 HOH A O   1 
HETATM 1736 O O   . HOH C 3 .   ? 21.528  2.836   19.332  1.00 38.71 ? 628 HOH A O   1 
HETATM 1737 O O   . HOH C 3 .   ? 13.498  -4.612  0.719   1.00 39.77 ? 629 HOH A O   1 
HETATM 1738 O O   . HOH C 3 .   ? 23.164  9.402   13.962  1.00 32.82 ? 631 HOH A O   1 
HETATM 1739 O O   . HOH C 3 .   ? 20.394  -1.308  -3.182  1.00 39.42 ? 633 HOH A O   1 
HETATM 1740 O O   . HOH C 3 .   ? 0.925   4.434   -3.468  1.00 48.02 ? 634 HOH A O   1 
HETATM 1741 O O   . HOH C 3 .   ? 3.233   0.869   -5.616  1.00 36.93 ? 635 HOH A O   1 
HETATM 1742 O O   . HOH C 3 .   ? 17.846  -5.686  -0.040  1.00 49.31 ? 637 HOH A O   1 
HETATM 1743 O O   . HOH C 3 .   ? 17.176  14.083  19.704  1.00 42.37 ? 638 HOH A O   1 
HETATM 1744 O O   . HOH C 3 .   ? 0.615   -4.019  7.934   1.00 46.52 ? 641 HOH A O   1 
HETATM 1745 O O   . HOH D 3 .   ? -12.745 -17.108 -15.117 1.00 17.23 ? 501 HOH B O   1 
HETATM 1746 O O   . HOH D 3 .   ? -7.953  -9.575  -17.715 1.00 17.07 ? 505 HOH B O   1 
HETATM 1747 O O   . HOH D 3 .   ? -23.836 -11.120 -8.916  1.00 26.44 ? 506 HOH B O   1 
HETATM 1748 O O   . HOH D 3 .   ? 3.971   -16.468 -0.905  1.00 21.71 ? 507 HOH B O   1 
HETATM 1749 O O   . HOH D 3 .   ? -9.009  -18.605 -14.779 1.00 30.22 ? 511 HOH B O   1 
HETATM 1750 O O   . HOH D 3 .   ? -25.392 -16.346 -17.056 1.00 29.00 ? 512 HOH B O   1 
HETATM 1751 O O   . HOH D 3 .   ? -26.696 -15.388 -14.858 1.00 27.60 ? 515 HOH B O   1 
HETATM 1752 O O   . HOH D 3 .   ? -8.681  -24.639 -1.119  1.00 20.82 ? 517 HOH B O   1 
HETATM 1753 O O   . HOH D 3 .   ? -21.637 -3.224  -16.470 1.00 26.84 ? 518 HOH B O   1 
HETATM 1754 O O   . HOH D 3 .   ? -20.670 -10.456 4.774   1.00 24.70 ? 520 HOH B O   1 
HETATM 1755 O O   . HOH D 3 .   ? -15.739 -17.106 -0.248  1.00 29.08 ? 524 HOH B O   1 
HETATM 1756 O O   . HOH D 3 .   ? -16.218 -21.113 -21.082 1.00 30.31 ? 533 HOH B O   1 
HETATM 1757 O O   . HOH D 3 .   ? -7.922  6.236   -3.163  1.00 35.04 ? 535 HOH B O   1 
HETATM 1758 O O   . HOH D 3 .   ? -24.264 1.966   -6.692  1.00 24.11 ? 536 HOH B O   1 
HETATM 1759 O O   . HOH D 3 .   ? -18.066 -22.304 -8.576  1.00 27.79 ? 537 HOH B O   1 
HETATM 1760 O O   . HOH D 3 .   ? -20.907 -13.963 -23.204 1.00 36.52 ? 538 HOH B O   1 
HETATM 1761 O O   . HOH D 3 .   ? -20.088 -23.778 -6.508  1.00 29.24 ? 540 HOH B O   1 
HETATM 1762 O O   . HOH D 3 .   ? -17.914 -5.607  2.935   1.00 38.18 ? 542 HOH B O   1 
HETATM 1763 O O   . HOH D 3 .   ? 9.868   -18.577 -2.325  1.00 30.12 ? 543 HOH B O   1 
HETATM 1764 O O   . HOH D 3 .   ? -12.628 3.704   -2.817  1.00 54.18 ? 545 HOH B O   1 
HETATM 1765 O O   . HOH D 3 .   ? 0.358   -4.320  -4.170  1.00 21.79 ? 546 HOH B O   1 
HETATM 1766 O O   . HOH D 3 .   ? -8.680  -19.193 -19.407 1.00 38.97 ? 547 HOH B O   1 
HETATM 1767 O O   . HOH D 3 .   ? 11.369  -9.922  -8.063  1.00 32.32 ? 549 HOH B O   1 
HETATM 1768 O O   . HOH D 3 .   ? -22.803 -3.375  -3.859  1.00 46.32 ? 550 HOH B O   1 
HETATM 1769 O O   . HOH D 3 .   ? 3.350   -9.582  -9.073  1.00 21.13 ? 553 HOH B O   1 
HETATM 1770 O O   . HOH D 3 .   ? -3.129  1.770   -9.752  1.00 35.17 ? 555 HOH B O   1 
HETATM 1771 O O   . HOH D 3 .   ? -6.754  -10.298 12.331  1.00 38.58 ? 556 HOH B O   1 
HETATM 1772 O O   . HOH D 3 .   ? -7.745  -11.278 -8.126  1.00 43.13 ? 557 HOH B O   1 
HETATM 1773 O O   . HOH D 3 .   ? -13.128 -1.809  5.404   1.00 39.10 ? 560 HOH B O   1 
HETATM 1774 O O   . HOH D 3 .   ? -16.503 -0.049  -0.688  1.00 30.05 ? 561 HOH B O   1 
HETATM 1775 O O   . HOH D 3 .   ? -13.005 -13.800 -25.529 1.00 36.13 ? 564 HOH B O   1 
HETATM 1776 O O   . HOH D 3 .   ? -16.918 -6.208  -19.509 1.00 27.65 ? 565 HOH B O   1 
HETATM 1777 O O   . HOH D 3 .   ? -13.922 0.149   -15.510 1.00 24.01 ? 569 HOH B O   1 
HETATM 1778 O O   . HOH D 3 .   ? -16.696 4.966   -3.931  1.00 36.45 ? 573 HOH B O   1 
HETATM 1779 O O   . HOH D 3 .   ? 9.522   -13.943 -6.766  1.00 40.88 ? 574 HOH B O   1 
HETATM 1780 O O   . HOH D 3 .   ? -9.868  -11.273 -17.128 1.00 32.11 ? 580 HOH B O   1 
HETATM 1781 O O   . HOH D 3 .   ? -10.709 2.040   1.091   1.00 41.88 ? 581 HOH B O   1 
HETATM 1782 O O   . HOH D 3 .   ? -23.873 -10.240 -4.986  1.00 27.54 ? 582 HOH B O   1 
HETATM 1783 O O   . HOH D 3 .   ? 12.067  -7.727  -0.533  1.00 36.66 ? 585 HOH B O   1 
HETATM 1784 O O   . HOH D 3 .   ? -14.489 -23.435 -21.924 1.00 38.10 ? 586 HOH B O   1 
HETATM 1785 O O   . HOH D 3 .   ? -7.073  -8.774  -15.460 1.00 35.41 ? 590 HOH B O   1 
HETATM 1786 O O   . HOH D 3 .   ? -22.100 -22.130 -5.990  1.00 47.66 ? 591 HOH B O   1 
HETATM 1787 O O   . HOH D 3 .   ? -5.770  -3.632  11.365  1.00 53.13 ? 592 HOH B O   1 
HETATM 1788 O O   . HOH D 3 .   ? -7.118  -28.234 -7.289  1.00 29.67 ? 595 HOH B O   1 
HETATM 1789 O O   . HOH D 3 .   ? -2.492  -21.689 -11.425 1.00 42.11 ? 596 HOH B O   1 
HETATM 1790 O O   . HOH D 3 .   ? -20.890 -11.923 -28.905 1.00 35.63 ? 598 HOH B O   1 
HETATM 1791 O O   . HOH D 3 .   ? -24.010 -14.089 3.738   1.00 45.56 ? 600 HOH B O   1 
HETATM 1792 O O   . HOH D 3 .   ? -26.205 -8.981  3.035   1.00 37.85 ? 601 HOH B O   1 
HETATM 1793 O O   . HOH D 3 .   ? -12.959 -15.449 7.467   1.00 33.68 ? 604 HOH B O   1 
HETATM 1794 O O   . HOH D 3 .   ? -12.884 -18.333 -0.061  1.00 42.06 ? 606 HOH B O   1 
HETATM 1795 O O   . HOH D 3 .   ? -6.687  3.169   -7.981  1.00 40.03 ? 611 HOH B O   1 
HETATM 1796 O O   . HOH D 3 .   ? -5.823  -22.577 -19.820 1.00 48.81 ? 613 HOH B O   1 
HETATM 1797 O O   . HOH D 3 .   ? -17.069 -6.099  -16.937 1.00 55.98 ? 614 HOH B O   1 
HETATM 1798 O O   . HOH D 3 .   ? -28.096 -8.097  -1.464  1.00 38.03 ? 617 HOH B O   1 
HETATM 1799 O O   . HOH D 3 .   ? -11.475 -14.513 -10.590 1.00 39.67 ? 619 HOH B O   1 
HETATM 1800 O O   . HOH D 3 .   ? -10.524 5.467   -0.284  1.00 37.91 ? 621 HOH B O   1 
HETATM 1801 O O   . HOH D 3 .   ? -21.188 -13.419 -5.559  1.00 58.48 ? 623 HOH B O   1 
HETATM 1802 O O   . HOH D 3 .   ? -21.809 -1.649  -9.193  1.00 42.47 ? 624 HOH B O   1 
HETATM 1803 O O   . HOH D 3 .   ? -12.908 -7.808  10.319  1.00 40.99 ? 626 HOH B O   1 
HETATM 1804 O O   . HOH D 3 .   ? 3.732   -4.891  5.569   1.00 34.51 ? 630 HOH B O   1 
HETATM 1805 O O   . HOH D 3 .   ? -4.956  -24.787 -6.740  1.00 40.38 ? 632 HOH B O   1 
HETATM 1806 O O   . HOH D 3 .   ? -8.093  -17.232 -12.163 1.00 43.79 ? 636 HOH B O   1 
HETATM 1807 O O   . HOH D 3 .   ? 6.216   -10.242 -3.554  1.00 56.57 ? 639 HOH B O   1 
HETATM 1808 O O   . HOH D 3 .   ? -2.353  -13.891 -4.412  1.00 40.76 ? 640 HOH B O   1 
# 
